data_4MIM
#
_entry.id   4MIM
#
_cell.length_a   85.592
_cell.length_b   157.060
_cell.length_c   243.098
_cell.angle_alpha   90.00
_cell.angle_beta   90.00
_cell.angle_gamma   90.00
#
_symmetry.space_group_name_H-M   'P 21 21 21'
#
loop_
_entity.id
_entity.type
_entity.pdbx_description
1 polymer 'PYRUVATE CARBOXYLASE'
2 non-polymer 'ZINC ION'
3 non-polymer Bromopyruvate
4 non-polymer 'CHLORIDE ION'
5 non-polymer 'MAGNESIUM ION'
6 non-polymer GLYCEROL
7 water water
#
_entity_poly.entity_id   1
_entity_poly.type   'polypeptide(L)'
_entity_poly.pdbx_seq_one_letter_code
;MGSSHHHHHHHHDYDIPTSENLYFQGLLHQQVKRQDRATKLLTYLADVTVNGHPEAKDRPKPLENAARPVVPYANGNGVK
DGTKQLLDTLGPKKFGEWMRNEKRVLLTDTTMRDGHQSLLATRMRTYDIARIAGTYSHALPNLLSLECWGGATFDVSMRF
LTEDPWERLALIREGAPNLLLQMLLRGANGVGYTNYPDNVVKYFVRQAAKGGIDLFRVFDCLNWVENMRVSMDAIAEENK
LCEAAICYTGDILNSARPKYDLKYYTNLAVELEKAGAHIIAV(KCX)DMAGLLKPAAAKVLFKALREATGLPIHFHTHDT
SGIAAATVLAAVEAGVDAVDAAMDALSGNTSQPCLGSIVEALSGSERDPGLDPAWIRRISFYWEAVRNQYAAFESDLKGP
ASEVYLHEMPGGQFTNLKEQARSLGLETRWHQVAQAYADANQMFGDIVKVTPSSKVVGDMALMMVSQDLTVADVVSPDRE
VSFPESVVSMLKGDLGQPPSGWPEALQKKALKGEKPYTVRPGSLLKEADLDAERKVIEKKLEREVSDFEFASYLMYPKVF
TDFALASDTYGPVSVLPTPAYFYGLADGEELFADIEKGKTLVIVNQAVSATDSQGMVTVFFELNGQPRRIKVPDRA
;
_entity_poly.pdbx_strand_id   A,B,C,D
#
loop_
_chem_comp.id
_chem_comp.type
_chem_comp.name
_chem_comp.formula
BPV non-polymer Bromopyruvate 'C3 H3 Br O3'
CL non-polymer 'CHLORIDE ION' 'Cl -1'
GOL non-polymer GLYCEROL 'C3 H8 O3'
MG non-polymer 'MAGNESIUM ION' 'Mg 2'
ZN non-polymer 'ZINC ION' 'Zn 2'
#
# COMPACT_ATOMS: atom_id res chain seq x y z
N ASP A 36 5.12 3.47 41.47
CA ASP A 36 4.28 4.66 41.08
C ASP A 36 4.97 5.79 40.30
N ARG A 37 6.21 6.14 40.58
CA ARG A 37 6.94 7.00 39.60
C ARG A 37 7.20 6.10 38.36
N ALA A 38 7.62 4.86 38.60
CA ALA A 38 7.74 3.87 37.54
C ALA A 38 6.44 3.68 36.80
N THR A 39 5.31 3.63 37.47
CA THR A 39 4.06 3.42 36.74
C THR A 39 3.78 4.58 35.80
N LYS A 40 4.08 5.79 36.26
CA LYS A 40 3.81 6.93 35.45
C LYS A 40 4.74 7.04 34.26
N LEU A 41 6.00 6.62 34.38
CA LEU A 41 6.92 6.69 33.24
C LEU A 41 6.52 5.69 32.23
N LEU A 42 6.05 4.54 32.68
CA LEU A 42 5.61 3.53 31.74
C LEU A 42 4.46 4.06 30.96
N THR A 43 3.59 4.79 31.63
CA THR A 43 2.38 5.27 30.99
C THR A 43 2.81 6.25 29.92
N TYR A 44 3.76 7.11 30.27
CA TYR A 44 4.35 8.01 29.29
C TYR A 44 4.92 7.20 28.09
N LEU A 45 5.71 6.16 28.35
CA LEU A 45 6.35 5.47 27.24
C LEU A 45 5.30 4.82 26.36
N ALA A 46 4.31 4.20 26.97
CA ALA A 46 3.25 3.59 26.22
C ALA A 46 2.57 4.63 25.35
N ASP A 47 2.36 5.82 25.89
CA ASP A 47 1.59 6.79 25.18
C ASP A 47 2.35 7.21 23.96
N VAL A 48 3.63 7.47 24.16
CA VAL A 48 4.41 7.99 23.05
C VAL A 48 4.74 6.88 22.04
N THR A 49 4.94 5.67 22.55
CA THR A 49 5.19 4.53 21.73
C THR A 49 4.01 4.30 20.79
N VAL A 50 2.81 4.58 21.22
CA VAL A 50 1.67 4.26 20.37
C VAL A 50 1.18 5.45 19.54
N ASN A 51 1.27 6.64 20.08
CA ASN A 51 0.69 7.85 19.45
C ASN A 51 1.69 8.89 18.92
N GLY A 52 2.96 8.73 19.32
CA GLY A 52 4.02 9.55 18.86
C GLY A 52 4.07 10.78 19.72
N HIS A 53 5.14 11.52 19.62
CA HIS A 53 5.25 12.77 20.33
C HIS A 53 4.71 13.81 19.35
N PRO A 54 3.75 14.63 19.79
CA PRO A 54 3.16 15.65 18.90
C PRO A 54 4.17 16.54 18.17
N GLU A 55 5.31 16.79 18.79
CA GLU A 55 6.36 17.66 18.24
C GLU A 55 7.29 16.98 17.28
N ALA A 56 7.10 15.68 17.12
CA ALA A 56 8.01 14.93 16.28
C ALA A 56 7.33 13.96 15.35
N LYS A 57 6.06 13.65 15.59
CA LYS A 57 5.35 12.65 14.78
C LYS A 57 5.67 12.91 13.27
N ASP A 58 5.67 14.18 12.86
CA ASP A 58 5.55 14.45 11.41
C ASP A 58 6.74 15.22 10.84
N ARG A 59 7.92 14.85 11.34
CA ARG A 59 9.16 15.46 10.96
C ARG A 59 10.23 14.40 10.69
N PRO A 60 11.33 14.83 10.11
CA PRO A 60 12.36 13.83 9.81
C PRO A 60 12.84 13.14 11.08
N LYS A 61 13.14 11.86 11.00
CA LYS A 61 13.55 11.05 12.17
C LYS A 61 15.09 10.93 12.17
N PRO A 62 15.69 10.63 13.31
CA PRO A 62 17.11 10.38 13.27
C PRO A 62 17.48 9.06 12.57
N LEU A 63 18.75 8.96 12.14
CA LEU A 63 19.27 7.77 11.42
C LEU A 63 19.13 6.56 12.31
N GLU A 64 18.50 5.52 11.78
CA GLU A 64 18.19 4.28 12.53
C GLU A 64 19.38 3.71 13.34
N ASN A 65 20.61 3.86 12.79
CA ASN A 65 21.86 3.34 13.41
C ASN A 65 22.22 4.04 14.74
N ALA A 66 22.67 5.30 14.63
CA ALA A 66 22.68 6.29 15.76
C ALA A 66 23.41 5.86 17.03
N ALA A 67 24.66 6.27 17.13
CA ALA A 67 25.41 6.08 18.37
C ALA A 67 24.84 6.97 19.50
N ARG A 68 24.42 6.38 20.60
CA ARG A 68 24.15 7.18 21.81
C ARG A 68 25.32 8.16 22.06
N PRO A 69 25.00 9.40 22.41
CA PRO A 69 26.06 10.29 22.86
C PRO A 69 26.78 9.64 24.04
N VAL A 70 28.13 9.71 24.02
CA VAL A 70 28.97 9.12 25.06
C VAL A 70 29.68 10.22 25.86
N VAL A 71 29.41 10.32 27.15
CA VAL A 71 30.13 11.27 27.96
C VAL A 71 31.60 10.92 27.90
N PRO A 72 32.49 11.90 27.66
CA PRO A 72 33.92 11.65 27.57
C PRO A 72 34.53 11.22 28.88
N TYR A 73 35.39 10.21 28.85
CA TYR A 73 36.10 9.78 30.04
C TYR A 73 37.10 10.82 30.47
N ALA A 74 37.19 11.07 31.76
CA ALA A 74 38.07 12.12 32.26
C ALA A 74 39.34 11.61 32.93
N ASN A 75 40.43 12.29 32.65
CA ASN A 75 41.74 11.82 33.04
C ASN A 75 41.80 11.72 34.55
N GLY A 76 40.79 12.24 35.23
CA GLY A 76 40.62 12.02 36.66
C GLY A 76 41.21 13.04 37.59
N ASN A 77 41.76 14.11 37.04
CA ASN A 77 42.19 15.23 37.86
C ASN A 77 41.01 15.98 38.43
N GLY A 78 41.20 16.59 39.59
CA GLY A 78 40.14 17.24 40.35
C GLY A 78 39.71 18.55 39.75
N VAL A 79 38.72 19.23 40.35
CA VAL A 79 38.17 20.40 39.71
C VAL A 79 38.93 21.65 40.19
N LYS A 80 39.63 22.32 39.27
CA LYS A 80 40.36 23.54 39.61
C LYS A 80 39.33 24.66 39.81
N ASP A 81 39.35 25.28 40.97
CA ASP A 81 38.61 26.51 41.22
C ASP A 81 38.70 27.43 40.05
N GLY A 82 37.56 27.97 39.68
CA GLY A 82 37.45 28.83 38.57
C GLY A 82 36.63 30.01 38.98
N THR A 83 35.89 30.56 38.01
CA THR A 83 35.18 31.82 38.24
C THR A 83 34.08 31.83 39.32
N LYS A 84 33.42 30.71 39.54
CA LYS A 84 32.44 30.65 40.63
C LYS A 84 33.08 30.96 42.02
N GLN A 85 34.26 30.39 42.28
CA GLN A 85 34.92 30.63 43.58
C GLN A 85 35.35 32.08 43.73
N LEU A 86 35.88 32.66 42.66
CA LEU A 86 36.31 34.04 42.69
C LEU A 86 35.14 34.93 42.99
N LEU A 87 34.06 34.77 42.24
CA LEU A 87 32.87 35.56 42.50
C LEU A 87 32.52 35.45 43.96
N ASP A 88 32.48 34.25 44.50
CA ASP A 88 32.03 34.13 45.87
C ASP A 88 32.95 34.88 46.82
N THR A 89 34.24 34.90 46.51
CA THR A 89 35.24 35.61 47.30
C THR A 89 35.06 37.16 47.22
N LEU A 90 34.99 37.71 46.02
CA LEU A 90 35.08 39.17 45.82
C LEU A 90 33.74 39.93 45.71
N GLY A 91 32.65 39.20 45.46
CA GLY A 91 31.37 39.80 45.15
C GLY A 91 31.41 40.42 43.77
N PRO A 92 30.26 40.89 43.29
CA PRO A 92 30.18 41.23 41.85
C PRO A 92 31.07 42.39 41.34
N LYS A 93 31.13 43.51 42.07
CA LYS A 93 32.02 44.64 41.68
C LYS A 93 33.46 44.23 41.53
N LYS A 94 34.07 43.70 42.57
CA LYS A 94 35.49 43.36 42.50
C LYS A 94 35.68 42.29 41.42
N PHE A 95 34.67 41.46 41.16
CA PHE A 95 34.81 40.43 40.15
C PHE A 95 34.90 41.06 38.75
N GLY A 96 33.97 41.95 38.43
CA GLY A 96 34.06 42.76 37.21
C GLY A 96 35.42 43.44 37.05
N GLU A 97 35.94 44.01 38.13
CA GLU A 97 37.28 44.56 38.12
C GLU A 97 38.27 43.47 37.74
N TRP A 98 38.14 42.30 38.32
CA TRP A 98 39.05 41.23 38.03
C TRP A 98 38.93 40.85 36.55
N MET A 99 37.73 40.97 35.95
CA MET A 99 37.53 40.69 34.52
C MET A 99 38.28 41.69 33.64
N ARG A 100 38.06 42.95 33.95
CA ARG A 100 38.72 44.07 33.29
C ARG A 100 40.23 43.87 33.29
N ASN A 101 40.80 43.60 34.45
CA ASN A 101 42.26 43.44 34.52
C ASN A 101 42.82 42.16 33.93
N GLU A 102 42.01 41.14 33.71
CA GLU A 102 42.55 39.88 33.20
C GLU A 102 43.06 40.23 31.80
N LYS A 103 44.31 39.92 31.49
CA LYS A 103 44.81 40.05 30.11
C LYS A 103 44.15 39.08 29.10
N ARG A 104 44.02 37.82 29.51
CA ARG A 104 43.44 36.82 28.66
C ARG A 104 42.02 37.25 28.34
N VAL A 105 41.51 36.81 27.20
CA VAL A 105 40.10 37.02 26.89
C VAL A 105 39.36 35.93 27.61
N LEU A 106 38.16 36.22 28.09
CA LEU A 106 37.38 35.20 28.79
C LEU A 106 36.25 34.73 27.89
N LEU A 107 36.08 33.42 27.78
CA LEU A 107 35.01 32.83 26.98
C LEU A 107 33.84 32.43 27.85
N THR A 108 32.66 32.75 27.34
CA THR A 108 31.41 32.17 27.76
C THR A 108 30.97 31.22 26.65
N ASP A 109 30.58 30.00 27.03
CA ASP A 109 30.09 28.94 26.10
C ASP A 109 28.58 28.94 26.14
N THR A 110 27.99 29.07 24.96
CA THR A 110 26.54 29.29 24.85
C THR A 110 25.75 28.06 24.41
N THR A 111 26.44 26.95 24.23
CA THR A 111 25.85 25.77 23.63
C THR A 111 24.60 25.30 24.33
N MET A 112 24.59 25.45 25.64
CA MET A 112 23.52 24.94 26.47
C MET A 112 22.29 25.82 26.41
N ARG A 113 22.40 27.00 25.81
CA ARG A 113 21.24 27.84 25.66
C ARG A 113 21.16 28.40 24.25
N ASP A 114 21.89 29.47 23.93
CA ASP A 114 21.65 30.18 22.64
C ASP A 114 21.96 29.30 21.43
N GLY A 115 22.90 28.38 21.60
CA GLY A 115 23.20 27.39 20.58
C GLY A 115 22.00 26.62 20.07
N HIS A 116 21.34 25.89 20.94
CA HIS A 116 20.20 25.14 20.48
C HIS A 116 18.93 25.96 20.37
N GLN A 117 18.86 27.11 21.02
CA GLN A 117 17.74 28.01 20.73
C GLN A 117 17.76 28.47 19.29
N SER A 118 18.95 28.74 18.79
CA SER A 118 19.05 29.22 17.44
C SER A 118 19.00 28.15 16.37
N LEU A 119 19.43 26.94 16.64
CA LEU A 119 19.53 25.92 15.60
C LEU A 119 18.51 24.81 15.76
N LEU A 120 17.99 24.54 16.94
CA LEU A 120 17.10 23.41 17.14
C LEU A 120 15.81 23.76 17.86
N ALA A 121 15.38 25.01 17.71
CA ALA A 121 14.13 25.51 18.28
C ALA A 121 14.12 25.34 19.78
N THR A 122 15.27 25.44 20.42
CA THR A 122 15.35 25.32 21.89
C THR A 122 14.86 23.98 22.42
N ARG A 123 14.94 22.91 21.65
CA ARG A 123 14.37 21.66 22.15
C ARG A 123 15.35 20.77 22.90
N MET A 124 16.56 21.24 23.05
CA MET A 124 17.61 20.46 23.70
C MET A 124 17.18 20.13 25.10
N ARG A 125 17.25 18.85 25.44
CA ARG A 125 16.81 18.40 26.76
C ARG A 125 17.83 18.36 27.87
N THR A 126 17.34 18.38 29.09
CA THR A 126 18.15 18.33 30.30
C THR A 126 18.97 17.09 30.36
N TYR A 127 18.41 15.99 29.91
CA TYR A 127 19.14 14.75 29.94
C TYR A 127 20.49 14.92 29.28
N ASP A 128 20.53 15.60 28.10
CA ASP A 128 21.79 15.70 27.35
C ASP A 128 22.63 16.88 27.84
N ILE A 129 21.94 17.89 28.35
CA ILE A 129 22.60 19.07 28.89
C ILE A 129 23.34 18.84 30.22
N ALA A 130 22.68 18.23 31.18
CA ALA A 130 23.28 17.97 32.47
C ALA A 130 24.40 16.94 32.45
N ARG A 131 24.28 15.91 31.63
CA ARG A 131 25.33 14.84 31.58
C ARG A 131 26.75 15.31 31.21
N ILE A 132 26.84 16.47 30.56
CA ILE A 132 28.13 17.02 30.16
C ILE A 132 28.60 18.09 31.15
N ALA A 133 27.74 18.61 32.04
CA ALA A 133 28.23 19.63 32.94
C ALA A 133 29.57 19.29 33.60
N GLY A 134 29.71 18.07 34.13
CA GLY A 134 30.89 17.71 34.88
C GLY A 134 32.15 17.72 34.01
N THR A 135 31.98 17.30 32.76
CA THR A 135 33.06 17.33 31.81
C THR A 135 33.57 18.76 31.61
N TYR A 136 32.66 19.71 31.46
CA TYR A 136 33.07 21.12 31.29
C TYR A 136 33.91 21.51 32.49
N SER A 137 33.40 21.12 33.65
CA SER A 137 33.95 21.48 34.92
C SER A 137 35.41 20.99 35.07
N HIS A 138 35.62 19.70 34.83
CA HIS A 138 36.96 19.12 34.87
C HIS A 138 37.88 19.62 33.77
N ALA A 139 37.35 19.82 32.56
CA ALA A 139 38.17 19.97 31.37
C ALA A 139 38.41 21.40 30.97
N LEU A 140 37.43 22.26 31.17
CA LEU A 140 37.56 23.65 30.76
C LEU A 140 37.38 24.58 31.94
N PRO A 141 38.23 24.48 32.95
CA PRO A 141 38.00 25.22 34.21
C PRO A 141 38.22 26.73 34.18
N ASN A 142 38.75 27.24 33.09
CA ASN A 142 39.00 28.68 32.94
C ASN A 142 37.90 29.38 32.23
N LEU A 143 36.84 28.68 31.86
CA LEU A 143 35.71 29.36 31.22
C LEU A 143 35.17 30.43 32.17
N LEU A 144 34.72 31.53 31.62
CA LEU A 144 34.02 32.55 32.42
C LEU A 144 32.70 31.98 32.95
N SER A 145 31.87 31.50 32.03
CA SER A 145 30.53 31.03 32.38
C SER A 145 29.99 30.04 31.36
N LEU A 146 28.99 29.28 31.78
CA LEU A 146 28.07 28.57 30.88
C LEU A 146 26.78 29.36 30.73
N GLU A 147 26.45 29.74 29.50
CA GLU A 147 25.15 30.34 29.25
C GLU A 147 24.25 29.17 29.15
N CYS A 148 23.39 28.99 30.13
CA CYS A 148 22.65 27.75 30.20
C CYS A 148 21.24 27.90 30.67
N TRP A 149 20.75 29.14 30.70
CA TRP A 149 19.45 29.35 31.24
C TRP A 149 18.78 30.64 30.74
N GLY A 150 17.50 30.78 31.06
CA GLY A 150 16.74 31.88 30.54
C GLY A 150 16.59 31.76 29.04
N GLY A 151 16.36 32.92 28.39
CA GLY A 151 16.02 32.97 26.99
C GLY A 151 14.75 32.19 26.80
N ALA A 152 14.67 31.47 25.70
CA ALA A 152 13.47 30.70 25.34
C ALA A 152 13.37 29.40 26.15
N THR A 153 14.42 29.02 26.89
CA THR A 153 14.50 27.70 27.52
C THR A 153 13.47 27.54 28.58
N PHE A 154 13.10 28.62 29.24
CA PHE A 154 12.20 28.51 30.37
C PHE A 154 10.81 28.07 29.89
N ASP A 155 10.34 28.73 28.85
CA ASP A 155 9.04 28.45 28.27
C ASP A 155 9.01 27.03 27.67
N VAL A 156 9.97 26.80 26.80
CA VAL A 156 10.00 25.66 25.91
C VAL A 156 10.18 24.36 26.65
N SER A 157 11.02 24.41 27.67
CA SER A 157 11.26 23.27 28.51
C SER A 157 9.97 22.70 29.12
N MET A 158 9.08 23.57 29.59
CA MET A 158 7.80 23.14 30.13
C MET A 158 6.80 22.78 29.01
N ARG A 159 6.61 23.74 28.12
CA ARG A 159 5.60 23.64 27.09
C ARG A 159 5.92 22.51 26.10
N PHE A 160 7.18 22.25 25.79
CA PHE A 160 7.45 21.32 24.67
C PHE A 160 8.28 20.10 25.06
N LEU A 161 9.00 20.18 26.14
CA LEU A 161 9.77 19.03 26.56
C LEU A 161 9.22 18.39 27.84
N THR A 162 8.19 18.97 28.44
CA THR A 162 7.62 18.43 29.66
C THR A 162 8.64 18.32 30.77
N GLU A 163 9.44 19.37 30.98
CA GLU A 163 10.45 19.35 32.02
C GLU A 163 10.66 20.69 32.66
N ASP A 164 11.21 20.65 33.88
CA ASP A 164 11.22 21.78 34.82
C ASP A 164 12.53 22.43 34.58
N PRO A 165 12.52 23.71 34.24
CA PRO A 165 13.75 24.39 34.04
C PRO A 165 14.57 24.58 35.34
N TRP A 166 13.93 24.54 36.52
CA TRP A 166 14.63 24.71 37.81
C TRP A 166 15.46 23.46 38.10
N GLU A 167 14.84 22.29 37.92
CA GLU A 167 15.56 20.99 37.87
C GLU A 167 16.82 21.08 36.99
N ARG A 168 16.66 21.62 35.79
CA ARG A 168 17.75 21.66 34.86
C ARG A 168 18.89 22.50 35.40
N LEU A 169 18.57 23.64 35.97
CA LEU A 169 19.60 24.51 36.48
C LEU A 169 20.25 23.83 37.70
N ALA A 170 19.45 23.22 38.54
CA ALA A 170 19.99 22.58 39.71
C ALA A 170 21.00 21.53 39.29
N LEU A 171 20.66 20.74 38.28
CA LEU A 171 21.57 19.67 37.83
C LEU A 171 22.87 20.28 37.26
N ILE A 172 22.77 21.37 36.53
CA ILE A 172 23.97 21.99 35.99
C ILE A 172 24.84 22.51 37.12
N ARG A 173 24.23 23.25 38.05
CA ARG A 173 24.91 23.77 39.28
C ARG A 173 25.78 22.73 39.93
N GLU A 174 25.22 21.56 40.03
CA GLU A 174 25.81 20.47 40.78
C GLU A 174 26.90 19.82 39.92
N GLY A 175 26.69 19.73 38.62
CA GLY A 175 27.78 19.32 37.72
C GLY A 175 28.99 20.24 37.67
N ALA A 176 28.79 21.55 37.77
CA ALA A 176 29.85 22.54 37.49
C ALA A 176 29.91 23.58 38.57
N PRO A 177 30.47 23.21 39.71
CA PRO A 177 30.47 24.09 40.86
C PRO A 177 31.57 25.13 40.84
N ASN A 178 32.39 25.15 39.79
CA ASN A 178 33.52 26.07 39.68
C ASN A 178 33.29 27.14 38.65
N LEU A 179 32.22 27.01 37.88
CA LEU A 179 31.90 27.95 36.81
C LEU A 179 30.67 28.81 37.11
N LEU A 180 30.72 30.08 36.70
CA LEU A 180 29.55 30.92 36.73
C LEU A 180 28.50 30.32 35.85
N LEU A 181 27.25 30.28 36.31
CA LEU A 181 26.13 29.94 35.43
C LEU A 181 25.44 31.22 35.01
N GLN A 182 25.18 31.32 33.70
CA GLN A 182 24.70 32.54 33.07
C GLN A 182 23.35 32.37 32.41
N MET A 183 22.46 33.35 32.64
CA MET A 183 21.14 33.34 32.02
C MET A 183 20.97 34.57 31.16
N LEU A 184 19.99 34.52 30.28
CA LEU A 184 19.62 35.70 29.58
C LEU A 184 18.29 36.09 30.12
N LEU A 185 18.20 37.33 30.60
CA LEU A 185 17.01 37.88 31.20
C LEU A 185 16.59 39.04 30.40
N ARG A 186 15.30 39.10 30.04
CA ARG A 186 14.77 40.17 29.19
C ARG A 186 14.33 41.44 29.90
N GLY A 187 15.10 41.88 30.87
CA GLY A 187 14.72 43.12 31.56
C GLY A 187 13.29 43.05 32.03
N ALA A 188 12.45 44.01 31.69
CA ALA A 188 11.05 43.96 32.17
C ALA A 188 10.23 42.79 31.65
N ASN A 189 10.68 42.13 30.59
CA ASN A 189 9.90 41.05 30.01
C ASN A 189 10.19 39.74 30.66
N GLY A 190 11.00 39.71 31.73
CA GLY A 190 11.32 38.46 32.45
C GLY A 190 11.88 37.35 31.54
N VAL A 191 11.29 36.17 31.68
CA VAL A 191 11.51 35.14 30.68
C VAL A 191 10.28 34.95 29.81
N GLY A 192 9.40 35.97 29.81
CA GLY A 192 8.18 36.05 29.01
C GLY A 192 8.34 37.01 27.85
N TYR A 193 7.23 37.55 27.34
CA TYR A 193 7.18 38.32 26.07
C TYR A 193 6.58 39.71 26.21
N THR A 194 6.42 40.15 27.44
CA THR A 194 5.54 41.23 27.76
C THR A 194 5.97 41.78 29.10
N ASN A 195 5.88 43.10 29.28
CA ASN A 195 6.34 43.76 30.49
C ASN A 195 5.48 43.31 31.69
N TYR A 196 6.11 42.79 32.79
CA TYR A 196 5.44 42.23 34.02
C TYR A 196 5.38 43.25 35.17
N PRO A 197 4.51 43.04 36.11
CA PRO A 197 4.65 43.92 37.28
C PRO A 197 6.03 43.86 37.95
N ASP A 198 6.50 44.98 38.43
CA ASP A 198 7.78 45.07 39.12
C ASP A 198 8.01 43.98 40.17
N ASN A 199 6.98 43.66 40.94
CA ASN A 199 7.22 42.84 42.11
C ASN A 199 7.36 41.41 41.69
N VAL A 200 6.92 41.12 40.46
CA VAL A 200 7.05 39.79 39.83
C VAL A 200 8.42 39.62 39.20
N VAL A 201 8.85 40.65 38.50
CA VAL A 201 10.22 40.73 38.07
C VAL A 201 11.18 40.51 39.27
N LYS A 202 10.95 41.22 40.38
CA LYS A 202 11.80 41.14 41.58
C LYS A 202 11.83 39.70 42.13
N TYR A 203 10.65 39.08 42.15
CA TYR A 203 10.48 37.76 42.72
C TYR A 203 11.16 36.71 41.84
N PHE A 204 10.98 36.82 40.52
CA PHE A 204 11.63 35.87 39.64
C PHE A 204 13.15 35.95 39.77
N VAL A 205 13.67 37.18 39.76
CA VAL A 205 15.11 37.35 39.88
C VAL A 205 15.60 36.81 41.18
N ARG A 206 14.85 37.03 42.26
CA ARG A 206 15.21 36.43 43.52
C ARG A 206 15.29 34.91 43.44
N GLN A 207 14.33 34.25 42.78
CA GLN A 207 14.35 32.78 42.69
C GLN A 207 15.47 32.27 41.77
N ALA A 208 15.69 32.95 40.64
CA ALA A 208 16.84 32.63 39.76
C ALA A 208 18.22 32.59 40.45
N ALA A 209 18.56 33.65 41.18
CA ALA A 209 19.73 33.68 42.05
C ALA A 209 19.75 32.47 42.94
N LYS A 210 18.69 32.27 43.71
CA LYS A 210 18.54 31.10 44.59
C LYS A 210 18.73 29.78 43.81
N GLY A 211 18.27 29.71 42.58
CA GLY A 211 18.34 28.46 41.82
C GLY A 211 19.72 28.15 41.32
N GLY A 212 20.62 29.13 41.32
CA GLY A 212 21.98 28.91 40.89
C GLY A 212 22.52 29.81 39.77
N ILE A 213 21.79 30.84 39.38
CA ILE A 213 22.31 31.78 38.40
C ILE A 213 23.28 32.74 39.12
N ASP A 214 24.50 32.83 38.59
CA ASP A 214 25.52 33.77 39.06
C ASP A 214 25.57 35.05 38.25
N LEU A 215 25.33 34.92 36.95
CA LEU A 215 25.61 36.00 35.98
C LEU A 215 24.38 36.22 35.13
N PHE A 216 23.68 37.33 35.39
CA PHE A 216 22.49 37.69 34.67
C PHE A 216 22.82 38.69 33.51
N ARG A 217 22.67 38.25 32.26
CA ARG A 217 22.75 39.20 31.15
C ARG A 217 21.34 39.76 30.95
N VAL A 218 21.21 41.05 31.14
CA VAL A 218 19.93 41.64 31.17
C VAL A 218 19.87 42.68 30.06
N PHE A 219 18.81 42.62 29.28
CA PHE A 219 18.66 43.52 28.15
C PHE A 219 17.23 43.99 28.03
N ASP A 220 17.05 45.20 27.51
CA ASP A 220 15.71 45.70 27.12
C ASP A 220 15.69 45.88 25.63
N CYS A 221 14.56 45.53 25.02
CA CYS A 221 14.45 45.44 23.59
C CYS A 221 14.44 46.77 22.84
N LEU A 222 14.36 47.88 23.54
CA LEU A 222 14.51 49.19 22.91
C LEU A 222 15.68 49.95 23.50
N ASN A 223 16.62 49.25 24.07
CA ASN A 223 17.69 49.82 24.84
C ASN A 223 17.29 50.99 25.73
N TRP A 224 16.21 50.84 26.50
CA TRP A 224 15.73 51.87 27.40
C TRP A 224 16.15 51.65 28.79
N VAL A 225 17.11 52.40 29.26
CA VAL A 225 17.64 52.20 30.60
C VAL A 225 16.59 52.38 31.69
N GLU A 226 15.73 53.35 31.51
CA GLU A 226 14.66 53.56 32.49
C GLU A 226 13.93 52.23 32.77
N ASN A 227 13.75 51.39 31.77
CA ASN A 227 13.00 50.13 31.92
C ASN A 227 13.89 48.95 32.31
N MET A 228 15.19 49.20 32.56
CA MET A 228 16.13 48.14 33.04
C MET A 228 16.46 48.23 34.54
N ARG A 229 16.01 49.29 35.19
CA ARG A 229 16.47 49.63 36.52
C ARG A 229 15.94 48.65 37.56
N VAL A 230 14.71 48.20 37.41
CA VAL A 230 14.13 47.31 38.39
C VAL A 230 14.89 45.98 38.38
N SER A 231 15.06 45.43 37.20
CA SER A 231 15.86 44.24 37.01
C SER A 231 17.26 44.42 37.54
N MET A 232 17.93 45.47 37.12
CA MET A 232 19.33 45.66 37.55
C MET A 232 19.44 45.75 39.04
N ASP A 233 18.55 46.53 39.65
CA ASP A 233 18.52 46.64 41.11
C ASP A 233 18.26 45.33 41.77
N ALA A 234 17.39 44.51 41.18
CA ALA A 234 17.05 43.24 41.80
C ALA A 234 18.24 42.30 41.78
N ILE A 235 18.90 42.21 40.65
CA ILE A 235 20.11 41.39 40.55
C ILE A 235 21.18 41.82 41.59
N ALA A 236 21.41 43.12 41.74
CA ALA A 236 22.40 43.61 42.68
C ALA A 236 21.99 43.27 44.08
N GLU A 237 20.70 43.40 44.37
CA GLU A 237 20.22 43.11 45.71
C GLU A 237 20.42 41.64 46.09
N GLU A 238 20.52 40.74 45.09
CA GLU A 238 20.85 39.34 45.30
C GLU A 238 22.33 39.07 45.40
N ASN A 239 23.11 40.14 45.34
CA ASN A 239 24.58 40.07 45.33
C ASN A 239 25.07 39.13 44.19
N LYS A 240 24.51 39.39 42.99
CA LYS A 240 24.83 38.66 41.77
C LYS A 240 25.34 39.58 40.67
N LEU A 241 25.92 38.98 39.63
CA LEU A 241 26.52 39.75 38.55
C LEU A 241 25.42 40.23 37.64
N CYS A 242 25.33 41.53 37.56
CA CYS A 242 24.48 42.28 36.65
C CYS A 242 25.26 42.74 35.43
N GLU A 243 25.13 41.97 34.37
CA GLU A 243 25.72 42.29 33.09
C GLU A 243 24.65 42.96 32.22
N ALA A 244 24.69 44.29 32.14
CA ALA A 244 23.66 45.05 31.46
C ALA A 244 24.00 45.15 30.00
N ALA A 245 23.10 44.69 29.14
CA ALA A 245 23.36 44.63 27.71
C ALA A 245 22.87 45.88 26.98
N ILE A 246 23.64 46.24 25.95
CA ILE A 246 23.24 47.21 24.96
C ILE A 246 23.08 46.43 23.67
N CYS A 247 21.88 46.43 23.11
CA CYS A 247 21.66 45.72 21.86
C CYS A 247 22.25 46.49 20.70
N TYR A 248 22.98 45.82 19.80
CA TYR A 248 23.60 46.49 18.62
C TYR A 248 22.70 46.39 17.43
N THR A 249 22.61 47.46 16.68
CA THR A 249 21.77 47.48 15.47
C THR A 249 22.30 48.55 14.56
N GLY A 250 21.87 48.53 13.30
CA GLY A 250 22.48 49.35 12.25
C GLY A 250 23.96 49.13 12.09
N ASP A 251 24.68 50.23 11.91
CA ASP A 251 26.11 50.24 11.55
C ASP A 251 26.77 51.55 11.99
N ILE A 252 27.58 51.51 13.03
CA ILE A 252 28.17 52.77 13.46
C ILE A 252 29.07 53.42 12.39
N LEU A 253 29.58 52.66 11.42
CA LEU A 253 30.53 53.21 10.42
C LEU A 253 29.89 53.76 9.12
N ASN A 254 28.57 53.79 9.11
CA ASN A 254 27.78 54.29 8.00
C ASN A 254 27.03 55.56 8.39
N SER A 255 27.63 56.67 7.97
CA SER A 255 27.13 58.00 8.25
C SER A 255 25.77 58.28 7.60
N ALA A 256 25.29 57.42 6.71
CA ALA A 256 23.92 57.56 6.22
C ALA A 256 22.90 57.07 7.23
N ARG A 257 23.34 56.39 8.28
CA ARG A 257 22.44 55.91 9.33
C ARG A 257 22.83 56.33 10.76
N PRO A 258 22.82 57.66 11.02
CA PRO A 258 23.42 58.24 12.23
C PRO A 258 22.75 57.96 13.56
N LYS A 259 21.55 57.41 13.54
CA LYS A 259 20.79 57.23 14.79
C LYS A 259 21.48 56.24 15.76
N TYR A 260 22.12 55.22 15.20
CA TYR A 260 22.84 54.24 15.97
C TYR A 260 24.35 54.46 15.70
N ASP A 261 24.82 55.66 16.04
CA ASP A 261 26.23 56.02 15.92
C ASP A 261 27.03 55.56 17.13
N LEU A 262 28.33 55.85 17.09
CA LEU A 262 29.21 55.45 18.11
C LEU A 262 28.79 56.06 19.45
N LYS A 263 28.43 57.32 19.46
CA LYS A 263 28.12 57.97 20.74
C LYS A 263 26.81 57.42 21.36
N TYR A 264 25.91 56.85 20.55
CA TYR A 264 24.74 56.16 21.10
C TYR A 264 25.13 55.02 22.04
N TYR A 265 26.09 54.20 21.61
CA TYR A 265 26.54 53.08 22.44
C TYR A 265 27.32 53.53 23.68
N THR A 266 28.29 54.44 23.51
CA THR A 266 29.10 54.90 24.68
C THR A 266 28.28 55.68 25.73
N ASN A 267 27.32 56.50 25.31
CA ASN A 267 26.39 57.10 26.26
C ASN A 267 25.58 56.08 27.03
N LEU A 268 25.12 55.03 26.33
CA LEU A 268 24.39 53.96 27.03
C LEU A 268 25.27 53.22 28.03
N ALA A 269 26.54 53.00 27.67
CA ALA A 269 27.47 52.33 28.58
C ALA A 269 27.57 53.15 29.84
N VAL A 270 27.79 54.45 29.71
CA VAL A 270 27.83 55.33 30.89
C VAL A 270 26.49 55.34 31.66
N GLU A 271 25.33 55.37 30.98
CA GLU A 271 24.03 55.41 31.68
C GLU A 271 23.89 54.13 32.51
N LEU A 272 24.33 53.01 31.95
CA LEU A 272 24.23 51.71 32.67
C LEU A 272 25.21 51.55 33.87
N GLU A 273 26.39 52.14 33.73
CA GLU A 273 27.33 52.22 34.83
C GLU A 273 26.67 52.97 35.98
N LYS A 274 26.13 54.18 35.70
CA LYS A 274 25.42 54.98 36.74
C LYS A 274 24.28 54.15 37.32
N ALA A 275 23.67 53.27 36.55
CA ALA A 275 22.59 52.42 37.06
C ALA A 275 23.05 51.14 37.77
N GLY A 276 24.35 50.94 37.92
CA GLY A 276 24.87 49.92 38.79
C GLY A 276 25.33 48.66 38.13
N ALA A 277 25.58 48.67 36.82
CA ALA A 277 26.02 47.43 36.20
C ALA A 277 27.36 47.02 36.70
N HIS A 278 27.61 45.72 36.74
CA HIS A 278 28.94 45.26 37.12
C HIS A 278 29.73 44.99 35.85
N ILE A 279 29.02 44.77 34.73
CA ILE A 279 29.63 44.39 33.46
C ILE A 279 28.74 45.00 32.39
N ILE A 280 29.32 45.38 31.26
CA ILE A 280 28.50 45.85 30.14
C ILE A 280 28.61 44.85 29.04
N ALA A 281 27.45 44.47 28.49
CA ALA A 281 27.47 43.60 27.34
C ALA A 281 27.13 44.34 26.11
N VAL A 282 27.67 43.89 24.98
CA VAL A 282 27.13 44.25 23.65
C VAL A 282 26.49 42.95 23.12
N KCX A 283 25.15 42.99 23.04
CA KCX A 283 24.35 41.90 22.58
CB KCX A 283 23.06 41.86 23.42
CG KCX A 283 22.15 40.71 23.04
CD KCX A 283 20.87 40.62 23.86
CE KCX A 283 19.94 39.49 23.37
NZ KCX A 283 20.53 38.20 23.60
C KCX A 283 24.06 42.19 21.11
O KCX A 283 23.18 42.96 20.82
CX KCX A 283 20.93 37.34 22.66
OQ1 KCX A 283 20.83 37.50 21.48
OQ2 KCX A 283 21.47 36.17 22.97
N ASP A 284 24.85 41.61 20.20
CA ASP A 284 24.67 41.73 18.79
C ASP A 284 23.78 40.56 18.37
N MET A 285 22.50 40.66 18.74
CA MET A 285 21.55 39.58 18.55
C MET A 285 21.34 39.11 17.12
N ALA A 286 21.58 39.98 16.14
CA ALA A 286 21.43 39.64 14.71
C ALA A 286 22.74 39.44 13.99
N GLY A 287 23.83 39.51 14.74
CA GLY A 287 25.12 39.40 14.13
C GLY A 287 25.41 40.46 13.09
N LEU A 288 25.11 41.71 13.42
CA LEU A 288 25.27 42.81 12.48
C LEU A 288 26.58 43.50 12.63
N LEU A 289 27.21 43.42 13.78
CA LEU A 289 28.50 44.11 13.97
C LEU A 289 29.62 43.59 13.08
N LYS A 290 30.26 44.48 12.33
CA LYS A 290 31.39 44.10 11.42
C LYS A 290 32.71 44.33 12.08
N PRO A 291 33.78 43.67 11.61
CA PRO A 291 35.09 43.76 12.27
C PRO A 291 35.65 45.17 12.43
N ALA A 292 35.48 46.00 11.42
CA ALA A 292 36.09 47.33 11.49
C ALA A 292 35.34 48.08 12.51
N ALA A 293 34.05 47.81 12.59
CA ALA A 293 33.20 48.46 13.58
C ALA A 293 33.55 47.98 15.00
N ALA A 294 34.04 46.75 15.15
CA ALA A 294 34.44 46.29 16.48
C ALA A 294 35.66 47.01 16.99
N LYS A 295 36.68 47.21 16.15
CA LYS A 295 37.90 47.95 16.56
C LYS A 295 37.51 49.28 17.18
N VAL A 296 36.63 50.01 16.52
CA VAL A 296 36.24 51.34 16.99
C VAL A 296 35.32 51.21 18.20
N LEU A 297 34.42 50.24 18.15
CA LEU A 297 33.45 50.13 19.24
C LEU A 297 34.07 49.72 20.55
N PHE A 298 34.84 48.65 20.56
CA PHE A 298 35.46 48.18 21.83
C PHE A 298 36.55 49.10 22.39
N LYS A 299 37.42 49.61 21.53
CA LYS A 299 38.33 50.65 21.93
C LYS A 299 37.57 51.81 22.58
N ALA A 300 36.44 52.24 22.05
CA ALA A 300 35.73 53.42 22.63
C ALA A 300 34.97 53.12 23.92
N LEU A 301 34.27 52.00 23.92
CA LEU A 301 33.63 51.51 25.13
C LEU A 301 34.58 51.41 26.31
N ARG A 302 35.75 50.81 26.11
CA ARG A 302 36.67 50.62 27.21
C ARG A 302 37.35 51.94 27.66
N GLU A 303 37.23 52.99 26.87
CA GLU A 303 37.57 54.35 27.31
C GLU A 303 36.39 55.11 27.94
N ALA A 304 35.16 54.75 27.63
CA ALA A 304 34.02 55.43 28.23
C ALA A 304 33.64 54.86 29.57
N THR A 305 34.00 53.62 29.84
CA THR A 305 33.75 53.08 31.17
C THR A 305 34.89 52.15 31.58
N GLY A 306 35.12 52.07 32.89
CA GLY A 306 36.10 51.14 33.44
C GLY A 306 35.62 49.73 33.62
N LEU A 307 34.32 49.51 33.44
CA LEU A 307 33.72 48.20 33.67
C LEU A 307 34.19 47.29 32.57
N PRO A 308 34.20 46.00 32.82
CA PRO A 308 34.57 45.12 31.75
C PRO A 308 33.47 45.00 30.73
N ILE A 309 33.87 44.65 29.52
CA ILE A 309 32.95 44.46 28.40
C ILE A 309 32.83 43.03 27.96
N HIS A 310 31.64 42.61 27.54
CA HIS A 310 31.36 41.21 27.18
C HIS A 310 30.60 41.26 25.89
N PHE A 311 31.09 40.64 24.82
CA PHE A 311 30.49 40.70 23.45
C PHE A 311 29.83 39.38 23.06
N HIS A 312 28.52 39.44 22.78
CA HIS A 312 27.72 38.35 22.25
C HIS A 312 27.30 38.68 20.81
N THR A 313 27.68 37.80 19.88
CA THR A 313 27.16 37.90 18.54
C THR A 313 26.73 36.55 17.96
N HIS A 314 26.28 36.60 16.68
CA HIS A 314 25.69 35.49 15.92
C HIS A 314 26.34 35.41 14.53
N ASP A 315 26.39 34.23 13.92
CA ASP A 315 27.21 34.03 12.72
C ASP A 315 26.36 33.95 11.47
N THR A 316 25.16 34.50 11.53
CA THR A 316 24.32 34.55 10.35
C THR A 316 25.10 35.05 9.12
N SER A 317 25.94 36.06 9.27
CA SER A 317 26.69 36.58 8.11
C SER A 317 27.75 35.66 7.55
N GLY A 318 28.28 34.76 8.36
CA GLY A 318 29.42 33.98 7.94
C GLY A 318 30.77 34.59 8.31
N ILE A 319 30.73 35.77 8.92
CA ILE A 319 31.95 36.44 9.33
C ILE A 319 32.01 36.80 10.82
N ALA A 320 31.05 36.35 11.61
CA ALA A 320 31.07 36.71 13.00
C ALA A 320 32.39 36.35 13.71
N ALA A 321 33.09 35.30 13.31
CA ALA A 321 34.37 35.02 13.99
C ALA A 321 35.37 36.11 13.76
N ALA A 322 35.30 36.75 12.58
CA ALA A 322 36.14 37.93 12.31
C ALA A 322 35.84 39.08 13.27
N THR A 323 34.57 39.30 13.54
CA THR A 323 34.19 40.38 14.44
C THR A 323 34.64 40.07 15.88
N VAL A 324 34.39 38.86 16.33
CA VAL A 324 34.85 38.45 17.64
C VAL A 324 36.40 38.62 17.75
N LEU A 325 37.18 38.41 16.69
CA LEU A 325 38.65 38.49 16.85
C LEU A 325 39.13 39.90 16.89
N ALA A 326 38.46 40.73 16.12
CA ALA A 326 38.74 42.14 16.11
C ALA A 326 38.43 42.67 17.51
N ALA A 327 37.27 42.29 18.06
CA ALA A 327 36.90 42.70 19.39
C ALA A 327 37.98 42.31 20.38
N VAL A 328 38.47 41.08 20.27
CA VAL A 328 39.63 40.67 21.06
C VAL A 328 40.82 41.56 20.78
N GLU A 329 41.23 41.76 19.55
CA GLU A 329 42.43 42.59 19.34
C GLU A 329 42.24 43.96 20.01
N ALA A 330 40.99 44.42 20.14
CA ALA A 330 40.68 45.73 20.73
C ALA A 330 40.46 45.73 22.22
N GLY A 331 40.86 44.69 22.92
CA GLY A 331 40.76 44.62 24.39
C GLY A 331 39.45 44.25 25.08
N VAL A 332 38.55 43.57 24.39
CA VAL A 332 37.26 43.27 25.01
C VAL A 332 37.56 42.23 26.03
N ASP A 333 36.80 42.23 27.11
CA ASP A 333 37.12 41.37 28.23
C ASP A 333 36.65 39.94 28.08
N ALA A 334 35.47 39.78 27.47
CA ALA A 334 34.89 38.47 27.28
C ALA A 334 34.12 38.40 26.01
N VAL A 335 34.04 37.21 25.42
CA VAL A 335 33.33 36.98 24.21
C VAL A 335 32.57 35.70 24.38
N ASP A 336 31.43 35.54 23.68
CA ASP A 336 30.63 34.28 23.69
C ASP A 336 30.96 33.44 22.48
N ALA A 337 30.93 32.12 22.58
CA ALA A 337 30.99 31.26 21.39
C ALA A 337 30.26 29.97 21.68
N ALA A 338 30.01 29.19 20.66
CA ALA A 338 29.34 27.93 20.79
C ALA A 338 30.22 26.85 20.29
N MET A 339 30.04 25.69 20.88
CA MET A 339 30.81 24.53 20.55
C MET A 339 30.63 24.25 19.08
N ASP A 340 31.70 23.78 18.48
CA ASP A 340 31.77 23.68 17.04
C ASP A 340 30.46 23.12 16.49
N ALA A 341 30.05 21.96 17.02
CA ALA A 341 28.90 21.17 16.55
C ALA A 341 27.57 21.81 16.63
N LEU A 342 27.52 22.97 17.29
CA LEU A 342 26.30 23.76 17.35
C LEU A 342 26.60 25.23 17.13
N SER A 343 27.53 25.51 16.24
CA SER A 343 27.95 26.84 15.96
C SER A 343 27.69 27.10 14.54
N GLY A 344 27.94 28.34 14.14
CA GLY A 344 27.81 28.75 12.75
C GLY A 344 26.40 29.17 12.42
N ASN A 345 26.22 29.79 11.27
CA ASN A 345 24.92 30.29 10.89
C ASN A 345 24.27 31.09 11.96
N THR A 346 23.03 30.76 12.29
CA THR A 346 22.25 31.54 13.24
C THR A 346 22.71 31.38 14.65
N SER A 347 23.67 30.49 14.89
CA SER A 347 24.09 30.28 16.29
C SER A 347 25.28 31.21 16.55
N GLN A 348 26.05 30.97 17.60
CA GLN A 348 27.32 31.71 17.76
C GLN A 348 28.38 31.15 16.86
N PRO A 349 29.43 31.93 16.62
CA PRO A 349 30.56 31.46 15.86
C PRO A 349 31.31 30.37 16.58
N CYS A 350 32.17 29.68 15.86
CA CYS A 350 32.77 28.43 16.33
C CYS A 350 33.84 28.62 17.40
N LEU A 351 33.56 28.06 18.56
CA LEU A 351 34.43 28.16 19.75
C LEU A 351 35.83 27.57 19.55
N GLY A 352 35.90 26.34 19.10
CA GLY A 352 37.20 25.74 18.92
C GLY A 352 38.08 26.55 17.98
N SER A 353 37.50 27.06 16.87
CA SER A 353 38.32 27.75 15.86
C SER A 353 38.74 29.13 16.34
N ILE A 354 37.90 29.80 17.10
CA ILE A 354 38.29 31.05 17.74
C ILE A 354 39.43 30.85 18.75
N VAL A 355 39.28 29.84 19.58
CA VAL A 355 40.36 29.53 20.51
C VAL A 355 41.64 29.22 19.74
N GLU A 356 41.52 28.44 18.68
CA GLU A 356 42.67 28.01 17.95
C GLU A 356 43.38 29.20 17.28
N ALA A 357 42.62 30.22 16.92
CA ALA A 357 43.17 31.44 16.35
C ALA A 357 43.83 32.31 17.44
N LEU A 358 43.60 32.06 18.71
CA LEU A 358 44.23 32.90 19.72
C LEU A 358 45.42 32.20 20.35
N SER A 359 45.51 30.92 20.09
CA SER A 359 46.56 30.07 20.59
C SER A 359 47.96 30.67 20.32
N GLY A 360 48.63 31.07 21.40
CA GLY A 360 49.95 31.69 21.33
C GLY A 360 49.95 33.19 21.52
N SER A 361 48.83 33.85 21.27
CA SER A 361 48.77 35.30 21.38
C SER A 361 48.76 35.77 22.81
N GLU A 362 49.01 37.05 22.99
CA GLU A 362 49.00 37.67 24.31
C GLU A 362 47.74 37.37 25.09
N ARG A 363 46.60 37.32 24.42
CA ARG A 363 45.32 37.19 25.08
C ARG A 363 44.74 35.79 24.90
N ASP A 364 45.60 34.86 24.50
CA ASP A 364 45.26 33.44 24.56
C ASP A 364 44.45 33.14 25.81
N PRO A 365 43.27 32.55 25.65
CA PRO A 365 42.31 32.33 26.73
C PRO A 365 42.56 31.10 27.58
N GLY A 366 43.54 30.29 27.21
CA GLY A 366 44.07 29.23 28.07
C GLY A 366 43.15 28.03 28.14
N LEU A 367 42.62 27.57 27.01
CA LEU A 367 41.66 26.49 26.98
C LEU A 367 42.14 25.39 26.07
N ASP A 368 42.13 24.15 26.53
CA ASP A 368 42.68 22.98 25.80
C ASP A 368 41.78 22.68 24.62
N PRO A 369 42.31 22.67 23.38
CA PRO A 369 41.44 22.48 22.21
C PRO A 369 41.01 21.06 22.01
N ALA A 370 41.78 20.15 22.58
CA ALA A 370 41.57 18.76 22.42
C ALA A 370 40.30 18.41 23.16
N TRP A 371 40.16 19.00 24.33
CA TRP A 371 38.98 18.83 25.12
C TRP A 371 37.81 19.56 24.53
N ILE A 372 38.06 20.69 23.87
CA ILE A 372 36.99 21.35 23.14
C ILE A 372 36.43 20.44 22.05
N ARG A 373 37.33 19.77 21.33
CA ARG A 373 36.90 18.83 20.26
C ARG A 373 36.10 17.67 20.85
N ARG A 374 36.59 17.11 21.97
CA ARG A 374 35.92 16.00 22.66
C ARG A 374 34.50 16.40 23.12
N ILE A 375 34.33 17.57 23.67
CA ILE A 375 33.01 18.00 24.07
C ILE A 375 32.12 18.23 22.87
N SER A 376 32.65 18.89 21.84
CA SER A 376 31.91 19.05 20.60
C SER A 376 31.51 17.71 20.01
N PHE A 377 32.40 16.72 20.02
CA PHE A 377 32.03 15.36 19.52
C PHE A 377 30.77 14.88 20.26
N TYR A 378 30.70 15.09 21.58
CA TYR A 378 29.54 14.70 22.35
C TYR A 378 28.32 15.48 21.83
N TRP A 379 28.46 16.81 21.67
CA TRP A 379 27.34 17.64 21.22
C TRP A 379 26.91 17.26 19.82
N GLU A 380 27.86 16.83 19.03
CA GLU A 380 27.55 16.33 17.73
C GLU A 380 26.63 15.07 17.85
N ALA A 381 26.98 14.13 18.72
CA ALA A 381 26.15 12.94 18.87
C ALA A 381 24.79 13.33 19.50
N VAL A 382 24.81 14.23 20.49
CA VAL A 382 23.57 14.72 21.06
C VAL A 382 22.70 15.35 19.99
N ARG A 383 23.27 16.23 19.19
CA ARG A 383 22.49 16.93 18.18
C ARG A 383 21.78 16.02 17.18
N ASN A 384 22.40 14.94 16.74
CA ASN A 384 21.72 14.05 15.80
C ASN A 384 20.39 13.50 16.28
N GLN A 385 20.25 13.37 17.59
CA GLN A 385 19.02 12.86 18.16
C GLN A 385 17.87 13.85 17.86
N TYR A 386 18.22 15.13 17.67
CA TYR A 386 17.23 16.20 17.42
C TYR A 386 16.97 16.50 15.94
N ALA A 387 17.15 15.52 15.06
CA ALA A 387 16.87 15.73 13.65
C ALA A 387 15.45 16.30 13.36
N ALA A 388 14.49 15.98 14.19
CA ALA A 388 13.16 16.49 13.97
C ALA A 388 13.14 18.05 13.89
N PHE A 389 14.11 18.71 14.49
CA PHE A 389 14.09 20.18 14.64
C PHE A 389 15.18 20.90 13.90
N GLU A 390 15.87 20.23 13.00
CA GLU A 390 16.82 20.89 12.16
C GLU A 390 16.07 21.75 11.20
N SER A 391 16.56 22.97 10.95
CA SER A 391 15.98 23.85 9.93
C SER A 391 16.61 23.54 8.59
N ASP A 392 16.19 24.29 7.57
CA ASP A 392 16.64 24.00 6.22
C ASP A 392 17.63 25.06 5.74
N LEU A 393 18.31 25.69 6.69
CA LEU A 393 19.23 26.75 6.44
C LEU A 393 20.58 26.23 6.00
N LYS A 394 21.09 26.61 4.84
CA LYS A 394 22.32 26.00 4.28
C LYS A 394 23.63 26.74 4.59
N GLY A 395 23.58 28.00 4.95
CA GLY A 395 24.83 28.66 5.30
C GLY A 395 24.71 30.15 5.41
N PRO A 396 25.81 30.85 5.17
CA PRO A 396 25.82 32.31 5.53
C PRO A 396 24.97 33.15 4.64
N ALA A 397 24.59 34.32 5.10
CA ALA A 397 23.75 35.15 4.32
C ALA A 397 24.02 36.59 4.59
N SER A 398 24.50 37.31 3.60
CA SER A 398 24.71 38.74 3.74
C SER A 398 23.40 39.53 3.79
N GLU A 399 22.33 38.84 3.45
CA GLU A 399 20.97 39.35 3.55
C GLU A 399 20.64 39.76 4.93
N VAL A 400 21.32 39.18 5.90
CA VAL A 400 21.13 39.65 7.27
C VAL A 400 21.37 41.17 7.45
N TYR A 401 22.29 41.75 6.68
CA TYR A 401 22.57 43.18 6.91
C TYR A 401 21.42 44.04 6.40
N LEU A 402 20.55 43.43 5.61
CA LEU A 402 19.31 43.99 5.17
C LEU A 402 18.19 43.78 6.19
N HIS A 403 17.80 42.53 6.48
CA HIS A 403 16.67 42.32 7.37
C HIS A 403 16.90 42.58 8.86
N GLU A 404 18.07 42.24 9.36
CA GLU A 404 18.38 42.46 10.77
C GLU A 404 17.53 41.61 11.68
N MET A 405 17.07 40.47 11.19
CA MET A 405 16.44 39.48 12.07
C MET A 405 17.42 38.90 13.08
N PRO A 406 17.05 38.89 14.36
CA PRO A 406 17.96 38.20 15.27
C PRO A 406 18.09 36.76 14.87
N GLY A 407 19.24 36.19 15.15
CA GLY A 407 19.51 34.77 14.85
C GLY A 407 18.50 33.79 15.37
N GLY A 408 18.16 34.02 16.61
CA GLY A 408 17.14 33.22 17.29
C GLY A 408 15.71 33.33 16.79
N GLN A 409 15.44 34.24 15.87
CA GLN A 409 14.08 34.45 15.37
C GLN A 409 13.94 33.91 13.95
N PHE A 410 15.05 33.92 13.25
CA PHE A 410 15.10 33.76 11.83
C PHE A 410 14.33 32.55 11.47
N THR A 411 14.75 31.42 12.03
CA THR A 411 14.18 30.13 11.58
C THR A 411 12.69 30.06 11.90
N ASN A 412 12.40 30.53 13.08
CA ASN A 412 11.06 30.58 13.59
C ASN A 412 10.14 31.39 12.71
N LEU A 413 10.56 32.60 12.38
CA LEU A 413 9.80 33.43 11.49
C LEU A 413 9.64 32.76 10.16
N LYS A 414 10.66 32.08 9.73
CA LYS A 414 10.64 31.45 8.42
C LYS A 414 9.63 30.29 8.41
N GLU A 415 9.48 29.61 9.54
CA GLU A 415 8.37 28.63 9.70
C GLU A 415 7.02 29.28 9.80
N GLN A 416 6.96 30.40 10.49
CA GLN A 416 5.68 31.06 10.62
C GLN A 416 5.18 31.49 9.24
N ALA A 417 6.11 32.01 8.44
CA ALA A 417 5.80 32.33 7.04
C ALA A 417 5.38 31.10 6.26
N ARG A 418 6.08 29.98 6.48
CA ARG A 418 5.77 28.77 5.70
C ARG A 418 4.31 28.38 5.97
N SER A 419 4.00 28.44 7.25
CA SER A 419 2.75 28.01 7.75
C SER A 419 1.63 28.87 7.22
N LEU A 420 1.91 30.12 6.85
CA LEU A 420 0.90 31.00 6.19
C LEU A 420 0.92 30.91 4.67
N GLY A 421 1.57 29.89 4.16
CA GLY A 421 1.65 29.74 2.71
C GLY A 421 2.50 30.78 2.04
N LEU A 422 3.57 31.26 2.68
CA LEU A 422 4.45 32.28 2.10
C LEU A 422 5.91 31.76 1.87
N GLU A 423 6.12 30.45 1.89
CA GLU A 423 7.43 29.83 1.70
C GLU A 423 8.12 30.32 0.46
N THR A 424 7.42 30.38 -0.66
CA THR A 424 8.05 30.85 -1.89
C THR A 424 8.31 32.34 -1.82
N ARG A 425 7.86 33.03 -0.78
CA ARG A 425 8.07 34.49 -0.74
C ARG A 425 8.92 34.93 0.45
N TRP A 426 9.74 34.03 0.96
CA TRP A 426 10.55 34.39 2.11
C TRP A 426 11.30 35.70 1.88
N HIS A 427 11.98 35.87 0.74
CA HIS A 427 12.78 37.07 0.57
C HIS A 427 11.92 38.33 0.60
N GLN A 428 10.66 38.24 0.19
CA GLN A 428 9.72 39.37 0.32
C GLN A 428 9.37 39.72 1.79
N VAL A 429 9.26 38.67 2.60
CA VAL A 429 9.08 38.81 4.02
C VAL A 429 10.29 39.48 4.64
N ALA A 430 11.49 39.03 4.27
CA ALA A 430 12.72 39.74 4.73
C ALA A 430 12.76 41.18 4.31
N GLN A 431 12.34 41.47 3.09
CA GLN A 431 12.36 42.83 2.62
C GLN A 431 11.33 43.61 3.41
N ALA A 432 10.16 43.00 3.66
CA ALA A 432 9.07 43.70 4.34
C ALA A 432 9.45 43.88 5.81
N TYR A 433 10.13 42.90 6.37
CA TYR A 433 10.64 43.08 7.71
C TYR A 433 11.55 44.30 7.77
N ALA A 434 12.42 44.50 6.78
CA ALA A 434 13.27 45.72 6.77
C ALA A 434 12.49 47.00 6.65
N ASP A 435 11.50 46.98 5.78
CA ASP A 435 10.66 48.14 5.55
C ASP A 435 9.87 48.46 6.78
N ALA A 436 9.25 47.44 7.39
CA ALA A 436 8.50 47.60 8.64
C ALA A 436 9.40 48.24 9.68
N ASN A 437 10.62 47.76 9.76
CA ASN A 437 11.56 48.34 10.69
C ASN A 437 11.70 49.84 10.51
N GLN A 438 11.83 50.28 9.26
CA GLN A 438 12.02 51.70 9.00
C GLN A 438 10.72 52.39 9.32
N MET A 439 9.60 51.74 9.01
CA MET A 439 8.29 52.38 9.25
C MET A 439 8.04 52.69 10.72
N PHE A 440 8.61 51.88 11.61
CA PHE A 440 8.48 52.07 13.07
C PHE A 440 9.49 53.09 13.60
N GLY A 441 10.23 53.70 12.69
CA GLY A 441 11.30 54.61 13.00
C GLY A 441 12.69 54.06 13.11
N ASP A 442 12.89 52.80 12.79
CA ASP A 442 14.19 52.16 12.90
C ASP A 442 14.55 51.78 14.32
N ILE A 443 13.96 50.72 14.80
CA ILE A 443 14.08 50.30 16.17
C ILE A 443 15.02 49.13 16.42
N VAL A 444 15.38 48.91 17.67
CA VAL A 444 16.06 47.73 18.10
C VAL A 444 15.10 46.56 18.04
N LYS A 445 15.49 45.53 17.30
CA LYS A 445 14.66 44.34 17.14
C LYS A 445 15.23 43.09 17.82
N VAL A 446 14.66 42.76 18.98
CA VAL A 446 15.09 41.65 19.80
C VAL A 446 13.92 41.29 20.67
N THR A 447 13.93 40.16 21.33
CA THR A 447 12.70 39.73 21.97
C THR A 447 12.25 40.72 23.06
N PRO A 448 10.97 41.15 23.03
CA PRO A 448 9.86 40.92 22.13
C PRO A 448 9.61 41.93 20.98
N SER A 449 10.44 42.97 20.77
CA SER A 449 10.21 43.93 19.65
C SER A 449 10.27 43.28 18.30
N SER A 450 11.17 42.31 18.16
CA SER A 450 11.37 41.59 16.90
C SER A 450 10.18 40.83 16.44
N LYS A 451 9.44 40.28 17.37
CA LYS A 451 8.19 39.59 17.07
C LYS A 451 7.17 40.59 16.52
N VAL A 452 7.14 41.79 17.08
CA VAL A 452 6.19 42.77 16.62
C VAL A 452 6.42 43.10 15.12
N VAL A 453 7.70 43.23 14.79
CA VAL A 453 8.12 43.61 13.45
C VAL A 453 7.86 42.42 12.52
N GLY A 454 8.06 41.21 13.03
CA GLY A 454 7.83 40.01 12.23
C GLY A 454 6.35 39.85 11.93
N ASP A 455 5.47 40.18 12.89
CA ASP A 455 4.03 40.16 12.66
C ASP A 455 3.67 41.20 11.63
N MET A 456 4.30 42.37 11.71
CA MET A 456 4.04 43.41 10.72
CA MET A 456 4.03 43.40 10.72
C MET A 456 4.43 42.94 9.31
N ALA A 457 5.57 42.30 9.20
CA ALA A 457 6.02 41.86 7.88
C ALA A 457 5.16 40.76 7.28
N LEU A 458 4.81 39.76 8.07
CA LEU A 458 3.90 38.70 7.58
C LEU A 458 2.59 39.30 7.11
N MET A 459 2.06 40.28 7.82
CA MET A 459 0.80 40.79 7.37
C MET A 459 0.97 41.51 6.04
N MET A 460 2.03 42.32 5.91
CA MET A 460 2.27 43.12 4.72
C MET A 460 2.38 42.23 3.51
N VAL A 461 3.11 41.13 3.64
CA VAL A 461 3.20 40.22 2.53
C VAL A 461 1.87 39.49 2.27
N SER A 462 1.25 38.85 3.26
CA SER A 462 -0.03 38.18 2.98
C SER A 462 -1.00 39.07 2.34
N GLN A 463 -1.02 40.33 2.73
CA GLN A 463 -2.11 41.21 2.33
C GLN A 463 -1.66 42.14 1.22
N ASP A 464 -0.44 41.93 0.71
CA ASP A 464 0.13 42.77 -0.36
C ASP A 464 0.09 44.25 -0.06
N LEU A 465 0.65 44.65 1.06
CA LEU A 465 0.71 46.05 1.44
C LEU A 465 2.15 46.57 1.48
N THR A 466 2.28 47.74 0.93
CA THR A 466 3.50 48.46 1.08
C THR A 466 3.31 49.28 2.34
N VAL A 467 4.40 49.83 2.79
CA VAL A 467 4.36 50.76 3.88
C VAL A 467 3.39 51.90 3.60
N ALA A 468 3.41 52.44 2.39
CA ALA A 468 2.43 53.49 2.01
C ALA A 468 1.00 53.06 2.21
N ASP A 469 0.65 51.89 1.73
CA ASP A 469 -0.66 51.28 2.04
C ASP A 469 -0.87 51.21 3.52
N VAL A 470 0.09 50.64 4.24
CA VAL A 470 -0.09 50.46 5.72
C VAL A 470 -0.54 51.77 6.43
N VAL A 471 0.01 52.93 6.04
CA VAL A 471 -0.28 54.24 6.67
C VAL A 471 -1.17 55.13 5.83
N SER A 472 -1.89 54.51 4.93
CA SER A 472 -2.72 55.20 3.96
C SER A 472 -3.98 55.68 4.66
N PRO A 473 -4.37 56.92 4.42
CA PRO A 473 -5.61 57.31 5.03
C PRO A 473 -6.81 56.61 4.48
N ASP A 474 -6.75 56.05 3.28
CA ASP A 474 -7.96 55.53 2.66
C ASP A 474 -7.96 54.03 2.73
N ARG A 475 -7.23 53.45 3.65
CA ARG A 475 -7.19 52.03 3.64
C ARG A 475 -7.22 51.39 5.00
N GLU A 476 -8.35 50.78 5.31
CA GLU A 476 -8.50 50.11 6.56
C GLU A 476 -7.51 48.95 6.66
N VAL A 477 -6.80 48.90 7.78
CA VAL A 477 -5.83 47.89 8.01
C VAL A 477 -6.07 47.36 9.41
N SER A 478 -6.26 46.05 9.60
CA SER A 478 -6.37 45.54 10.96
C SER A 478 -4.95 45.19 11.41
N PHE A 479 -4.32 46.11 12.12
CA PHE A 479 -2.98 45.87 12.60
C PHE A 479 -2.95 44.69 13.57
N PRO A 480 -1.87 43.95 13.59
CA PRO A 480 -1.76 42.91 14.60
C PRO A 480 -1.78 43.48 16.01
N GLU A 481 -2.30 42.73 16.96
CA GLU A 481 -2.30 43.14 18.34
C GLU A 481 -0.92 43.47 18.94
N SER A 482 0.14 42.79 18.55
CA SER A 482 1.46 43.06 19.13
C SER A 482 1.96 44.45 18.67
N VAL A 483 1.53 44.84 17.46
CA VAL A 483 1.95 46.08 16.86
C VAL A 483 1.21 47.21 17.51
N VAL A 484 -0.12 47.05 17.67
CA VAL A 484 -0.96 48.04 18.37
C VAL A 484 -0.47 48.21 19.80
N SER A 485 -0.17 47.09 20.44
CA SER A 485 0.31 47.10 21.81
C SER A 485 1.62 47.80 21.90
N MET A 486 2.54 47.50 20.97
CA MET A 486 3.82 48.26 20.89
C MET A 486 3.60 49.77 20.78
N LEU A 487 2.81 50.17 19.79
CA LEU A 487 2.60 51.57 19.51
C LEU A 487 1.83 52.21 20.61
N LYS A 488 1.06 51.40 21.35
CA LYS A 488 0.38 51.94 22.53
C LYS A 488 1.39 52.37 23.58
N GLY A 489 2.49 51.64 23.73
CA GLY A 489 3.51 51.90 24.79
C GLY A 489 3.97 50.69 25.61
N ASP A 490 3.42 49.51 25.36
CA ASP A 490 3.56 48.39 26.27
C ASP A 490 4.91 47.73 26.27
N LEU A 491 5.74 48.04 25.31
CA LEU A 491 7.04 47.49 25.25
C LEU A 491 8.03 48.55 25.63
N GLY A 492 7.59 49.78 25.84
CA GLY A 492 8.53 50.90 26.16
C GLY A 492 8.62 51.99 25.07
N GLN A 493 9.57 52.91 25.24
CA GLN A 493 9.79 54.03 24.29
C GLN A 493 11.15 53.90 23.59
N PRO A 494 11.15 53.92 22.27
CA PRO A 494 12.39 54.08 21.54
C PRO A 494 12.78 55.54 21.66
N PRO A 495 14.06 55.85 21.42
CA PRO A 495 14.56 57.18 21.83
C PRO A 495 13.88 58.43 21.19
N SER A 496 13.30 58.30 20.02
CA SER A 496 12.62 59.44 19.39
C SER A 496 11.09 59.30 19.43
N GLY A 497 10.60 58.42 20.29
CA GLY A 497 9.17 58.11 20.36
C GLY A 497 8.72 57.25 19.20
N TRP A 498 7.42 57.08 19.09
CA TRP A 498 6.84 56.28 18.01
C TRP A 498 6.32 57.19 16.91
N PRO A 499 6.42 56.80 15.65
CA PRO A 499 5.92 57.75 14.63
C PRO A 499 4.45 58.04 14.75
N GLU A 500 4.14 59.31 14.86
CA GLU A 500 2.81 59.77 15.11
C GLU A 500 1.69 59.24 14.21
N ALA A 501 1.83 59.36 12.92
CA ALA A 501 0.73 59.01 12.00
C ALA A 501 0.40 57.51 12.00
N LEU A 502 1.41 56.67 11.98
CA LEU A 502 1.19 55.24 12.10
C LEU A 502 0.50 54.92 13.47
N GLN A 503 1.09 55.39 14.57
CA GLN A 503 0.49 55.24 15.88
C GLN A 503 -0.95 55.69 15.88
N LYS A 504 -1.23 56.91 15.43
CA LYS A 504 -2.62 57.40 15.49
C LYS A 504 -3.51 56.45 14.70
N LYS A 505 -3.02 55.87 13.62
CA LYS A 505 -3.85 55.04 12.80
C LYS A 505 -4.03 53.64 13.39
N ALA A 506 -2.98 53.06 13.92
CA ALA A 506 -3.07 51.75 14.55
C ALA A 506 -3.93 51.72 15.83
N LEU A 507 -3.96 52.80 16.59
CA LEU A 507 -4.64 52.76 17.89
C LEU A 507 -6.15 52.93 17.80
N LYS A 508 -6.66 53.26 16.63
CA LYS A 508 -8.12 53.39 16.43
C LYS A 508 -8.76 54.18 17.59
N GLY A 509 -8.17 55.31 17.95
CA GLY A 509 -8.77 56.20 18.99
C GLY A 509 -8.18 56.15 20.40
N GLU A 510 -7.75 54.97 20.82
CA GLU A 510 -7.03 54.72 22.08
C GLU A 510 -5.83 55.62 22.29
N LYS A 511 -5.67 56.16 23.50
CA LYS A 511 -4.59 57.09 23.80
C LYS A 511 -3.28 56.34 24.14
N PRO A 512 -2.15 56.76 23.59
CA PRO A 512 -0.90 56.06 23.97
C PRO A 512 -0.25 56.68 25.16
N TYR A 513 0.68 55.97 25.78
CA TYR A 513 1.41 56.53 26.90
C TYR A 513 2.90 56.42 26.68
N THR A 514 3.66 57.35 27.23
CA THR A 514 5.10 57.26 27.18
C THR A 514 5.76 56.96 28.50
N VAL A 515 4.99 56.55 29.51
CA VAL A 515 5.59 56.03 30.73
C VAL A 515 5.99 54.54 30.58
N ARG A 516 6.83 54.13 31.55
CA ARG A 516 7.35 52.83 31.72
C ARG A 516 6.15 51.93 31.98
N PRO A 517 5.99 50.89 31.18
CA PRO A 517 4.80 50.09 31.31
C PRO A 517 4.47 49.59 32.69
N GLY A 518 5.48 49.17 33.45
CA GLY A 518 5.28 48.58 34.82
C GLY A 518 4.83 49.59 35.84
N SER A 519 5.13 50.85 35.60
CA SER A 519 4.53 51.88 36.38
C SER A 519 2.99 51.94 36.26
N LEU A 520 2.37 51.26 35.30
CA LEU A 520 0.90 51.26 35.25
C LEU A 520 0.28 49.92 35.58
N LEU A 521 1.10 48.94 35.90
CA LEU A 521 0.60 47.59 36.18
C LEU A 521 0.21 47.44 37.63
N LYS A 522 -0.91 46.80 37.91
CA LYS A 522 -1.24 46.61 39.32
C LYS A 522 -0.18 45.65 39.83
N GLU A 523 0.47 46.02 40.92
CA GLU A 523 1.26 45.07 41.72
C GLU A 523 0.53 43.75 41.91
N ALA A 524 1.20 42.64 41.64
CA ALA A 524 0.57 41.32 41.84
C ALA A 524 0.35 41.03 43.30
N ASP A 525 -0.78 40.41 43.63
CA ASP A 525 -1.03 40.02 44.99
C ASP A 525 -0.45 38.60 45.16
N LEU A 526 0.82 38.57 45.55
CA LEU A 526 1.55 37.33 45.63
C LEU A 526 0.86 36.25 46.44
N ASP A 527 0.36 36.61 47.63
CA ASP A 527 -0.26 35.61 48.50
C ASP A 527 -1.57 35.09 47.95
N ALA A 528 -2.37 35.98 47.40
CA ALA A 528 -3.57 35.59 46.73
C ALA A 528 -3.27 34.63 45.55
N GLU A 529 -2.34 35.03 44.70
CA GLU A 529 -1.97 34.25 43.53
C GLU A 529 -1.41 32.86 43.87
N ARG A 530 -0.65 32.77 44.94
CA ARG A 530 -0.07 31.49 45.27
C ARG A 530 -1.20 30.57 45.68
N LYS A 531 -2.15 31.09 46.45
CA LYS A 531 -3.32 30.34 46.83
C LYS A 531 -4.10 29.91 45.59
N VAL A 532 -4.19 30.76 44.57
CA VAL A 532 -4.88 30.35 43.36
C VAL A 532 -4.26 29.03 42.81
N ILE A 533 -2.95 29.04 42.57
CA ILE A 533 -2.33 27.88 41.95
C ILE A 533 -2.29 26.70 42.87
N GLU A 534 -2.15 26.94 44.17
CA GLU A 534 -2.21 25.84 45.13
C GLU A 534 -3.59 25.15 45.13
N LYS A 535 -4.65 25.87 44.81
CA LYS A 535 -6.00 25.29 44.72
C LYS A 535 -6.25 24.56 43.40
N LYS A 536 -5.75 25.08 42.29
CA LYS A 536 -5.93 24.41 41.01
C LYS A 536 -5.20 23.06 41.03
N LEU A 537 -4.08 22.99 41.76
CA LEU A 537 -3.25 21.78 41.82
C LEU A 537 -3.46 20.97 43.08
N GLU A 538 -4.42 21.36 43.90
CA GLU A 538 -4.68 20.69 45.17
C GLU A 538 -3.41 20.29 45.97
N ARG A 539 -2.41 21.16 45.94
CA ARG A 539 -1.20 20.96 46.77
C ARG A 539 -0.41 22.24 46.86
N GLU A 540 0.47 22.28 47.85
CA GLU A 540 1.48 23.30 47.96
C GLU A 540 2.49 23.19 46.83
N VAL A 541 2.87 24.35 46.28
CA VAL A 541 3.90 24.46 45.27
C VAL A 541 5.07 25.18 45.90
N SER A 542 6.23 25.13 45.26
CA SER A 542 7.45 25.67 45.84
C SER A 542 7.62 27.10 45.37
N ASP A 543 8.60 27.80 45.93
CA ASP A 543 8.85 29.18 45.54
C ASP A 543 9.28 29.26 44.11
N PHE A 544 10.03 28.25 43.67
CA PHE A 544 10.41 28.15 42.26
C PHE A 544 9.22 27.89 41.34
N GLU A 545 8.42 26.91 41.72
CA GLU A 545 7.22 26.62 40.94
C GLU A 545 6.35 27.87 40.82
N PHE A 546 6.26 28.67 41.88
CA PHE A 546 5.47 29.92 41.87
C PHE A 546 6.05 30.99 40.92
N ALA A 547 7.36 31.17 40.95
CA ALA A 547 7.94 32.05 39.92
C ALA A 547 7.57 31.54 38.50
N SER A 548 7.57 30.23 38.34
CA SER A 548 7.15 29.62 37.09
C SER A 548 5.71 30.02 36.73
N TYR A 549 4.82 29.85 37.70
CA TYR A 549 3.42 30.22 37.53
C TYR A 549 3.25 31.69 37.19
N LEU A 550 3.95 32.55 37.95
CA LEU A 550 3.89 33.99 37.69
C LEU A 550 4.38 34.35 36.32
N MET A 551 5.27 33.58 35.73
CA MET A 551 5.80 33.96 34.43
C MET A 551 4.92 33.34 33.35
N TYR A 552 4.47 32.12 33.60
CA TYR A 552 3.73 31.34 32.61
C TYR A 552 2.65 30.55 33.28
N PRO A 553 1.47 31.18 33.55
CA PRO A 553 0.37 30.53 34.28
C PRO A 553 -0.25 29.33 33.53
N LYS A 554 -0.58 29.51 32.25
CA LYS A 554 -1.24 28.39 31.53
C LYS A 554 -0.20 27.30 31.37
N VAL A 555 0.96 27.69 30.81
CA VAL A 555 1.97 26.73 30.46
C VAL A 555 2.33 25.99 31.71
N PHE A 556 2.63 26.71 32.81
CA PHE A 556 3.07 26.03 34.06
C PHE A 556 2.06 25.05 34.59
N THR A 557 0.82 25.51 34.70
CA THR A 557 -0.31 24.68 35.14
C THR A 557 -0.37 23.39 34.27
N ASP A 558 -0.25 23.56 32.95
CA ASP A 558 -0.19 22.40 32.07
C ASP A 558 0.98 21.53 32.37
N PHE A 559 2.15 22.12 32.57
CA PHE A 559 3.31 21.30 32.94
C PHE A 559 3.14 20.51 34.22
N ALA A 560 2.60 21.13 35.27
CA ALA A 560 2.35 20.37 36.52
C ALA A 560 1.34 19.27 36.35
N LEU A 561 0.35 19.48 35.49
CA LEU A 561 -0.71 18.47 35.31
C LEU A 561 -0.15 17.27 34.54
N ALA A 562 0.59 17.54 33.48
CA ALA A 562 1.39 16.49 32.85
C ALA A 562 2.31 15.73 33.82
N SER A 563 3.09 16.43 34.64
CA SER A 563 4.02 15.79 35.57
C SER A 563 3.30 14.82 36.45
N ASP A 564 2.10 15.19 36.86
CA ASP A 564 1.28 14.32 37.67
C ASP A 564 0.91 13.04 36.97
N THR A 565 0.55 13.16 35.68
CA THR A 565 0.18 11.99 34.88
C THR A 565 1.47 11.17 34.50
N TYR A 566 2.46 11.82 33.93
CA TYR A 566 3.61 11.12 33.33
C TYR A 566 4.84 10.91 34.18
N GLY A 567 4.86 11.42 35.39
CA GLY A 567 6.05 11.24 36.22
C GLY A 567 7.18 12.08 35.67
N PRO A 568 8.42 11.76 36.05
CA PRO A 568 9.60 12.55 35.80
C PRO A 568 10.28 12.24 34.46
N VAL A 569 9.57 12.54 33.39
CA VAL A 569 10.02 12.21 32.07
C VAL A 569 11.41 12.74 31.70
N SER A 570 11.87 13.77 32.39
CA SER A 570 13.15 14.38 32.05
C SER A 570 14.28 13.36 32.19
N VAL A 571 14.09 12.34 33.02
CA VAL A 571 15.15 11.37 33.22
C VAL A 571 15.26 10.41 32.07
N LEU A 572 14.27 10.33 31.19
CA LEU A 572 14.40 9.48 29.99
C LEU A 572 15.45 9.95 28.98
N PRO A 573 16.17 8.99 28.41
CA PRO A 573 16.99 9.38 27.29
C PRO A 573 16.13 9.88 26.14
N THR A 574 16.75 10.72 25.32
CA THR A 574 16.04 11.52 24.37
C THR A 574 15.30 10.74 23.30
N PRO A 575 15.86 9.66 22.77
CA PRO A 575 15.06 8.96 21.77
C PRO A 575 13.81 8.40 22.39
N ALA A 576 13.92 7.91 23.60
CA ALA A 576 12.76 7.34 24.25
C ALA A 576 11.76 8.43 24.50
N TYR A 577 12.21 9.61 24.92
CA TYR A 577 11.31 10.70 25.20
C TYR A 577 10.54 11.09 23.94
N PHE A 578 11.14 11.01 22.77
CA PHE A 578 10.43 11.44 21.53
C PHE A 578 9.74 10.32 20.73
N TYR A 579 10.23 9.08 20.87
CA TYR A 579 9.78 7.97 20.01
C TYR A 579 9.35 6.72 20.78
N GLY A 580 9.52 6.70 22.10
CA GLY A 580 9.12 5.58 22.88
C GLY A 580 10.10 4.46 22.67
N LEU A 581 9.56 3.24 22.56
CA LEU A 581 10.32 2.05 22.40
C LEU A 581 9.85 1.22 21.22
N ALA A 582 10.79 0.76 20.42
CA ALA A 582 10.51 -0.09 19.28
C ALA A 582 10.07 -1.49 19.72
N ASP A 583 9.48 -2.27 18.86
CA ASP A 583 9.04 -3.62 19.26
C ASP A 583 10.28 -4.37 19.68
N GLY A 584 10.21 -4.94 20.87
CA GLY A 584 11.33 -5.71 21.41
C GLY A 584 12.38 -4.89 22.12
N GLU A 585 12.28 -3.57 22.12
CA GLU A 585 13.42 -2.76 22.61
C GLU A 585 13.62 -2.82 24.12
N GLU A 586 14.88 -2.72 24.56
CA GLU A 586 15.28 -2.73 25.99
C GLU A 586 15.83 -1.38 26.39
N LEU A 587 15.31 -0.79 27.43
CA LEU A 587 15.72 0.54 27.78
C LEU A 587 16.07 0.60 29.25
N PHE A 588 17.11 1.37 29.57
CA PHE A 588 17.62 1.49 30.94
C PHE A 588 17.28 2.86 31.38
N ALA A 589 16.57 3.04 32.49
CA ALA A 589 16.31 4.38 33.02
C ALA A 589 16.42 4.46 34.54
N ASP A 590 16.82 5.65 35.00
CA ASP A 590 17.09 6.00 36.37
C ASP A 590 15.95 6.78 36.99
N ILE A 591 15.07 6.08 37.69
CA ILE A 591 13.95 6.66 38.48
C ILE A 591 14.38 7.60 39.62
N GLU A 592 15.25 7.10 40.51
CA GLU A 592 15.70 7.79 41.76
C GLU A 592 17.23 7.76 41.82
N LYS A 595 18.04 3.28 41.95
CA LYS A 595 17.40 2.25 41.15
C LYS A 595 17.50 2.57 39.63
N THR A 596 18.03 1.60 38.87
CA THR A 596 17.91 1.64 37.43
C THR A 596 16.83 0.65 36.89
N LEU A 597 15.80 1.22 36.26
CA LEU A 597 14.72 0.44 35.65
C LEU A 597 15.22 -0.14 34.33
N VAL A 598 15.07 -1.45 34.18
CA VAL A 598 15.16 -2.09 32.85
C VAL A 598 13.74 -2.34 32.31
N ILE A 599 13.41 -1.69 31.20
CA ILE A 599 12.08 -1.71 30.58
C ILE A 599 12.14 -2.32 29.17
N VAL A 600 11.44 -3.41 28.94
CA VAL A 600 11.31 -3.99 27.60
C VAL A 600 9.89 -3.84 27.07
N ASN A 601 9.80 -3.48 25.78
CA ASN A 601 8.52 -3.49 25.04
C ASN A 601 8.31 -4.84 24.39
N GLN A 602 7.34 -5.59 24.86
CA GLN A 602 7.20 -6.97 24.41
C GLN A 602 6.13 -7.12 23.32
N ALA A 603 5.10 -6.32 23.38
CA ALA A 603 3.99 -6.43 22.46
C ALA A 603 3.13 -5.24 22.65
N VAL A 604 2.35 -4.96 21.65
CA VAL A 604 1.40 -3.89 21.74
C VAL A 604 0.13 -4.46 21.18
N SER A 605 -0.98 -4.34 21.89
CA SER A 605 -2.23 -4.84 21.37
C SER A 605 -2.80 -3.93 20.28
N ALA A 606 -3.67 -4.51 19.49
CA ALA A 606 -4.63 -3.79 18.65
C ALA A 606 -5.45 -2.84 19.50
N THR A 607 -6.07 -1.86 18.85
CA THR A 607 -6.95 -0.91 19.55
C THR A 607 -8.23 -1.62 20.02
N ASP A 608 -8.57 -1.54 21.29
CA ASP A 608 -9.77 -2.25 21.78
C ASP A 608 -11.07 -1.50 21.44
N SER A 609 -12.19 -2.15 21.75
CA SER A 609 -13.54 -1.56 21.66
C SER A 609 -13.71 -0.23 22.43
N GLN A 610 -12.82 0.05 23.39
CA GLN A 610 -12.85 1.27 24.19
C GLN A 610 -11.96 2.37 23.63
N GLY A 611 -11.33 2.14 22.48
CA GLY A 611 -10.33 3.10 21.95
C GLY A 611 -8.98 3.08 22.70
N MET A 612 -8.76 2.03 23.51
CA MET A 612 -7.54 1.87 24.28
C MET A 612 -6.62 0.85 23.60
N VAL A 613 -5.32 1.08 23.71
CA VAL A 613 -4.27 0.17 23.28
C VAL A 613 -3.50 -0.20 24.53
N THR A 614 -3.15 -1.47 24.68
CA THR A 614 -2.47 -1.97 25.86
C THR A 614 -1.05 -2.33 25.50
N VAL A 615 -0.09 -1.61 26.07
CA VAL A 615 1.30 -1.95 25.91
C VAL A 615 1.78 -2.96 26.98
N PHE A 616 2.52 -3.98 26.55
CA PHE A 616 2.95 -5.04 27.42
C PHE A 616 4.43 -4.91 27.69
N PHE A 617 4.78 -4.25 28.80
CA PHE A 617 6.16 -4.11 29.25
C PHE A 617 6.69 -5.24 30.18
N GLU A 618 8.00 -5.45 30.13
CA GLU A 618 8.72 -6.09 31.22
C GLU A 618 9.46 -4.97 31.97
N LEU A 619 9.28 -4.93 33.30
CA LEU A 619 9.94 -3.97 34.21
C LEU A 619 10.73 -4.85 35.20
N ASN A 620 12.01 -4.97 34.87
CA ASN A 620 12.96 -5.68 35.71
C ASN A 620 12.51 -7.08 35.88
N GLY A 621 12.31 -7.76 34.75
CA GLY A 621 11.78 -9.10 34.70
C GLY A 621 10.31 -9.27 35.06
N GLN A 622 9.64 -8.23 35.55
CA GLN A 622 8.24 -8.34 36.00
C GLN A 622 7.33 -7.74 34.95
N PRO A 623 6.19 -8.39 34.72
CA PRO A 623 5.26 -8.03 33.66
C PRO A 623 4.36 -6.90 34.07
N ARG A 624 4.15 -5.94 33.17
CA ARG A 624 3.26 -4.82 33.42
C ARG A 624 2.47 -4.53 32.16
N ARG A 625 1.15 -4.56 32.24
CA ARG A 625 0.28 -4.21 31.13
C ARG A 625 -0.12 -2.76 31.35
N ILE A 626 0.13 -1.86 30.42
CA ILE A 626 -0.25 -0.49 30.60
C ILE A 626 -1.20 -0.03 29.51
N LYS A 627 -2.43 0.38 29.86
CA LYS A 627 -3.39 0.85 28.85
C LYS A 627 -3.31 2.38 28.64
N VAL A 628 -3.27 2.81 27.37
CA VAL A 628 -3.35 4.21 26.96
C VAL A 628 -4.34 4.34 25.81
N PRO A 629 -4.79 5.56 25.51
CA PRO A 629 -5.76 5.72 24.43
C PRO A 629 -5.17 5.83 23.02
N ASP A 630 -5.86 5.28 22.02
CA ASP A 630 -5.45 5.45 20.61
C ASP A 630 -5.90 6.78 20.03
N ARG A 631 -5.10 7.81 20.18
CA ARG A 631 -5.49 9.18 19.77
C ARG A 631 -5.54 9.45 18.26
N ALA A 632 -5.32 8.45 17.41
CA ALA A 632 -5.55 8.64 15.97
C ALA A 632 -7.03 9.08 15.77
N ASP B 36 15.11 14.97 -35.26
CA ASP B 36 16.04 13.95 -34.70
C ASP B 36 17.03 14.49 -33.64
N ARG B 37 17.32 15.79 -33.63
CA ARG B 37 17.94 16.36 -32.42
C ARG B 37 16.90 16.08 -31.30
N ALA B 38 15.64 16.40 -31.58
CA ALA B 38 14.54 16.26 -30.62
C ALA B 38 14.19 14.82 -30.25
N THR B 39 14.07 13.93 -31.23
CA THR B 39 13.72 12.54 -30.89
C THR B 39 14.75 12.06 -29.83
N LYS B 40 16.03 12.37 -30.02
CA LYS B 40 17.10 11.90 -29.12
C LYS B 40 16.99 12.40 -27.63
N LEU B 41 16.66 13.67 -27.40
CA LEU B 41 16.44 14.16 -26.02
C LEU B 41 15.16 13.52 -25.49
N LEU B 42 14.15 13.40 -26.35
CA LEU B 42 12.93 12.72 -25.95
C LEU B 42 13.19 11.30 -25.44
N THR B 43 14.14 10.58 -26.05
CA THR B 43 14.46 9.22 -25.60
C THR B 43 15.15 9.27 -24.24
N TYR B 44 15.92 10.33 -23.98
CA TYR B 44 16.51 10.48 -22.65
C TYR B 44 15.43 10.81 -21.60
N LEU B 45 14.55 11.76 -21.93
CA LEU B 45 13.58 12.22 -20.94
C LEU B 45 12.33 11.29 -20.97
N ALA B 46 12.42 10.17 -21.68
CA ALA B 46 11.53 9.03 -21.39
C ALA B 46 12.27 8.06 -20.46
N ASP B 47 13.53 7.77 -20.77
CA ASP B 47 14.33 6.82 -19.99
C ASP B 47 14.48 7.18 -18.51
N VAL B 48 14.74 8.44 -18.22
CA VAL B 48 14.90 8.80 -16.82
C VAL B 48 13.53 8.93 -16.18
N THR B 49 12.54 9.36 -16.96
CA THR B 49 11.18 9.44 -16.46
C THR B 49 10.70 8.09 -15.97
N VAL B 50 11.16 7.03 -16.60
CA VAL B 50 10.70 5.72 -16.23
C VAL B 50 11.63 5.08 -15.24
N ASN B 51 12.92 5.22 -15.46
CA ASN B 51 13.92 4.47 -14.70
C ASN B 51 14.59 5.23 -13.63
N GLY B 52 14.67 6.54 -13.81
CA GLY B 52 15.35 7.39 -12.85
C GLY B 52 16.79 7.59 -13.26
N HIS B 53 17.41 8.60 -12.65
CA HIS B 53 18.80 8.85 -12.86
C HIS B 53 19.57 8.06 -11.82
N PRO B 54 20.64 7.34 -12.25
CA PRO B 54 21.42 6.53 -11.30
C PRO B 54 22.00 7.36 -10.16
N GLU B 55 22.58 8.52 -10.48
CA GLU B 55 23.10 9.45 -9.49
C GLU B 55 22.02 10.01 -8.55
N ALA B 56 20.75 9.77 -8.84
CA ALA B 56 19.68 10.31 -7.98
C ALA B 56 18.65 9.30 -7.58
N LYS B 57 18.75 8.06 -8.06
CA LYS B 57 17.75 7.02 -7.80
C LYS B 57 17.35 7.09 -6.36
N ASP B 58 18.28 6.88 -5.43
CA ASP B 58 17.83 6.70 -4.03
C ASP B 58 18.50 7.69 -3.07
N ARG B 59 18.63 8.93 -3.54
CA ARG B 59 19.09 10.03 -2.71
C ARG B 59 17.90 10.93 -2.42
N PRO B 60 18.08 11.94 -1.58
CA PRO B 60 16.90 12.78 -1.33
C PRO B 60 16.33 13.50 -2.58
N LYS B 61 15.00 13.68 -2.56
CA LYS B 61 14.31 14.51 -3.57
C LYS B 61 14.28 15.98 -3.09
N PRO B 62 14.13 16.95 -4.01
CA PRO B 62 13.91 18.35 -3.67
C PRO B 62 12.46 18.67 -3.29
N LEU B 63 12.25 19.68 -2.46
CA LEU B 63 10.92 19.98 -2.01
C LEU B 63 10.07 20.27 -3.20
N GLU B 64 8.87 19.73 -3.23
CA GLU B 64 8.02 19.75 -4.42
C GLU B 64 7.71 21.17 -4.81
N ASN B 65 7.66 22.03 -3.80
CA ASN B 65 7.60 23.50 -3.93
C ASN B 65 8.90 24.17 -4.39
N ALA B 67 9.76 26.33 -6.39
CA ALA B 67 10.41 27.63 -6.70
C ALA B 67 11.62 27.55 -7.69
N ARG B 68 11.34 27.33 -8.99
CA ARG B 68 12.36 27.32 -10.08
C ARG B 68 13.27 28.60 -10.06
N PRO B 69 14.47 28.51 -10.64
CA PRO B 69 15.30 29.72 -10.70
C PRO B 69 14.82 30.70 -11.77
N VAL B 70 14.84 31.98 -11.43
CA VAL B 70 14.49 33.03 -12.37
C VAL B 70 15.70 33.86 -12.53
N VAL B 71 16.14 33.97 -13.76
CA VAL B 71 17.28 34.83 -14.06
C VAL B 71 16.86 36.26 -13.80
N PRO B 72 17.65 37.02 -13.06
CA PRO B 72 17.18 38.38 -12.74
C PRO B 72 17.07 39.24 -13.95
N TYR B 73 16.11 40.16 -13.94
CA TYR B 73 16.00 41.23 -14.95
C TYR B 73 17.21 42.19 -14.93
N ALA B 74 17.80 42.50 -16.09
CA ALA B 74 18.88 43.55 -16.14
C ALA B 74 18.34 44.97 -16.43
N ASN B 77 20.57 47.70 -21.17
CA ASN B 77 21.92 48.24 -21.27
C ASN B 77 22.82 47.40 -22.21
N GLY B 78 24.14 47.64 -22.12
CA GLY B 78 25.24 46.84 -22.70
C GLY B 78 26.26 46.59 -21.57
N VAL B 79 27.47 46.17 -21.90
CA VAL B 79 28.38 45.69 -20.86
C VAL B 79 29.60 46.54 -20.76
N LYS B 80 29.83 47.06 -19.55
CA LYS B 80 31.04 47.76 -19.18
C LYS B 80 32.22 46.85 -19.45
N ASP B 81 33.22 47.36 -20.14
CA ASP B 81 34.51 46.71 -20.23
C ASP B 81 34.99 46.33 -18.86
N GLY B 82 35.65 45.20 -18.75
CA GLY B 82 36.27 44.88 -17.49
C GLY B 82 37.67 44.37 -17.63
N THR B 83 38.10 43.55 -16.69
CA THR B 83 39.43 42.99 -16.67
C THR B 83 39.77 42.21 -17.96
N LYS B 84 38.77 41.60 -18.59
CA LYS B 84 39.06 40.92 -19.83
C LYS B 84 39.64 41.87 -20.88
N GLN B 85 38.98 43.00 -21.05
CA GLN B 85 39.50 43.98 -21.98
C GLN B 85 40.88 44.55 -21.55
N LEU B 86 41.06 44.74 -20.23
CA LEU B 86 42.33 45.27 -19.73
C LEU B 86 43.49 44.31 -20.05
N LEU B 87 43.26 43.04 -19.79
CA LEU B 87 44.23 42.05 -20.07
C LEU B 87 44.54 42.08 -21.56
N ASP B 88 43.50 42.06 -22.42
CA ASP B 88 43.79 42.17 -23.87
C ASP B 88 44.68 43.38 -24.18
N THR B 89 44.53 44.46 -23.44
CA THR B 89 45.25 45.71 -23.68
C THR B 89 46.70 45.73 -23.13
N LEU B 90 46.93 45.07 -22.01
CA LEU B 90 48.19 45.15 -21.26
C LEU B 90 49.05 43.93 -21.43
N GLY B 91 48.42 42.78 -21.69
CA GLY B 91 49.11 41.48 -21.57
C GLY B 91 49.30 41.06 -20.12
N PRO B 92 49.77 39.82 -19.90
CA PRO B 92 49.79 39.29 -18.54
C PRO B 92 50.82 39.91 -17.59
N LYS B 93 52.07 40.11 -18.01
CA LYS B 93 53.10 40.81 -17.17
C LYS B 93 52.48 42.13 -16.64
N LYS B 94 52.20 43.06 -17.55
CA LYS B 94 51.63 44.36 -17.19
C LYS B 94 50.32 44.25 -16.39
N PHE B 95 49.43 43.35 -16.77
CA PHE B 95 48.16 43.15 -16.00
C PHE B 95 48.38 42.85 -14.55
N GLY B 96 49.30 41.94 -14.31
CA GLY B 96 49.68 41.64 -12.93
C GLY B 96 50.23 42.85 -12.22
N GLU B 97 50.96 43.72 -12.94
CA GLU B 97 51.44 44.93 -12.29
C GLU B 97 50.27 45.84 -11.91
N TRP B 98 49.29 45.90 -12.80
CA TRP B 98 48.12 46.68 -12.57
C TRP B 98 47.43 46.19 -11.33
N MET B 99 47.31 44.85 -11.14
CA MET B 99 46.65 44.31 -9.94
C MET B 99 47.45 44.72 -8.71
N ARG B 100 48.78 44.63 -8.83
CA ARG B 100 49.64 44.97 -7.69
C ARG B 100 49.35 46.39 -7.28
N ASN B 101 49.18 47.31 -8.22
CA ASN B 101 49.01 48.71 -7.90
C ASN B 101 47.62 49.11 -7.54
N GLU B 102 46.63 48.28 -7.76
CA GLU B 102 45.27 48.63 -7.41
C GLU B 102 45.14 48.71 -5.89
N LYS B 103 44.47 49.74 -5.41
CA LYS B 103 44.21 49.92 -3.99
C LYS B 103 43.01 49.03 -3.58
N ARG B 104 41.95 49.01 -4.37
CA ARG B 104 40.80 48.18 -3.98
C ARG B 104 41.23 46.73 -4.02
N VAL B 105 40.71 45.93 -3.10
CA VAL B 105 40.96 44.50 -3.24
C VAL B 105 40.12 43.99 -4.38
N LEU B 106 40.73 43.16 -5.22
CA LEU B 106 40.06 42.48 -6.33
C LEU B 106 39.48 41.13 -5.91
N LEU B 107 38.31 40.79 -6.44
CA LEU B 107 37.49 39.63 -6.05
C LEU B 107 37.33 38.59 -7.15
N THR B 108 37.65 37.35 -6.86
CA THR B 108 37.37 36.23 -7.76
C THR B 108 36.16 35.50 -7.17
N ASP B 109 35.12 35.26 -7.97
CA ASP B 109 33.95 34.49 -7.52
C ASP B 109 34.13 33.03 -7.90
N THR B 110 34.08 32.13 -6.91
CA THR B 110 34.34 30.69 -7.11
C THR B 110 33.06 29.85 -7.21
N THR B 111 31.91 30.48 -7.05
CA THR B 111 30.66 29.71 -7.09
C THR B 111 30.58 28.71 -8.23
N MET B 112 31.07 29.04 -9.42
CA MET B 112 30.85 28.18 -10.59
C MET B 112 31.86 27.05 -10.68
N ARG B 113 32.87 27.04 -9.80
CA ARG B 113 33.76 25.87 -9.73
C ARG B 113 33.94 25.34 -8.30
N ASP B 114 34.88 25.87 -7.50
CA ASP B 114 35.13 25.30 -6.13
C ASP B 114 33.84 25.20 -5.26
N GLY B 115 32.93 26.18 -5.41
CA GLY B 115 31.72 26.23 -4.58
C GLY B 115 30.88 24.98 -4.61
N HIS B 116 30.51 24.54 -5.80
CA HIS B 116 29.76 23.30 -5.93
C HIS B 116 30.65 22.05 -5.91
N GLN B 117 31.90 22.20 -6.34
CA GLN B 117 32.83 21.11 -6.14
C GLN B 117 32.93 20.74 -4.68
N SER B 118 32.93 21.74 -3.80
CA SER B 118 33.05 21.55 -2.35
C SER B 118 31.77 21.10 -1.66
N LEU B 119 30.59 21.51 -2.14
CA LEU B 119 29.28 21.26 -1.42
C LEU B 119 28.28 20.33 -2.14
N LEU B 120 28.49 20.12 -3.44
CA LEU B 120 27.53 19.41 -4.26
C LEU B 120 28.22 18.39 -5.16
N ALA B 121 29.40 17.93 -4.72
CA ALA B 121 30.16 16.89 -5.40
C ALA B 121 30.34 17.28 -6.86
N THR B 122 30.49 18.56 -7.11
CA THR B 122 30.79 19.06 -8.46
C THR B 122 29.69 18.73 -9.46
N ARG B 123 28.45 18.65 -9.02
CA ARG B 123 27.39 18.22 -9.94
C ARG B 123 26.63 19.41 -10.54
N MET B 124 27.15 20.61 -10.34
CA MET B 124 26.48 21.78 -10.88
C MET B 124 26.50 21.71 -12.40
N ARG B 125 25.35 21.94 -13.03
CA ARG B 125 25.22 21.79 -14.47
C ARG B 125 25.36 23.10 -15.26
N THR B 126 25.87 22.92 -16.48
CA THR B 126 25.96 23.99 -17.47
C THR B 126 24.70 24.84 -17.59
N TYR B 127 23.56 24.18 -17.63
CA TYR B 127 22.32 24.90 -17.78
C TYR B 127 22.23 26.03 -16.73
N ASP B 128 22.61 25.76 -15.50
CA ASP B 128 22.40 26.71 -14.42
C ASP B 128 23.53 27.68 -14.33
N ILE B 129 24.69 27.24 -14.77
CA ILE B 129 25.87 28.10 -14.79
C ILE B 129 25.82 29.10 -15.97
N ALA B 130 25.53 28.61 -17.16
CA ALA B 130 25.45 29.45 -18.31
C ALA B 130 24.43 30.56 -18.10
N ARG B 131 23.28 30.20 -17.56
CA ARG B 131 22.14 31.10 -17.52
C ARG B 131 22.37 32.37 -16.75
N ILE B 132 23.32 32.38 -15.83
CA ILE B 132 23.51 33.52 -14.95
C ILE B 132 24.72 34.36 -15.34
N ALA B 133 25.51 33.86 -16.29
CA ALA B 133 26.73 34.55 -16.73
C ALA B 133 26.44 35.97 -17.15
N GLY B 134 25.44 36.20 -18.00
CA GLY B 134 25.03 37.56 -18.41
C GLY B 134 24.77 38.49 -17.24
N THR B 135 24.21 37.93 -16.18
CA THR B 135 23.85 38.71 -15.05
C THR B 135 25.13 39.13 -14.37
N TYR B 136 26.05 38.20 -14.17
CA TYR B 136 27.37 38.65 -13.65
C TYR B 136 27.96 39.75 -14.52
N SER B 137 27.91 39.51 -15.85
CA SER B 137 28.50 40.45 -16.79
C SER B 137 27.97 41.86 -16.61
N HIS B 138 26.67 42.00 -16.64
CA HIS B 138 25.98 43.28 -16.49
C HIS B 138 26.04 43.85 -15.08
N ALA B 139 25.96 43.00 -14.06
CA ALA B 139 25.72 43.45 -12.67
C ALA B 139 26.95 43.57 -11.81
N LEU B 140 27.92 42.67 -11.99
CA LEU B 140 29.22 42.82 -11.31
C LEU B 140 30.41 42.93 -12.24
N PRO B 141 30.43 43.94 -13.11
CA PRO B 141 31.54 44.16 -14.00
C PRO B 141 32.97 44.52 -13.44
N ASN B 142 33.15 44.81 -12.13
CA ASN B 142 34.49 44.92 -11.51
C ASN B 142 35.12 43.66 -11.00
N LEU B 143 34.39 42.57 -11.02
CA LEU B 143 35.02 41.34 -10.54
C LEU B 143 36.30 41.15 -11.27
N LEU B 144 37.31 40.66 -10.58
CA LEU B 144 38.55 40.25 -11.26
C LEU B 144 38.23 39.16 -12.26
N SER B 145 37.64 38.08 -11.72
CA SER B 145 37.47 36.85 -12.51
C SER B 145 36.36 35.95 -12.03
N LEU B 146 36.05 34.95 -12.84
CA LEU B 146 35.08 33.95 -12.41
C LEU B 146 35.82 32.62 -12.47
N GLU B 147 35.94 31.94 -11.34
CA GLU B 147 36.56 30.61 -11.32
C GLU B 147 35.46 29.71 -11.75
N CYS B 148 35.62 29.16 -12.94
CA CYS B 148 34.53 28.48 -13.58
C CYS B 148 34.96 27.27 -14.34
N TRP B 149 36.11 26.70 -14.03
CA TRP B 149 36.59 25.59 -14.84
C TRP B 149 37.81 24.94 -14.19
N GLY B 150 38.14 23.75 -14.65
CA GLY B 150 39.23 23.02 -14.07
C GLY B 150 38.72 22.35 -12.84
N GLY B 151 39.66 21.98 -11.99
CA GLY B 151 39.32 21.17 -10.84
C GLY B 151 38.53 19.95 -11.32
N ALA B 152 37.57 19.54 -10.51
CA ALA B 152 36.85 18.32 -10.75
C ALA B 152 35.81 18.48 -11.85
N THR B 153 35.61 19.69 -12.38
CA THR B 153 34.52 19.88 -13.33
C THR B 153 34.74 19.22 -14.66
N PHE B 154 35.98 19.18 -15.11
CA PHE B 154 36.28 18.61 -16.41
C PHE B 154 35.80 17.16 -16.43
N ASP B 155 36.33 16.39 -15.50
CA ASP B 155 35.97 14.99 -15.32
C ASP B 155 34.43 14.85 -15.18
N VAL B 156 33.90 15.42 -14.12
CA VAL B 156 32.54 15.18 -13.67
C VAL B 156 31.46 15.60 -14.66
N SER B 157 31.69 16.72 -15.34
CA SER B 157 30.75 17.23 -16.37
C SER B 157 30.40 16.13 -17.39
N MET B 158 31.42 15.39 -17.82
CA MET B 158 31.19 14.33 -18.80
C MET B 158 30.67 13.06 -18.15
N ARG B 159 31.35 12.66 -17.09
CA ARG B 159 31.17 11.34 -16.51
C ARG B 159 29.84 11.23 -15.76
N PHE B 160 29.46 12.25 -15.01
CA PHE B 160 28.24 12.14 -14.25
C PHE B 160 27.10 13.01 -14.76
N LEU B 161 27.40 14.04 -15.57
CA LEU B 161 26.39 15.02 -16.00
C LEU B 161 26.04 15.01 -17.50
N THR B 162 26.54 14.02 -18.23
CA THR B 162 26.32 13.90 -19.68
C THR B 162 26.53 15.22 -20.49
N GLU B 163 27.51 16.04 -20.08
CA GLU B 163 27.76 17.30 -20.75
C GLU B 163 29.25 17.61 -20.99
N ASP B 164 29.49 18.20 -22.17
CA ASP B 164 30.78 18.71 -22.63
C ASP B 164 31.26 19.90 -21.80
N PRO B 165 32.45 19.81 -21.20
CA PRO B 165 32.95 20.97 -20.45
C PRO B 165 33.35 22.14 -21.34
N TRP B 166 33.73 21.86 -22.58
CA TRP B 166 34.15 22.90 -23.48
C TRP B 166 32.96 23.72 -23.91
N GLU B 167 31.81 23.07 -24.04
CA GLU B 167 30.53 23.76 -24.34
C GLU B 167 30.21 24.72 -23.17
N ARG B 168 30.47 24.26 -21.96
CA ARG B 168 30.22 25.07 -20.76
C ARG B 168 31.10 26.30 -20.80
N LEU B 169 32.38 26.13 -21.08
CA LEU B 169 33.29 27.26 -21.11
C LEU B 169 32.87 28.29 -22.16
N ALA B 170 32.63 27.82 -23.36
CA ALA B 170 32.22 28.67 -24.45
C ALA B 170 31.02 29.52 -24.04
N LEU B 171 29.96 28.86 -23.53
CA LEU B 171 28.70 29.55 -23.15
C LEU B 171 28.93 30.63 -22.15
N ILE B 172 29.91 30.40 -21.27
CA ILE B 172 30.18 31.35 -20.26
C ILE B 172 30.95 32.49 -20.88
N ARG B 173 31.86 32.16 -21.79
CA ARG B 173 32.59 33.19 -22.54
C ARG B 173 31.62 34.12 -23.26
N GLU B 174 30.65 33.53 -23.91
CA GLU B 174 29.64 34.33 -24.58
C GLU B 174 28.72 35.04 -23.53
N GLY B 175 28.52 34.47 -22.36
CA GLY B 175 27.78 35.21 -21.35
C GLY B 175 28.53 36.43 -20.84
N ALA B 176 29.84 36.26 -20.62
CA ALA B 176 30.59 37.22 -19.82
C ALA B 176 31.91 37.60 -20.50
N PRO B 177 31.79 38.37 -21.58
CA PRO B 177 32.90 38.73 -22.43
C PRO B 177 33.77 39.84 -21.83
N ASN B 178 33.41 40.31 -20.64
CA ASN B 178 34.10 41.44 -20.00
C ASN B 178 34.83 41.05 -18.73
N LEU B 179 34.70 39.76 -18.35
CA LEU B 179 35.38 39.21 -17.16
C LEU B 179 36.42 38.14 -17.46
N LEU B 180 37.40 37.99 -16.57
CA LEU B 180 38.42 36.97 -16.77
C LEU B 180 37.79 35.69 -16.33
N LEU B 181 37.87 34.67 -17.19
CA LEU B 181 37.50 33.32 -16.87
C LEU B 181 38.74 32.61 -16.35
N GLN B 182 38.61 32.10 -15.12
CA GLN B 182 39.70 31.51 -14.35
C GLN B 182 39.58 29.99 -14.25
N MET B 183 40.67 29.25 -14.45
CA MET B 183 40.62 27.83 -14.18
C MET B 183 41.63 27.44 -13.13
N LEU B 184 41.39 26.29 -12.51
CA LEU B 184 42.34 25.68 -11.59
C LEU B 184 42.94 24.54 -12.34
N LEU B 185 44.26 24.62 -12.46
CA LEU B 185 45.04 23.68 -13.20
C LEU B 185 46.04 23.00 -12.28
N ARG B 186 45.92 21.67 -12.18
CA ARG B 186 46.78 20.86 -11.32
C ARG B 186 48.09 20.58 -12.03
N GLY B 187 48.94 21.57 -12.15
CA GLY B 187 50.33 21.30 -12.42
C GLY B 187 50.53 20.32 -13.54
N ALA B 188 51.37 19.35 -13.23
CA ALA B 188 51.69 18.27 -14.12
C ALA B 188 50.46 17.47 -14.41
N ASN B 189 49.48 17.58 -13.54
CA ASN B 189 48.39 16.62 -13.48
C ASN B 189 47.22 17.06 -14.35
N GLY B 190 47.36 18.21 -15.00
CA GLY B 190 46.27 18.80 -15.79
C GLY B 190 44.94 18.84 -15.04
N VAL B 191 44.00 18.04 -15.50
CA VAL B 191 42.69 17.97 -14.85
C VAL B 191 42.43 16.57 -14.31
N GLY B 192 43.48 15.76 -14.27
CA GLY B 192 43.38 14.34 -13.93
C GLY B 192 44.11 14.08 -12.63
N TYR B 193 44.57 12.84 -12.44
CA TYR B 193 45.00 12.40 -11.11
C TYR B 193 46.45 11.94 -11.06
N THR B 194 47.16 12.08 -12.18
CA THR B 194 48.52 11.60 -12.26
C THR B 194 49.30 12.41 -13.30
N ASN B 195 50.61 12.58 -13.07
CA ASN B 195 51.45 13.36 -13.98
C ASN B 195 51.40 12.78 -15.39
N TYR B 196 51.24 13.66 -16.37
CA TYR B 196 51.08 13.28 -17.77
C TYR B 196 52.35 13.62 -18.55
N PRO B 197 52.44 13.12 -19.80
CA PRO B 197 53.52 13.55 -20.68
C PRO B 197 53.48 15.04 -20.94
N ASP B 198 54.66 15.64 -21.02
CA ASP B 198 54.83 17.07 -21.27
C ASP B 198 54.03 17.56 -22.46
N ASN B 199 54.10 16.80 -23.54
CA ASN B 199 53.41 17.17 -24.77
C ASN B 199 51.88 17.21 -24.55
N VAL B 200 51.38 16.33 -23.68
CA VAL B 200 49.96 16.33 -23.32
C VAL B 200 49.62 17.56 -22.46
N VAL B 201 50.51 17.92 -21.54
CA VAL B 201 50.29 19.11 -20.71
C VAL B 201 50.28 20.36 -21.61
N LYS B 202 51.28 20.46 -22.51
CA LYS B 202 51.38 21.54 -23.49
C LYS B 202 50.08 21.61 -24.29
N TYR B 203 49.66 20.47 -24.82
CA TYR B 203 48.51 20.41 -25.69
C TYR B 203 47.26 20.91 -24.98
N PHE B 204 47.06 20.49 -23.72
CA PHE B 204 45.84 20.81 -23.00
C PHE B 204 45.77 22.30 -22.75
N VAL B 205 46.83 22.82 -22.16
CA VAL B 205 46.93 24.26 -21.88
C VAL B 205 46.65 25.08 -23.13
N ARG B 206 47.26 24.71 -24.24
CA ARG B 206 47.03 25.44 -25.48
C ARG B 206 45.54 25.43 -25.81
N GLN B 207 44.90 24.26 -25.75
CA GLN B 207 43.47 24.17 -26.06
C GLN B 207 42.56 24.86 -25.02
N ALA B 208 42.97 24.85 -23.75
CA ALA B 208 42.26 25.57 -22.74
C ALA B 208 42.12 27.07 -23.08
N ALA B 209 43.20 27.65 -23.60
CA ALA B 209 43.24 29.10 -23.86
C ALA B 209 42.38 29.46 -25.07
N LYS B 210 42.46 28.63 -26.11
CA LYS B 210 41.59 28.76 -27.28
C LYS B 210 40.14 28.67 -26.81
N GLY B 211 39.91 27.88 -25.77
CA GLY B 211 38.56 27.63 -25.27
C GLY B 211 37.94 28.79 -24.52
N GLY B 212 38.79 29.69 -24.05
CA GLY B 212 38.32 30.88 -23.35
C GLY B 212 38.99 31.15 -22.01
N ILE B 213 40.00 30.36 -21.63
CA ILE B 213 40.61 30.60 -20.32
C ILE B 213 41.59 31.76 -20.47
N ASP B 214 41.46 32.73 -19.54
CA ASP B 214 42.33 33.90 -19.47
C ASP B 214 43.32 33.72 -18.32
N LEU B 215 42.85 33.13 -17.22
CA LEU B 215 43.64 33.09 -15.97
C LEU B 215 43.75 31.68 -15.44
N PHE B 216 44.98 31.19 -15.36
CA PHE B 216 45.28 29.84 -14.96
C PHE B 216 45.89 29.86 -13.60
N ARG B 217 45.18 29.39 -12.61
CA ARG B 217 45.76 29.24 -11.30
C ARG B 217 46.31 27.86 -11.29
N VAL B 218 47.64 27.75 -11.26
CA VAL B 218 48.30 26.47 -11.42
C VAL B 218 49.05 26.13 -10.15
N PHE B 219 49.08 24.84 -9.83
CA PHE B 219 49.72 24.35 -8.58
C PHE B 219 50.24 22.93 -8.71
N ASP B 220 51.17 22.60 -7.83
CA ASP B 220 51.72 21.28 -7.71
C ASP B 220 51.38 20.75 -6.34
N CYS B 221 50.95 19.51 -6.28
CA CYS B 221 50.52 18.93 -5.00
C CYS B 221 51.59 18.77 -3.90
N LEU B 222 52.89 18.79 -4.23
CA LEU B 222 53.94 18.79 -3.17
C LEU B 222 54.79 20.11 -3.19
N ASN B 223 54.26 21.11 -3.91
CA ASN B 223 54.86 22.44 -4.10
C ASN B 223 56.24 22.32 -4.65
N TRP B 224 56.39 21.44 -5.64
CA TRP B 224 57.63 21.26 -6.32
C TRP B 224 57.71 22.12 -7.60
N VAL B 225 58.58 23.12 -7.61
CA VAL B 225 58.60 24.08 -8.73
C VAL B 225 59.07 23.44 -10.05
N GLU B 226 60.11 22.59 -10.01
CA GLU B 226 60.59 21.89 -11.21
C GLU B 226 59.40 21.37 -12.05
N ASN B 227 58.37 20.89 -11.33
CA ASN B 227 57.25 20.20 -11.95
C ASN B 227 56.19 21.18 -12.45
N MET B 228 56.38 22.46 -12.15
CA MET B 228 55.42 23.51 -12.53
C MET B 228 55.87 24.22 -13.81
N ARG B 229 57.16 24.04 -14.16
CA ARG B 229 57.82 24.85 -15.17
C ARG B 229 57.24 24.64 -16.53
N VAL B 230 57.00 23.37 -16.85
CA VAL B 230 56.29 23.00 -18.04
C VAL B 230 54.93 23.74 -18.09
N SER B 231 54.14 23.64 -17.03
CA SER B 231 52.84 24.29 -17.05
C SER B 231 52.99 25.78 -17.23
N MET B 232 53.83 26.38 -16.41
CA MET B 232 54.00 27.82 -16.42
C MET B 232 54.46 28.37 -17.80
N ASP B 233 55.49 27.74 -18.37
CA ASP B 233 55.93 28.13 -19.70
C ASP B 233 54.77 27.96 -20.71
N ALA B 234 54.12 26.81 -20.71
CA ALA B 234 52.97 26.64 -21.61
C ALA B 234 51.97 27.80 -21.50
N ILE B 235 51.67 28.23 -20.28
CA ILE B 235 50.65 29.27 -20.10
C ILE B 235 51.15 30.58 -20.67
N ALA B 236 52.41 30.89 -20.40
CA ALA B 236 53.02 32.09 -20.97
C ALA B 236 52.99 32.09 -22.51
N GLU B 237 53.21 30.96 -23.14
CA GLU B 237 53.25 30.86 -24.60
C GLU B 237 51.90 31.30 -25.20
N GLU B 238 50.81 31.06 -24.48
CA GLU B 238 49.48 31.41 -24.99
C GLU B 238 49.18 32.83 -24.64
N ASN B 239 50.07 33.43 -23.86
CA ASN B 239 49.97 34.80 -23.55
C ASN B 239 48.69 35.02 -22.76
N LYS B 240 48.58 34.23 -21.70
CA LYS B 240 47.50 34.30 -20.74
C LYS B 240 48.15 34.40 -19.39
N LEU B 241 47.35 34.55 -18.36
CA LEU B 241 47.85 34.79 -17.04
C LEU B 241 48.15 33.49 -16.34
N CYS B 242 49.42 33.31 -16.01
CA CYS B 242 49.90 32.29 -15.14
C CYS B 242 50.01 32.80 -13.71
N GLU B 243 49.07 32.35 -12.87
CA GLU B 243 49.06 32.58 -11.43
C GLU B 243 49.56 31.34 -10.73
N ALA B 244 50.83 31.37 -10.35
CA ALA B 244 51.48 30.20 -9.81
C ALA B 244 51.16 30.16 -8.33
N ALA B 245 50.58 29.05 -7.90
CA ALA B 245 50.09 28.92 -6.53
C ALA B 245 51.09 28.23 -5.62
N ILE B 246 51.12 28.69 -4.37
CA ILE B 246 51.82 28.04 -3.29
C ILE B 246 50.76 27.48 -2.34
N CYS B 247 50.70 26.17 -2.22
CA CYS B 247 49.78 25.53 -1.33
C CYS B 247 50.22 25.71 0.13
N TYR B 248 49.29 26.13 1.01
CA TYR B 248 49.57 26.33 2.44
C TYR B 248 49.15 25.15 3.34
N THR B 249 50.10 24.65 4.15
CA THR B 249 49.85 23.55 5.10
C THR B 249 50.59 23.92 6.40
N GLY B 250 50.36 23.22 7.48
CA GLY B 250 50.93 23.61 8.78
C GLY B 250 50.45 24.93 9.37
N ASP B 251 51.30 25.53 10.20
CA ASP B 251 51.04 26.79 10.90
C ASP B 251 52.35 27.59 11.01
N ILE B 252 52.53 28.60 10.16
CA ILE B 252 53.78 29.34 10.23
C ILE B 252 54.05 29.97 11.59
N LEU B 253 53.02 30.16 12.42
CA LEU B 253 53.24 30.81 13.73
C LEU B 253 53.48 29.81 14.88
N ASN B 254 53.59 28.52 14.55
CA ASN B 254 53.86 27.44 15.51
C ASN B 254 55.34 27.11 15.46
N SER B 255 56.12 27.62 16.43
CA SER B 255 57.59 27.44 16.43
C SER B 255 58.04 25.95 16.50
N ALA B 256 57.10 25.08 16.92
CA ALA B 256 57.30 23.63 16.95
C ALA B 256 56.90 22.83 15.67
N ARG B 257 56.83 23.47 14.51
CA ARG B 257 56.54 22.76 13.26
C ARG B 257 57.30 23.46 12.12
N PRO B 258 58.61 23.64 12.29
CA PRO B 258 59.34 24.64 11.50
C PRO B 258 59.61 24.24 10.03
N LYS B 259 59.21 23.03 9.65
CA LYS B 259 59.28 22.58 8.25
C LYS B 259 58.52 23.52 7.30
N TYR B 260 57.36 23.99 7.75
CA TYR B 260 56.51 24.87 6.95
C TYR B 260 56.51 26.29 7.53
N ASP B 261 57.70 26.88 7.67
CA ASP B 261 57.81 28.20 8.29
C ASP B 261 57.60 29.28 7.27
N LEU B 262 57.72 30.54 7.70
CA LEU B 262 57.46 31.68 6.80
C LEU B 262 58.41 31.64 5.58
N LYS B 263 59.72 31.43 5.83
CA LYS B 263 60.74 31.42 4.78
C LYS B 263 60.40 30.41 3.70
N TYR B 264 59.72 29.34 4.07
CA TYR B 264 59.39 28.30 3.12
C TYR B 264 58.43 28.85 2.11
N TYR B 265 57.53 29.73 2.56
CA TYR B 265 56.62 30.38 1.64
C TYR B 265 57.29 31.55 0.90
N THR B 266 58.13 32.34 1.56
CA THR B 266 58.70 33.49 0.87
C THR B 266 59.69 33.02 -0.17
N ASN B 267 60.49 32.00 0.12
CA ASN B 267 61.38 31.41 -0.89
C ASN B 267 60.66 30.83 -2.13
N LEU B 268 59.55 30.13 -1.91
CA LEU B 268 58.78 29.60 -3.02
C LEU B 268 58.19 30.69 -3.91
N ALA B 269 57.89 31.83 -3.30
CA ALA B 269 57.36 32.95 -4.04
C ALA B 269 58.43 33.39 -5.03
N VAL B 270 59.63 33.64 -4.50
CA VAL B 270 60.77 34.07 -5.29
C VAL B 270 61.09 33.06 -6.40
N GLU B 271 60.92 31.76 -6.12
CA GLU B 271 61.31 30.77 -7.11
C GLU B 271 60.31 30.85 -8.25
N LEU B 272 59.03 30.93 -7.90
CA LEU B 272 57.97 31.14 -8.93
C LEU B 272 58.10 32.45 -9.76
N GLU B 273 58.44 33.56 -9.13
CA GLU B 273 58.71 34.77 -9.92
C GLU B 273 59.75 34.46 -10.98
N LYS B 274 60.93 33.92 -10.57
CA LYS B 274 61.99 33.55 -11.50
C LYS B 274 61.45 32.57 -12.58
N ALA B 275 60.50 31.72 -12.21
CA ALA B 275 59.97 30.72 -13.16
C ALA B 275 58.99 31.29 -14.20
N GLY B 276 58.66 32.58 -14.03
CA GLY B 276 57.96 33.38 -15.04
C GLY B 276 56.51 33.66 -14.74
N ALA B 277 56.19 33.83 -13.46
CA ALA B 277 54.81 33.93 -13.00
C ALA B 277 54.33 35.35 -13.13
N HIS B 278 53.10 35.53 -13.54
CA HIS B 278 52.49 36.85 -13.54
C HIS B 278 51.88 37.18 -12.20
N ILE B 279 51.35 36.19 -11.50
CA ILE B 279 50.65 36.41 -10.22
C ILE B 279 51.06 35.30 -9.25
N ILE B 280 51.14 35.57 -7.94
CA ILE B 280 51.31 34.50 -6.96
C ILE B 280 50.01 34.28 -6.19
N ALA B 281 49.65 33.02 -6.06
CA ALA B 281 48.54 32.68 -5.27
C ALA B 281 49.05 31.96 -4.02
N VAL B 282 48.31 32.15 -2.92
CA VAL B 282 48.36 31.30 -1.75
C VAL B 282 47.07 30.49 -1.78
N KCX B 283 47.22 29.18 -1.93
CA KCX B 283 46.06 28.32 -2.07
CB KCX B 283 46.25 27.43 -3.31
CG KCX B 283 45.29 26.26 -3.33
CD KCX B 283 45.43 25.41 -4.58
CE KCX B 283 44.33 24.36 -4.51
NZ KCX B 283 43.07 24.71 -5.11
C KCX B 283 45.96 27.58 -0.75
O KCX B 283 46.75 26.68 -0.45
CX KCX B 283 41.93 24.90 -4.45
OQ1 KCX B 283 41.71 24.85 -3.22
OQ2 KCX B 283 40.94 25.23 -5.29
N ASP B 284 45.02 28.02 0.09
CA ASP B 284 44.81 27.45 1.39
C ASP B 284 43.71 26.45 1.21
N MET B 285 44.06 25.31 0.64
CA MET B 285 43.07 24.33 0.17
C MET B 285 42.24 23.70 1.27
N ALA B 286 42.78 23.71 2.49
CA ALA B 286 42.11 23.17 3.68
C ALA B 286 41.54 24.21 4.64
N GLY B 287 41.76 25.50 4.38
CA GLY B 287 41.33 26.53 5.30
C GLY B 287 42.07 26.56 6.63
N LEU B 288 43.38 26.40 6.56
CA LEU B 288 44.24 26.35 7.75
C LEU B 288 44.84 27.71 8.13
N LEU B 289 44.93 28.64 7.21
CA LEU B 289 45.58 29.89 7.51
C LEU B 289 44.70 30.69 8.48
N LYS B 290 45.27 31.03 9.62
CA LYS B 290 44.56 31.75 10.64
C LYS B 290 44.83 33.24 10.49
N PRO B 291 43.96 34.09 11.05
CA PRO B 291 44.13 35.53 10.82
C PRO B 291 45.50 36.13 11.18
N ALA B 292 45.98 35.92 12.38
CA ALA B 292 47.33 36.37 12.79
C ALA B 292 48.38 35.94 11.78
N ALA B 293 48.26 34.70 11.26
CA ALA B 293 49.21 34.20 10.25
C ALA B 293 49.07 34.96 8.94
N ALA B 294 47.84 35.16 8.48
CA ALA B 294 47.61 35.98 7.27
C ALA B 294 48.38 37.30 7.34
N LYS B 295 48.15 38.05 8.41
CA LYS B 295 48.81 39.33 8.64
C LYS B 295 50.33 39.27 8.43
N VAL B 296 50.97 38.24 8.97
CA VAL B 296 52.40 38.08 8.83
C VAL B 296 52.76 37.66 7.41
N LEU B 297 52.06 36.67 6.90
CA LEU B 297 52.47 36.02 5.66
C LEU B 297 52.43 37.00 4.52
N PHE B 298 51.28 37.68 4.39
CA PHE B 298 51.03 38.54 3.28
C PHE B 298 51.90 39.80 3.19
N LYS B 299 52.26 40.39 4.33
CA LYS B 299 53.33 41.39 4.40
C LYS B 299 54.62 40.80 3.87
N ALA B 300 55.00 39.63 4.37
CA ALA B 300 56.31 39.08 4.03
C ALA B 300 56.36 38.75 2.54
N LEU B 301 55.31 38.11 2.06
CA LEU B 301 55.21 37.83 0.64
C LEU B 301 55.35 39.10 -0.20
N ARG B 302 54.60 40.13 0.15
CA ARG B 302 54.66 41.31 -0.70
C ARG B 302 56.05 42.03 -0.64
N GLU B 303 56.86 41.74 0.37
CA GLU B 303 58.25 42.20 0.42
C GLU B 303 59.17 41.25 -0.37
N ALA B 304 58.91 39.96 -0.34
CA ALA B 304 59.71 38.98 -1.08
C ALA B 304 59.67 39.17 -2.57
N THR B 305 58.49 39.53 -3.08
CA THR B 305 58.26 39.71 -4.50
C THR B 305 57.41 40.94 -4.81
N GLY B 306 57.62 41.51 -5.99
CA GLY B 306 56.83 42.64 -6.42
C GLY B 306 55.55 42.26 -7.12
N LEU B 307 55.35 40.97 -7.37
CA LEU B 307 54.18 40.46 -8.06
C LEU B 307 52.97 40.60 -7.18
N PRO B 308 51.80 40.67 -7.79
CA PRO B 308 50.56 40.74 -7.00
C PRO B 308 50.29 39.41 -6.38
N ILE B 309 49.57 39.38 -5.27
CA ILE B 309 49.26 38.12 -4.58
C ILE B 309 47.75 37.85 -4.53
N HIS B 310 47.35 36.59 -4.66
CA HIS B 310 45.95 36.17 -4.74
C HIS B 310 45.66 35.09 -3.68
N PHE B 311 44.71 35.30 -2.78
CA PHE B 311 44.59 34.43 -1.63
C PHE B 311 43.37 33.60 -1.84
N HIS B 312 43.51 32.28 -1.77
CA HIS B 312 42.34 31.39 -1.91
C HIS B 312 42.25 30.53 -0.70
N THR B 313 41.05 30.41 -0.12
CA THR B 313 40.90 29.53 1.08
C THR B 313 39.53 28.90 1.23
N HIS B 314 39.36 27.97 2.17
CA HIS B 314 38.04 27.43 2.51
C HIS B 314 37.65 27.71 3.94
N ASP B 315 36.35 27.64 4.24
CA ASP B 315 35.75 28.03 5.52
C ASP B 315 35.36 26.89 6.42
N THR B 316 36.09 25.79 6.34
CA THR B 316 35.77 24.62 7.11
C THR B 316 35.88 24.90 8.60
N SER B 317 36.75 25.84 8.95
CA SER B 317 36.98 26.21 10.33
C SER B 317 35.85 27.03 10.87
N GLY B 318 35.14 27.71 9.99
CA GLY B 318 34.16 28.70 10.40
C GLY B 318 34.74 30.08 10.68
N ILE B 319 36.00 30.28 10.33
CA ILE B 319 36.62 31.58 10.51
C ILE B 319 37.42 32.05 9.30
N ALA B 320 37.37 31.32 8.20
CA ALA B 320 38.14 31.73 7.06
C ALA B 320 37.88 33.20 6.63
N ALA B 321 36.74 33.76 6.94
CA ALA B 321 36.49 35.14 6.55
C ALA B 321 37.35 36.08 7.36
N ALA B 322 37.60 35.78 8.62
CA ALA B 322 38.52 36.58 9.40
C ALA B 322 39.91 36.59 8.78
N THR B 323 40.30 35.47 8.21
CA THR B 323 41.62 35.33 7.63
C THR B 323 41.71 36.13 6.33
N VAL B 324 40.67 36.00 5.53
CA VAL B 324 40.55 36.78 4.32
C VAL B 324 40.63 38.27 4.59
N LEU B 325 39.83 38.76 5.55
CA LEU B 325 39.84 40.19 5.90
C LEU B 325 41.20 40.66 6.41
N ALA B 326 41.88 39.78 7.13
CA ALA B 326 43.20 40.06 7.61
C ALA B 326 44.15 40.11 6.41
N ALA B 327 43.99 39.17 5.49
CA ALA B 327 44.80 39.22 4.27
C ALA B 327 44.65 40.54 3.57
N VAL B 328 43.42 41.07 3.59
CA VAL B 328 43.15 42.36 2.96
C VAL B 328 43.81 43.54 3.68
N GLU B 329 43.83 43.52 5.01
CA GLU B 329 44.41 44.59 5.80
C GLU B 329 45.87 44.58 5.52
N ALA B 330 46.42 43.40 5.24
CA ALA B 330 47.83 43.23 5.00
C ALA B 330 48.25 43.52 3.55
N GLY B 331 47.30 43.91 2.69
CA GLY B 331 47.61 44.41 1.36
C GLY B 331 47.46 43.44 0.20
N VAL B 332 46.87 42.28 0.47
CA VAL B 332 46.75 41.23 -0.53
C VAL B 332 46.00 41.79 -1.70
N ASP B 333 46.38 41.33 -2.89
CA ASP B 333 45.91 41.99 -4.09
C ASP B 333 44.58 41.51 -4.56
N ALA B 334 44.25 40.25 -4.29
CA ALA B 334 43.02 39.63 -4.78
C ALA B 334 42.62 38.49 -3.85
N VAL B 335 41.31 38.23 -3.74
CA VAL B 335 40.83 37.15 -2.89
C VAL B 335 39.69 36.42 -3.52
N ASP B 336 39.48 35.17 -3.14
CA ASP B 336 38.39 34.38 -3.69
C ASP B 336 37.23 34.31 -2.69
N ALA B 337 36.01 34.36 -3.17
CA ALA B 337 34.89 34.01 -2.29
C ALA B 337 33.79 33.37 -3.11
N ALA B 338 32.78 32.85 -2.43
CA ALA B 338 31.68 32.19 -3.09
C ALA B 338 30.39 32.87 -2.76
N MET B 339 29.46 32.79 -3.70
CA MET B 339 28.20 33.41 -3.47
C MET B 339 27.52 32.82 -2.24
N ASP B 340 26.82 33.67 -1.50
CA ASP B 340 26.41 33.36 -0.11
C ASP B 340 25.79 31.99 -0.10
N ALA B 341 24.93 31.71 -1.08
CA ALA B 341 24.11 30.51 -1.12
C ALA B 341 24.90 29.24 -1.23
N LEU B 342 26.16 29.33 -1.68
CA LEU B 342 27.05 28.22 -1.82
C LEU B 342 28.36 28.50 -1.09
N SER B 343 28.23 29.17 0.03
CA SER B 343 29.40 29.50 0.82
C SER B 343 29.31 28.85 2.17
N GLY B 344 30.42 28.86 2.87
CA GLY B 344 30.52 28.33 4.17
C GLY B 344 31.08 26.93 4.16
N ASN B 345 31.40 26.48 5.36
CA ASN B 345 31.86 25.16 5.56
C ASN B 345 33.06 24.88 4.75
N THR B 346 32.95 23.83 3.95
CA THR B 346 34.02 23.38 3.09
C THR B 346 34.14 24.13 1.78
N SER B 347 33.19 25.03 1.50
CA SER B 347 33.33 25.93 0.36
C SER B 347 34.17 27.12 0.80
N GLN B 348 34.25 28.14 -0.05
CA GLN B 348 34.87 29.40 0.34
C GLN B 348 33.95 30.18 1.26
N PRO B 349 34.53 31.15 1.99
CA PRO B 349 33.75 32.03 2.84
C PRO B 349 32.82 32.91 2.04
N CYS B 350 31.84 33.49 2.72
CA CYS B 350 30.74 34.21 2.09
C CYS B 350 31.14 35.50 1.41
N LEU B 351 30.88 35.59 0.10
CA LEU B 351 31.19 36.76 -0.68
C LEU B 351 30.51 38.05 -0.18
N GLY B 352 29.20 38.02 -0.07
CA GLY B 352 28.48 39.23 0.23
C GLY B 352 28.86 39.82 1.57
N SER B 353 29.18 38.97 2.53
CA SER B 353 29.47 39.49 3.85
C SER B 353 30.91 40.04 3.89
N ILE B 354 31.81 39.34 3.20
CA ILE B 354 33.14 39.87 3.00
C ILE B 354 33.04 41.28 2.38
N VAL B 355 32.31 41.38 1.27
CA VAL B 355 32.16 42.65 0.56
C VAL B 355 31.51 43.68 1.47
N GLU B 356 30.48 43.25 2.16
CA GLU B 356 29.85 44.08 3.13
C GLU B 356 30.80 44.62 4.21
N ALA B 357 31.73 43.80 4.62
CA ALA B 357 32.69 44.14 5.64
C ALA B 357 33.67 45.16 5.12
N LEU B 358 33.91 45.19 3.80
CA LEU B 358 34.84 46.17 3.24
C LEU B 358 34.22 47.49 2.83
N SER B 359 32.90 47.44 2.78
CA SER B 359 32.15 48.46 2.13
C SER B 359 32.46 49.74 2.86
N GLY B 360 32.85 50.79 2.13
CA GLY B 360 33.20 52.07 2.74
C GLY B 360 34.66 52.28 3.13
N SER B 361 35.49 51.25 3.01
CA SER B 361 36.83 51.34 3.55
C SER B 361 37.77 51.65 2.40
N GLU B 362 39.02 51.99 2.70
CA GLU B 362 40.02 52.31 1.67
C GLU B 362 40.11 51.25 0.56
N ARG B 363 40.00 50.01 0.95
CA ARG B 363 40.15 48.91 0.00
C ARG B 363 38.81 48.36 -0.53
N ASP B 364 37.75 49.10 -0.26
CA ASP B 364 36.41 48.79 -0.79
C ASP B 364 36.47 48.27 -2.22
N PRO B 365 35.88 47.11 -2.49
CA PRO B 365 35.97 46.53 -3.80
C PRO B 365 34.93 46.99 -4.81
N GLY B 366 34.01 47.85 -4.41
CA GLY B 366 33.06 48.41 -5.32
C GLY B 366 32.11 47.42 -5.96
N LEU B 367 31.44 46.55 -5.20
CA LEU B 367 30.48 45.63 -5.78
C LEU B 367 29.10 45.92 -5.16
N ASP B 368 28.03 45.95 -5.96
CA ASP B 368 26.69 46.31 -5.47
C ASP B 368 26.10 45.21 -4.63
N PRO B 369 25.89 45.49 -3.36
CA PRO B 369 25.43 44.42 -2.46
C PRO B 369 24.06 43.93 -2.85
N ALA B 370 23.20 44.80 -3.38
CA ALA B 370 21.91 44.31 -3.85
C ALA B 370 22.01 43.36 -5.04
N TRP B 371 23.03 43.51 -5.87
CA TRP B 371 23.20 42.55 -6.97
C TRP B 371 23.77 41.23 -6.52
N ILE B 372 24.62 41.31 -5.51
CA ILE B 372 25.26 40.11 -4.92
C ILE B 372 24.14 39.22 -4.36
N ARG B 373 23.25 39.81 -3.60
CA ARG B 373 22.08 39.16 -3.10
C ARG B 373 21.20 38.61 -4.24
N ARG B 374 20.86 39.44 -5.23
CA ARG B 374 19.97 39.01 -6.30
C ARG B 374 20.52 37.73 -6.90
N ILE B 375 21.82 37.68 -7.13
CA ILE B 375 22.47 36.52 -7.73
C ILE B 375 22.54 35.36 -6.70
N SER B 376 22.73 35.71 -5.43
CA SER B 376 22.77 34.71 -4.39
C SER B 376 21.41 34.05 -4.32
N PHE B 377 20.31 34.79 -4.42
CA PHE B 377 18.99 34.19 -4.32
C PHE B 377 18.82 33.24 -5.50
N TYR B 378 19.53 33.48 -6.59
CA TYR B 378 19.45 32.61 -7.72
C TYR B 378 20.15 31.29 -7.45
N TRP B 379 21.37 31.36 -6.98
CA TRP B 379 22.12 30.15 -6.66
C TRP B 379 21.40 29.36 -5.58
N GLU B 380 20.68 30.04 -4.70
CA GLU B 380 19.91 29.31 -3.66
C GLU B 380 18.75 28.45 -4.27
N ALA B 381 18.06 29.02 -5.26
CA ALA B 381 17.06 28.34 -6.01
C ALA B 381 17.65 27.27 -6.90
N VAL B 382 18.79 27.60 -7.53
CA VAL B 382 19.53 26.58 -8.26
C VAL B 382 19.87 25.44 -7.34
N ARG B 383 20.46 25.75 -6.18
CA ARG B 383 21.00 24.72 -5.31
C ARG B 383 19.96 23.74 -4.76
N ASN B 384 18.74 24.20 -4.56
CA ASN B 384 17.69 23.34 -4.08
C ASN B 384 17.42 22.23 -5.07
N GLN B 385 17.77 22.43 -6.34
CA GLN B 385 17.55 21.39 -7.36
C GLN B 385 18.51 20.22 -7.23
N TYR B 386 19.63 20.45 -6.55
CA TYR B 386 20.63 19.44 -6.31
C TYR B 386 20.58 18.82 -4.90
N ALA B 387 19.40 18.80 -4.27
CA ALA B 387 19.25 18.17 -2.97
C ALA B 387 19.96 16.85 -2.86
N ALA B 388 19.95 16.07 -3.94
CA ALA B 388 20.44 14.68 -3.95
C ALA B 388 21.93 14.55 -3.62
N PHE B 389 22.61 15.69 -3.66
CA PHE B 389 24.05 15.76 -3.54
C PHE B 389 24.51 16.50 -2.27
N GLU B 390 23.58 16.99 -1.46
CA GLU B 390 23.95 17.60 -0.18
C GLU B 390 24.61 16.57 0.74
N SER B 391 25.62 16.99 1.47
CA SER B 391 26.23 16.18 2.50
C SER B 391 25.52 16.47 3.78
N ASP B 392 25.98 15.87 4.88
CA ASP B 392 25.29 16.01 6.16
C ASP B 392 26.14 16.90 7.07
N LEU B 393 26.95 17.74 6.46
CA LEU B 393 27.82 18.59 7.21
C LEU B 393 26.97 19.70 7.81
N LYS B 394 27.05 19.84 9.13
CA LYS B 394 26.23 20.79 9.85
C LYS B 394 26.90 22.12 10.10
N GLY B 395 28.23 22.23 10.04
CA GLY B 395 28.85 23.53 10.37
C GLY B 395 30.32 23.54 10.57
N PRO B 396 30.84 24.59 11.17
CA PRO B 396 32.28 24.71 11.32
C PRO B 396 32.83 23.55 12.10
N ALA B 397 34.11 23.24 11.88
CA ALA B 397 34.83 22.22 12.62
C ALA B 397 36.32 22.56 12.77
N SER B 398 36.78 22.78 14.00
CA SER B 398 38.15 23.13 14.27
C SER B 398 39.00 21.86 14.14
N GLU B 399 38.32 20.74 14.10
CA GLU B 399 38.93 19.47 13.78
C GLU B 399 39.80 19.60 12.53
N VAL B 400 39.45 20.51 11.64
CA VAL B 400 40.21 20.69 10.44
C VAL B 400 41.69 20.97 10.71
N TYR B 401 41.99 21.60 11.85
CA TYR B 401 43.38 21.90 12.17
C TYR B 401 44.09 20.66 12.58
N LEU B 402 43.35 19.61 12.86
CA LEU B 402 43.96 18.33 13.17
C LEU B 402 44.21 17.53 11.90
N HIS B 403 43.25 17.44 11.00
CA HIS B 403 43.41 16.47 9.92
C HIS B 403 43.98 17.05 8.66
N GLU B 404 43.69 18.30 8.38
CA GLU B 404 44.19 18.98 7.18
C GLU B 404 43.61 18.45 5.87
N MET B 405 42.43 17.85 5.96
CA MET B 405 41.71 17.43 4.77
C MET B 405 41.27 18.66 4.04
N PRO B 406 41.51 18.73 2.72
CA PRO B 406 41.01 19.85 1.89
C PRO B 406 39.51 19.88 1.85
N GLY B 407 38.96 21.08 1.84
CA GLY B 407 37.51 21.27 1.78
C GLY B 407 36.89 20.37 0.74
N GLY B 408 37.47 20.42 -0.45
CA GLY B 408 36.96 19.72 -1.62
C GLY B 408 37.18 18.21 -1.65
N GLN B 409 37.60 17.67 -0.51
CA GLN B 409 37.75 16.22 -0.29
C GLN B 409 36.85 15.73 0.81
N PHE B 410 36.60 16.60 1.77
CA PHE B 410 36.00 16.19 3.04
C PHE B 410 34.79 15.29 2.84
N THR B 411 33.87 15.73 2.01
CA THR B 411 32.66 14.99 1.84
C THR B 411 32.97 13.73 1.08
N ASN B 412 33.64 13.88 -0.06
CA ASN B 412 34.11 12.78 -0.89
C ASN B 412 34.72 11.62 -0.07
N LEU B 413 35.54 11.97 0.91
CA LEU B 413 36.15 10.96 1.76
C LEU B 413 35.18 10.42 2.79
N LYS B 414 34.25 11.23 3.28
CA LYS B 414 33.20 10.70 4.19
C LYS B 414 32.29 9.70 3.43
N GLU B 415 32.15 9.83 2.11
CA GLU B 415 31.39 8.85 1.31
C GLU B 415 32.13 7.54 1.02
N GLN B 416 33.45 7.59 0.94
CA GLN B 416 34.24 6.37 0.69
C GLN B 416 34.21 5.54 1.97
N ALA B 417 34.28 6.23 3.10
CA ALA B 417 34.27 5.55 4.40
C ALA B 417 32.89 5.03 4.78
N ARG B 418 31.83 5.74 4.39
CA ARG B 418 30.47 5.23 4.53
C ARG B 418 30.31 4.04 3.59
N SER B 419 30.82 4.18 2.38
CA SER B 419 30.91 3.07 1.44
C SER B 419 31.77 1.89 1.95
N LEU B 420 32.83 2.15 2.73
CA LEU B 420 33.65 1.07 3.34
C LEU B 420 33.08 0.65 4.71
N GLY B 421 31.89 1.17 5.03
CA GLY B 421 31.14 0.75 6.22
C GLY B 421 31.68 1.33 7.52
N LEU B 422 32.12 2.59 7.51
CA LEU B 422 32.88 3.15 8.64
C LEU B 422 32.33 4.47 9.24
N GLU B 423 31.09 4.84 8.86
CA GLU B 423 30.44 6.10 9.32
C GLU B 423 30.61 6.30 10.81
N THR B 424 30.45 5.20 11.54
CA THR B 424 30.64 5.16 12.98
C THR B 424 32.06 5.59 13.41
N ARG B 425 33.11 5.06 12.78
CA ARG B 425 34.49 5.34 13.23
C ARG B 425 35.15 6.55 12.51
N TRP B 426 34.34 7.52 12.06
CA TRP B 426 34.87 8.60 11.23
C TRP B 426 35.89 9.47 11.93
N HIS B 427 35.79 9.65 13.25
CA HIS B 427 36.75 10.51 13.95
C HIS B 427 38.11 9.80 14.01
N GLN B 428 38.09 8.48 13.92
CA GLN B 428 39.34 7.69 13.83
C GLN B 428 39.95 7.88 12.43
N VAL B 429 39.10 7.87 11.41
CA VAL B 429 39.58 8.12 10.05
C VAL B 429 40.40 9.42 10.01
N ALA B 430 39.87 10.47 10.61
CA ALA B 430 40.54 11.77 10.63
C ALA B 430 41.89 11.71 11.34
N GLN B 431 41.95 10.95 12.43
CA GLN B 431 43.18 10.83 13.19
C GLN B 431 44.17 10.02 12.32
N ALA B 432 43.66 8.99 11.66
CA ALA B 432 44.47 8.23 10.70
C ALA B 432 45.10 9.12 9.61
N TYR B 433 44.29 9.96 8.99
CA TYR B 433 44.76 10.92 8.01
C TYR B 433 45.98 11.68 8.55
N ALA B 434 45.91 12.13 9.80
CA ALA B 434 46.99 12.96 10.37
C ALA B 434 48.18 12.11 10.83
N ASP B 435 47.90 10.91 11.35
CA ASP B 435 48.93 9.89 11.57
C ASP B 435 49.56 9.53 10.21
N ALA B 436 48.72 9.21 9.23
CA ALA B 436 49.16 8.92 7.87
C ALA B 436 49.99 10.06 7.29
N ASN B 437 49.51 11.27 7.46
CA ASN B 437 50.25 12.41 6.97
C ASN B 437 51.66 12.48 7.55
N GLN B 438 51.78 12.17 8.85
CA GLN B 438 53.08 12.26 9.54
C GLN B 438 54.03 11.17 9.10
N MET B 439 53.43 10.02 8.82
CA MET B 439 54.15 8.87 8.31
C MET B 439 54.91 9.27 7.06
N PHE B 440 54.25 10.02 6.17
CA PHE B 440 54.89 10.47 4.93
C PHE B 440 55.91 11.59 5.11
N GLY B 441 56.17 12.02 6.34
CA GLY B 441 57.15 13.07 6.60
C GLY B 441 56.55 14.46 6.75
N ASP B 442 55.20 14.53 6.79
CA ASP B 442 54.44 15.79 6.91
C ASP B 442 54.44 16.53 5.59
N ILE B 443 53.36 16.42 4.82
CA ILE B 443 53.37 16.94 3.44
C ILE B 443 52.14 17.74 3.04
N VAL B 444 52.25 18.41 1.90
CA VAL B 444 51.13 19.13 1.35
C VAL B 444 50.09 18.12 0.88
N LYS B 445 48.84 18.27 1.36
CA LYS B 445 47.75 17.40 0.95
C LYS B 445 46.73 18.18 0.16
N VAL B 446 46.89 18.13 -1.15
CA VAL B 446 46.00 18.74 -2.13
C VAL B 446 45.85 17.72 -3.26
N THR B 447 44.86 17.89 -4.15
CA THR B 447 44.60 16.89 -5.19
C THR B 447 45.81 16.77 -6.13
N PRO B 448 46.37 15.55 -6.31
CA PRO B 448 45.98 14.19 -5.87
C PRO B 448 46.66 13.59 -4.63
N SER B 449 47.68 14.25 -4.06
CA SER B 449 48.27 13.74 -2.80
C SER B 449 47.23 13.60 -1.69
N SER B 450 46.29 14.55 -1.63
CA SER B 450 45.17 14.39 -0.71
C SER B 450 44.56 12.98 -0.82
N LYS B 451 44.33 12.52 -2.06
CA LYS B 451 43.67 11.23 -2.28
C LYS B 451 44.53 10.08 -1.78
N VAL B 452 45.83 10.18 -2.01
CA VAL B 452 46.75 9.15 -1.59
C VAL B 452 46.66 8.98 -0.09
N VAL B 453 46.68 10.11 0.63
CA VAL B 453 46.58 10.02 2.07
C VAL B 453 45.18 9.56 2.48
N GLY B 454 44.17 9.92 1.69
CA GLY B 454 42.80 9.44 1.87
C GLY B 454 42.78 7.94 1.76
N ASP B 455 43.39 7.42 0.71
CA ASP B 455 43.46 5.98 0.49
C ASP B 455 44.18 5.21 1.61
N MET B 456 45.14 5.86 2.27
CA MET B 456 45.95 5.23 3.31
CA MET B 456 45.94 5.22 3.32
C MET B 456 45.17 5.22 4.63
N ALA B 457 44.61 6.36 4.98
CA ALA B 457 43.86 6.41 6.23
C ALA B 457 42.75 5.36 6.25
N LEU B 458 41.96 5.30 5.18
CA LEU B 458 40.86 4.33 5.04
C LEU B 458 41.36 2.90 5.28
N MET B 459 42.43 2.54 4.60
CA MET B 459 43.02 1.25 4.78
C MET B 459 43.33 1.02 6.26
N MET B 460 44.02 1.97 6.89
CA MET B 460 44.50 1.81 8.28
C MET B 460 43.37 1.53 9.29
N VAL B 461 42.26 2.24 9.13
CA VAL B 461 41.10 2.06 10.02
C VAL B 461 40.52 0.67 9.78
N SER B 462 40.03 0.41 8.56
CA SER B 462 39.56 -0.95 8.17
C SER B 462 40.42 -2.08 8.75
N GLN B 463 41.72 -2.05 8.43
CA GLN B 463 42.60 -3.16 8.75
C GLN B 463 43.35 -2.97 10.09
N ASP B 464 42.83 -2.08 10.93
CA ASP B 464 43.33 -1.86 12.31
C ASP B 464 44.85 -1.78 12.43
N LEU B 465 45.44 -0.81 11.73
CA LEU B 465 46.90 -0.61 11.71
C LEU B 465 47.34 0.74 12.26
N THR B 466 48.37 0.71 13.10
CA THR B 466 48.99 1.91 13.63
C THR B 466 50.06 2.34 12.64
N VAL B 467 50.57 3.56 12.79
CA VAL B 467 51.69 4.02 11.98
C VAL B 467 52.84 3.05 12.18
N ALA B 468 53.13 2.74 13.44
CA ALA B 468 54.25 1.85 13.78
C ALA B 468 54.06 0.34 13.40
N ASP B 469 52.82 -0.06 13.09
CA ASP B 469 52.56 -1.34 12.41
C ASP B 469 52.91 -1.14 10.94
N VAL B 470 52.27 -0.15 10.33
CA VAL B 470 52.48 0.18 8.92
C VAL B 470 53.98 0.11 8.50
N VAL B 471 54.82 0.83 9.28
CA VAL B 471 56.27 0.85 9.05
C VAL B 471 57.00 -0.43 9.51
N SER B 472 56.33 -1.29 10.29
CA SER B 472 56.99 -2.48 10.83
C SER B 472 57.40 -3.44 9.71
N PRO B 473 58.44 -4.29 9.95
CA PRO B 473 58.96 -5.27 8.98
C PRO B 473 58.32 -6.69 9.00
N ASP B 474 57.84 -7.15 10.15
CA ASP B 474 57.14 -8.43 10.22
C ASP B 474 55.63 -8.26 10.39
N ARG B 475 55.03 -7.26 9.72
CA ARG B 475 53.56 -7.11 9.68
C ARG B 475 53.08 -6.90 8.24
N GLU B 476 52.47 -7.94 7.65
CA GLU B 476 52.16 -7.97 6.21
C GLU B 476 50.88 -7.20 5.82
N VAL B 477 51.03 -6.26 4.87
CA VAL B 477 49.93 -5.37 4.40
C VAL B 477 50.08 -4.95 2.91
N SER B 478 48.99 -5.09 2.14
CA SER B 478 49.00 -4.72 0.73
C SER B 478 48.45 -3.31 0.54
N PHE B 479 49.26 -2.46 -0.07
CA PHE B 479 49.00 -1.00 -0.16
C PHE B 479 48.02 -0.70 -1.31
N PRO B 480 47.33 0.46 -1.25
CA PRO B 480 46.53 0.91 -2.39
C PRO B 480 47.44 1.39 -3.54
N GLU B 481 47.19 0.91 -4.76
CA GLU B 481 48.04 1.23 -5.92
C GLU B 481 48.49 2.69 -5.86
N SER B 482 47.57 3.59 -5.48
CA SER B 482 47.86 5.01 -5.33
C SER B 482 49.13 5.33 -4.53
N VAL B 483 49.32 4.61 -3.43
CA VAL B 483 50.48 4.83 -2.56
C VAL B 483 51.79 4.24 -3.15
N VAL B 484 51.70 3.10 -3.81
CA VAL B 484 52.87 2.59 -4.52
C VAL B 484 53.26 3.68 -5.52
N SER B 485 52.23 4.13 -6.26
CA SER B 485 52.47 5.13 -7.31
C SER B 485 53.22 6.37 -6.79
N MET B 486 52.76 6.92 -5.68
CA MET B 486 53.34 8.16 -5.14
C MET B 486 54.69 7.90 -4.48
N LEU B 487 54.83 6.72 -3.89
CA LEU B 487 56.05 6.37 -3.20
C LEU B 487 57.22 6.08 -4.20
N LYS B 488 56.92 5.60 -5.40
CA LYS B 488 57.99 5.44 -6.42
C LYS B 488 58.49 6.82 -6.88
N GLY B 489 57.57 7.79 -6.98
CA GLY B 489 57.87 9.14 -7.47
C GLY B 489 56.99 9.67 -8.63
N ASP B 490 55.79 9.09 -8.77
CA ASP B 490 54.88 9.42 -9.87
C ASP B 490 54.23 10.78 -9.70
N LEU B 491 54.11 11.27 -8.47
CA LEU B 491 53.49 12.61 -8.27
C LEU B 491 54.52 13.67 -7.87
N GLY B 492 55.78 13.26 -7.76
CA GLY B 492 56.87 14.18 -7.45
C GLY B 492 57.68 13.80 -6.20
N GLN B 493 58.38 14.83 -5.69
CA GLN B 493 59.30 14.73 -4.57
C GLN B 493 59.10 15.87 -3.55
N PRO B 494 58.76 15.55 -2.30
CA PRO B 494 58.71 16.57 -1.24
C PRO B 494 60.11 16.98 -0.75
N PRO B 495 60.20 18.14 -0.06
CA PRO B 495 61.46 18.72 0.44
C PRO B 495 62.62 17.76 0.77
N SER B 496 62.53 16.93 1.81
CA SER B 496 63.65 16.04 2.13
C SER B 496 63.55 14.67 1.43
N GLY B 497 62.75 14.60 0.36
CA GLY B 497 62.39 13.30 -0.23
C GLY B 497 61.48 12.47 0.67
N TRP B 498 61.24 11.22 0.26
CA TRP B 498 60.37 10.31 1.02
C TRP B 498 61.15 9.51 2.10
N PRO B 499 60.56 9.34 3.31
CA PRO B 499 61.13 8.47 4.39
C PRO B 499 61.59 7.10 3.89
N GLU B 500 62.87 6.78 4.05
CA GLU B 500 63.44 5.69 3.30
C GLU B 500 62.73 4.35 3.58
N ALA B 501 62.25 4.18 4.80
CA ALA B 501 61.80 2.85 5.28
C ALA B 501 60.37 2.50 4.84
N LEU B 502 59.42 3.41 5.05
CA LEU B 502 58.08 3.23 4.48
C LEU B 502 58.28 2.79 3.01
N GLN B 503 59.05 3.62 2.30
CA GLN B 503 59.35 3.48 0.86
C GLN B 503 59.84 2.08 0.43
N LYS B 504 60.73 1.47 1.21
CA LYS B 504 61.27 0.17 0.81
C LYS B 504 60.20 -0.92 0.86
N LYS B 505 59.24 -0.77 1.77
CA LYS B 505 58.26 -1.84 2.04
C LYS B 505 57.06 -1.77 1.13
N ALA B 506 56.75 -0.56 0.64
CA ALA B 506 55.71 -0.37 -0.36
C ALA B 506 56.14 -0.91 -1.73
N LEU B 507 57.35 -0.54 -2.16
CA LEU B 507 57.81 -0.90 -3.49
C LEU B 507 58.28 -2.37 -3.64
N LYS B 508 58.29 -3.11 -2.54
CA LYS B 508 58.57 -4.52 -2.63
C LYS B 508 59.79 -4.73 -3.52
N GLU B 510 61.14 -2.98 -6.65
CA GLU B 510 60.90 -1.77 -7.49
C GLU B 510 61.65 -0.51 -7.00
N LYS B 511 62.67 -0.14 -7.78
CA LYS B 511 63.56 0.97 -7.44
C LYS B 511 62.81 2.25 -7.68
N PRO B 512 62.75 3.14 -6.67
CA PRO B 512 62.10 4.45 -6.83
C PRO B 512 62.94 5.39 -7.65
N TYR B 513 62.31 6.40 -8.24
CA TYR B 513 63.04 7.44 -8.96
C TYR B 513 62.70 8.81 -8.37
N THR B 514 63.62 9.76 -8.50
CA THR B 514 63.47 11.09 -7.90
C THR B 514 63.56 12.24 -8.92
N VAL B 515 63.58 11.91 -10.20
CA VAL B 515 63.63 12.93 -11.24
C VAL B 515 62.22 13.48 -11.46
N ARG B 516 62.07 14.33 -12.46
CA ARG B 516 60.78 14.89 -12.83
C ARG B 516 60.03 13.82 -13.66
N PRO B 517 58.85 13.39 -13.20
CA PRO B 517 58.05 12.33 -13.83
C PRO B 517 57.87 12.35 -15.36
N GLY B 518 57.70 13.53 -15.94
CA GLY B 518 57.52 13.66 -17.38
C GLY B 518 58.84 13.83 -18.11
N SER B 519 59.94 13.90 -17.34
CA SER B 519 61.29 13.82 -17.91
C SER B 519 61.67 12.37 -18.12
N LEU B 520 60.85 11.43 -17.63
CA LEU B 520 60.97 10.03 -18.02
C LEU B 520 59.90 9.71 -19.06
N LEU B 521 58.65 10.03 -18.71
CA LEU B 521 57.47 9.68 -19.52
C LEU B 521 57.71 10.00 -21.00
N LYS B 522 57.55 9.01 -21.86
CA LYS B 522 57.76 9.20 -23.30
C LYS B 522 56.67 10.17 -23.80
N GLU B 523 57.01 10.96 -24.82
CA GLU B 523 56.02 11.87 -25.42
C GLU B 523 54.95 11.04 -26.11
N ALA B 524 53.69 11.38 -25.90
CA ALA B 524 52.60 10.74 -26.63
C ALA B 524 52.78 11.04 -28.12
N ASP B 525 52.28 10.15 -28.97
CA ASP B 525 52.22 10.41 -30.41
C ASP B 525 50.85 11.03 -30.69
N LEU B 526 50.79 12.35 -30.80
CA LEU B 526 49.49 13.04 -30.82
C LEU B 526 48.73 12.67 -32.10
N ASP B 527 49.45 12.47 -33.19
CA ASP B 527 48.83 12.01 -34.42
C ASP B 527 48.32 10.54 -34.30
N ALA B 528 49.08 9.67 -33.64
CA ALA B 528 48.71 8.24 -33.51
C ALA B 528 47.73 7.94 -32.37
N GLU B 529 47.75 8.75 -31.31
CA GLU B 529 46.77 8.60 -30.22
C GLU B 529 45.43 9.21 -30.64
N ARG B 530 45.44 9.95 -31.76
CA ARG B 530 44.23 10.48 -32.40
C ARG B 530 43.49 9.43 -33.20
N LYS B 531 44.19 8.76 -34.12
CA LYS B 531 43.56 7.70 -34.90
C LYS B 531 42.66 6.83 -34.01
N VAL B 532 43.18 6.40 -32.86
CA VAL B 532 42.51 5.35 -32.05
C VAL B 532 41.14 5.79 -31.55
N ILE B 533 40.96 7.10 -31.31
CA ILE B 533 39.65 7.67 -30.93
C ILE B 533 38.79 8.11 -32.15
N GLU B 534 39.38 8.22 -33.34
CA GLU B 534 38.58 8.49 -34.54
C GLU B 534 38.11 7.19 -35.21
N LYS B 535 38.93 6.14 -35.16
CA LYS B 535 38.49 4.80 -35.59
C LYS B 535 37.51 4.18 -34.59
N LYS B 536 37.54 4.65 -33.34
CA LYS B 536 36.65 4.14 -32.29
C LYS B 536 35.30 4.89 -32.22
N LEU B 537 35.28 6.19 -32.50
CA LEU B 537 33.99 6.90 -32.62
C LEU B 537 33.58 7.06 -34.10
N GLU B 538 34.34 6.44 -35.00
CA GLU B 538 34.05 6.47 -36.46
C GLU B 538 33.66 7.88 -36.92
N ARG B 539 34.46 8.86 -36.54
CA ARG B 539 34.17 10.27 -36.79
C ARG B 539 35.44 11.07 -36.61
N GLU B 540 35.53 12.18 -37.33
CA GLU B 540 36.51 13.21 -37.00
C GLU B 540 36.00 13.86 -35.71
N VAL B 541 36.92 14.22 -34.81
CA VAL B 541 36.58 14.94 -33.58
C VAL B 541 37.20 16.34 -33.60
N SER B 542 36.80 17.21 -32.66
CA SER B 542 37.42 18.54 -32.55
C SER B 542 38.76 18.45 -31.81
N ASP B 543 39.63 19.42 -32.05
CA ASP B 543 40.86 19.60 -31.27
C ASP B 543 40.58 19.65 -29.77
N PHE B 544 39.47 20.28 -29.39
CA PHE B 544 38.97 20.24 -28.00
C PHE B 544 38.52 18.81 -27.56
N GLU B 545 37.78 18.09 -28.41
CA GLU B 545 37.42 16.72 -28.08
C GLU B 545 38.65 15.83 -27.89
N PHE B 546 39.67 16.06 -28.72
CA PHE B 546 40.90 15.28 -28.61
C PHE B 546 41.53 15.55 -27.25
N ALA B 547 41.45 16.79 -26.76
CA ALA B 547 42.07 17.07 -25.48
C ALA B 547 41.35 16.34 -24.34
N SER B 548 40.02 16.30 -24.38
CA SER B 548 39.26 15.53 -23.40
C SER B 548 39.76 14.07 -23.39
N TYR B 549 40.11 13.55 -24.57
CA TYR B 549 40.54 12.16 -24.66
C TYR B 549 41.91 11.94 -24.04
N LEU B 550 42.84 12.83 -24.34
CA LEU B 550 44.20 12.75 -23.80
C LEU B 550 44.18 12.59 -22.31
N MET B 551 43.27 13.33 -21.68
CA MET B 551 43.18 13.45 -20.24
C MET B 551 42.42 12.27 -19.71
N TYR B 552 41.34 11.93 -20.41
CA TYR B 552 40.36 10.94 -19.95
C TYR B 552 39.95 10.04 -21.08
N PRO B 553 40.80 9.08 -21.41
CA PRO B 553 40.44 8.20 -22.50
C PRO B 553 39.01 7.58 -22.35
N LYS B 554 38.76 6.79 -21.33
CA LYS B 554 37.44 6.12 -21.23
C LYS B 554 36.32 7.10 -20.88
N VAL B 555 36.53 8.04 -19.96
CA VAL B 555 35.41 8.92 -19.57
C VAL B 555 34.99 9.62 -20.85
N PHE B 556 35.98 10.07 -21.63
CA PHE B 556 35.62 10.81 -22.82
C PHE B 556 34.88 9.89 -23.77
N THR B 557 35.45 8.72 -23.99
CA THR B 557 34.84 7.72 -24.88
C THR B 557 33.36 7.44 -24.54
N ASP B 558 33.10 7.12 -23.28
CA ASP B 558 31.74 6.80 -22.85
C ASP B 558 30.83 8.04 -23.01
N PHE B 559 31.40 9.22 -22.81
CA PHE B 559 30.62 10.46 -22.93
C PHE B 559 30.11 10.60 -24.35
N ALA B 560 31.02 10.37 -25.30
CA ALA B 560 30.76 10.50 -26.73
C ALA B 560 29.65 9.58 -27.18
N LEU B 561 29.70 8.32 -26.78
CA LEU B 561 28.67 7.34 -27.14
C LEU B 561 27.30 7.81 -26.67
N ALA B 562 27.24 8.29 -25.44
CA ALA B 562 26.01 8.83 -24.88
C ALA B 562 25.41 9.99 -25.71
N SER B 563 26.20 11.04 -25.96
CA SER B 563 25.74 12.18 -26.80
C SER B 563 25.12 11.79 -28.17
N ASP B 564 25.60 10.73 -28.84
CA ASP B 564 24.98 10.32 -30.14
C ASP B 564 23.63 9.68 -29.88
N THR B 565 23.51 9.06 -28.70
CA THR B 565 22.28 8.41 -28.27
C THR B 565 21.25 9.44 -27.83
N TYR B 566 21.62 10.25 -26.83
CA TYR B 566 20.64 11.09 -26.10
C TYR B 566 20.63 12.52 -26.53
N GLY B 567 21.69 12.93 -27.19
CA GLY B 567 21.74 14.26 -27.78
C GLY B 567 22.14 15.32 -26.78
N PRO B 568 21.73 16.57 -27.03
CA PRO B 568 22.20 17.71 -26.29
C PRO B 568 21.46 17.89 -24.96
N VAL B 569 21.54 16.87 -24.12
CA VAL B 569 20.87 16.89 -22.82
C VAL B 569 21.26 18.12 -21.96
N SER B 570 22.41 18.73 -22.21
CA SER B 570 22.77 19.92 -21.46
C SER B 570 21.70 21.03 -21.53
N VAL B 571 20.91 21.09 -22.58
CA VAL B 571 19.95 22.20 -22.78
C VAL B 571 18.65 22.04 -21.99
N LEU B 572 18.60 20.99 -21.17
CA LEU B 572 17.41 20.64 -20.42
C LEU B 572 17.57 21.17 -19.01
N PRO B 573 16.47 21.70 -18.45
CA PRO B 573 16.53 22.19 -17.10
C PRO B 573 16.87 21.07 -16.13
N THR B 574 17.44 21.44 -15.00
CA THR B 574 18.05 20.47 -14.11
C THR B 574 17.11 19.46 -13.44
N PRO B 575 15.87 19.84 -13.15
CA PRO B 575 14.91 18.84 -12.69
C PRO B 575 14.53 17.85 -13.78
N ALA B 576 14.57 18.27 -15.05
CA ALA B 576 14.22 17.30 -16.12
C ALA B 576 15.37 16.33 -16.34
N TYR B 577 16.59 16.85 -16.46
CA TYR B 577 17.78 16.01 -16.54
C TYR B 577 17.74 14.97 -15.45
N PHE B 578 17.41 15.36 -14.22
CA PHE B 578 17.52 14.40 -13.12
C PHE B 578 16.31 13.54 -12.84
N TYR B 579 15.11 13.97 -13.21
CA TYR B 579 13.89 13.24 -12.83
C TYR B 579 12.80 13.17 -13.89
N GLY B 580 13.10 13.61 -15.09
CA GLY B 580 12.12 13.50 -16.14
C GLY B 580 10.97 14.47 -15.99
N LEU B 581 9.80 14.04 -16.44
CA LEU B 581 8.65 14.93 -16.58
C LEU B 581 7.52 14.21 -15.99
N ALA B 582 6.91 14.82 -15.00
CA ALA B 582 5.77 14.25 -14.32
C ALA B 582 4.53 14.33 -15.19
N ASP B 583 3.53 13.50 -14.92
CA ASP B 583 2.27 13.48 -15.68
C ASP B 583 1.75 14.91 -15.88
N GLY B 584 1.20 15.21 -17.05
CA GLY B 584 0.70 16.54 -17.39
C GLY B 584 1.72 17.67 -17.58
N GLU B 585 2.93 17.51 -17.05
CA GLU B 585 3.91 18.58 -17.03
C GLU B 585 4.28 19.09 -18.42
N GLU B 586 4.63 20.38 -18.47
CA GLU B 586 4.96 21.07 -19.71
C GLU B 586 6.31 21.75 -19.63
N LEU B 587 7.22 21.37 -20.53
CA LEU B 587 8.61 21.83 -20.47
C LEU B 587 8.97 22.67 -21.71
N PHE B 588 9.94 23.57 -21.56
CA PHE B 588 10.43 24.45 -22.64
C PHE B 588 11.93 24.23 -22.78
N ALA B 589 12.43 24.00 -24.00
CA ALA B 589 13.90 23.90 -24.18
C ALA B 589 14.41 24.42 -25.52
N ASP B 590 15.58 25.02 -25.47
CA ASP B 590 16.18 25.58 -26.66
C ASP B 590 17.29 24.70 -27.18
N ILE B 591 16.99 23.98 -28.25
CA ILE B 591 17.94 23.15 -28.98
C ILE B 591 18.98 23.93 -29.76
N GLU B 592 18.52 25.00 -30.38
CA GLU B 592 19.37 25.81 -31.21
C GLU B 592 18.98 27.19 -30.81
N LYS B 593 19.85 28.16 -31.06
CA LYS B 593 19.57 29.48 -30.57
C LYS B 593 18.27 29.92 -31.21
N GLY B 594 17.34 30.35 -30.37
CA GLY B 594 16.12 30.96 -30.82
C GLY B 594 15.10 29.96 -31.29
N LYS B 595 15.43 28.68 -31.20
CA LYS B 595 14.49 27.65 -31.58
C LYS B 595 14.08 27.00 -30.28
N THR B 596 12.80 27.03 -30.00
CA THR B 596 12.39 26.64 -28.65
C THR B 596 11.42 25.44 -28.81
N LEU B 597 11.64 24.38 -28.03
CA LEU B 597 10.76 23.20 -28.10
C LEU B 597 9.85 23.10 -26.87
N VAL B 598 8.56 22.95 -27.14
CA VAL B 598 7.53 22.76 -26.10
C VAL B 598 7.16 21.27 -26.00
N ILE B 599 7.70 20.66 -24.95
CA ILE B 599 7.57 19.23 -24.69
C ILE B 599 6.67 19.03 -23.48
N VAL B 600 5.67 18.18 -23.65
CA VAL B 600 4.68 17.90 -22.62
C VAL B 600 4.52 16.39 -22.49
N ASN B 601 4.81 15.84 -21.29
CA ASN B 601 4.52 14.44 -21.01
C ASN B 601 3.02 14.31 -20.80
N GLN B 602 2.34 13.66 -21.75
CA GLN B 602 0.90 13.42 -21.68
C GLN B 602 0.47 12.06 -21.08
N ALA B 603 1.34 11.07 -21.15
CA ALA B 603 0.97 9.78 -20.65
C ALA B 603 2.13 8.83 -20.60
N VAL B 604 1.97 7.77 -19.84
CA VAL B 604 2.91 6.68 -19.89
C VAL B 604 2.18 5.35 -19.85
N SER B 605 2.70 4.36 -20.54
CA SER B 605 2.12 3.01 -20.48
C SER B 605 2.64 2.11 -19.36
N ALA B 606 1.94 1.03 -19.10
CA ALA B 606 2.49 -0.14 -18.39
C ALA B 606 3.63 -0.78 -19.21
N THR B 607 4.46 -1.59 -18.53
CA THR B 607 5.53 -2.32 -19.21
C THR B 607 4.92 -3.42 -20.05
N ASP B 608 5.34 -3.44 -21.32
CA ASP B 608 4.97 -4.38 -22.39
C ASP B 608 5.57 -5.75 -22.26
N SER B 609 5.03 -6.71 -22.99
CA SER B 609 5.58 -8.06 -22.96
C SER B 609 7.00 -8.12 -23.56
N GLN B 610 7.32 -7.17 -24.45
CA GLN B 610 8.70 -7.02 -24.91
C GLN B 610 9.64 -6.60 -23.79
N GLY B 611 9.11 -5.87 -22.80
CA GLY B 611 9.91 -5.25 -21.73
C GLY B 611 9.96 -3.74 -21.83
N MET B 612 9.42 -3.19 -22.92
CA MET B 612 9.53 -1.78 -23.25
C MET B 612 8.33 -0.96 -22.78
N VAL B 613 8.59 0.27 -22.36
CA VAL B 613 7.57 1.21 -21.93
C VAL B 613 7.43 2.30 -22.98
N THR B 614 6.19 2.81 -23.16
CA THR B 614 5.94 3.85 -24.17
C THR B 614 5.54 5.17 -23.55
N VAL B 615 6.38 6.19 -23.70
CA VAL B 615 6.00 7.53 -23.25
C VAL B 615 5.30 8.27 -24.39
N PHE B 616 4.34 9.11 -24.02
CA PHE B 616 3.52 9.85 -24.99
C PHE B 616 3.71 11.38 -24.79
N PHE B 617 4.19 12.05 -25.83
CA PHE B 617 4.58 13.46 -25.76
C PHE B 617 3.71 14.35 -26.63
N GLU B 618 3.89 15.67 -26.48
CA GLU B 618 3.40 16.63 -27.48
C GLU B 618 4.47 17.66 -27.73
N LEU B 619 5.11 17.52 -28.88
CA LEU B 619 6.20 18.39 -29.30
C LEU B 619 5.61 19.47 -30.23
N ASN B 620 5.48 20.68 -29.70
CA ASN B 620 4.80 21.76 -30.42
C ASN B 620 3.49 21.32 -31.08
N GLY B 621 2.60 20.74 -30.29
CA GLY B 621 1.32 20.28 -30.78
C GLY B 621 1.41 19.13 -31.77
N GLN B 622 2.50 18.36 -31.70
CA GLN B 622 2.68 17.20 -32.61
C GLN B 622 3.03 15.93 -31.82
N PRO B 623 2.12 14.94 -31.81
CA PRO B 623 2.27 13.79 -30.91
C PRO B 623 3.46 12.92 -31.27
N ARG B 624 4.14 12.40 -30.26
CA ARG B 624 5.22 11.41 -30.46
C ARG B 624 5.14 10.30 -29.39
N ARG B 625 5.58 9.10 -29.77
CA ARG B 625 5.60 7.94 -28.92
C ARG B 625 7.06 7.50 -28.82
N ILE B 626 7.61 7.45 -27.61
CA ILE B 626 9.02 7.08 -27.44
C ILE B 626 9.10 5.84 -26.52
N LYS B 627 9.48 4.69 -27.10
CA LYS B 627 9.53 3.43 -26.36
C LYS B 627 10.91 3.28 -25.70
N VAL B 628 10.88 2.97 -24.39
CA VAL B 628 12.08 2.82 -23.58
C VAL B 628 12.01 1.52 -22.78
N PRO B 629 13.21 0.95 -22.48
CA PRO B 629 13.24 -0.29 -21.72
C PRO B 629 13.07 -0.05 -20.21
N ASP B 630 12.65 -1.11 -19.52
CA ASP B 630 12.45 -1.10 -18.08
C ASP B 630 13.62 -1.78 -17.37
N ARG B 631 14.45 -1.00 -16.70
CA ARG B 631 15.67 -1.50 -16.04
C ARG B 631 15.46 -1.81 -14.57
N ALA B 632 14.28 -2.30 -14.20
CA ALA B 632 14.00 -2.62 -12.79
C ALA B 632 14.35 -4.06 -12.52
N ASP C 36 -2.07 -28.57 31.20
CA ASP C 36 -1.18 -28.96 30.06
C ASP C 36 -1.92 -29.45 28.81
N ARG C 37 -3.13 -29.97 28.94
CA ARG C 37 -3.98 -30.09 27.75
C ARG C 37 -4.28 -28.65 27.22
N ALA C 38 -4.56 -27.75 28.14
CA ALA C 38 -4.81 -26.38 27.83
C ALA C 38 -3.60 -25.74 27.15
N THR C 39 -2.41 -25.95 27.67
CA THR C 39 -1.22 -25.38 27.05
C THR C 39 -1.02 -25.86 25.62
N LYS C 40 -1.39 -27.11 25.40
CA LYS C 40 -1.27 -27.68 24.06
C LYS C 40 -2.18 -26.95 23.09
N LEU C 41 -3.40 -26.68 23.53
CA LEU C 41 -4.35 -25.97 22.72
C LEU C 41 -3.96 -24.55 22.48
N LEU C 42 -3.48 -23.89 23.53
CA LEU C 42 -3.00 -22.53 23.38
C LEU C 42 -1.85 -22.45 22.37
N THR C 43 -1.05 -23.51 22.25
CA THR C 43 0.09 -23.52 21.32
C THR C 43 -0.42 -23.62 19.93
N TYR C 44 -1.38 -24.51 19.76
CA TYR C 44 -2.03 -24.63 18.49
C TYR C 44 -2.65 -23.32 18.06
N LEU C 45 -3.46 -22.71 18.92
CA LEU C 45 -4.13 -21.48 18.60
C LEU C 45 -3.13 -20.38 18.32
N ALA C 46 -2.03 -20.39 19.03
CA ALA C 46 -0.99 -19.40 18.73
C ALA C 46 -0.44 -19.67 17.34
N ASP C 47 -0.17 -20.94 17.07
CA ASP C 47 0.44 -21.31 15.82
C ASP C 47 -0.44 -20.89 14.69
N VAL C 48 -1.70 -21.23 14.77
CA VAL C 48 -2.55 -21.00 13.63
C VAL C 48 -2.83 -19.51 13.46
N THR C 49 -3.07 -18.79 14.56
CA THR C 49 -3.26 -17.34 14.51
C THR C 49 -2.09 -16.59 13.85
N VAL C 50 -0.88 -17.03 14.10
CA VAL C 50 0.24 -16.29 13.53
C VAL C 50 0.60 -16.76 12.16
N ASN C 51 0.51 -18.04 11.94
CA ASN C 51 0.92 -18.65 10.68
C ASN C 51 -0.19 -19.11 9.76
N GLY C 52 -1.44 -19.08 10.19
CA GLY C 52 -2.54 -19.59 9.37
C GLY C 52 -2.52 -21.09 9.32
N HIS C 53 -3.63 -21.66 8.87
CA HIS C 53 -3.73 -23.10 8.59
C HIS C 53 -3.43 -23.37 7.11
N PRO C 54 -2.52 -24.31 6.80
CA PRO C 54 -2.12 -24.55 5.41
C PRO C 54 -3.29 -24.85 4.47
N GLU C 55 -4.23 -25.69 4.88
CA GLU C 55 -5.41 -25.96 4.08
C GLU C 55 -6.27 -24.72 3.78
N ALA C 56 -6.02 -23.60 4.42
CA ALA C 56 -7.00 -22.52 4.45
C ALA C 56 -6.46 -21.20 4.11
N LYS C 57 -5.13 -21.03 4.22
CA LYS C 57 -4.51 -19.70 4.26
C LYS C 57 -4.66 -19.04 2.90
N ASP C 58 -4.74 -19.84 1.84
CA ASP C 58 -4.77 -19.25 0.51
C ASP C 58 -6.11 -19.24 -0.21
N ARG C 59 -7.00 -20.13 0.19
CA ARG C 59 -8.32 -20.19 -0.43
C ARG C 59 -9.19 -19.15 0.23
N PRO C 60 -10.46 -18.99 -0.21
CA PRO C 60 -11.30 -17.93 0.36
C PRO C 60 -11.62 -18.03 1.86
N LYS C 61 -12.08 -16.91 2.39
CA LYS C 61 -12.48 -16.82 3.78
C LYS C 61 -14.00 -16.74 3.86
N PRO C 62 -14.62 -17.24 4.94
CA PRO C 62 -16.06 -17.04 5.15
C PRO C 62 -16.37 -15.57 5.37
N LEU C 63 -17.66 -15.22 5.41
CA LEU C 63 -18.08 -13.85 5.68
C LEU C 63 -17.62 -13.46 7.09
N GLU C 64 -17.24 -12.21 7.28
CA GLU C 64 -16.85 -11.76 8.59
C GLU C 64 -18.02 -11.81 9.55
N ASN C 65 -19.20 -11.41 9.09
CA ASN C 65 -20.35 -11.35 9.97
C ASN C 65 -20.77 -12.68 10.54
N ALA C 66 -20.89 -13.66 9.66
CA ALA C 66 -20.95 -15.06 10.01
C ALA C 66 -21.78 -15.37 11.23
N ALA C 67 -23.04 -15.74 11.07
CA ALA C 67 -23.78 -16.24 12.22
C ALA C 67 -23.23 -17.64 12.55
N ARG C 68 -22.70 -17.84 13.76
CA ARG C 68 -22.37 -19.19 14.25
C ARG C 68 -23.60 -20.15 14.09
N PRO C 69 -23.34 -21.45 13.92
CA PRO C 69 -24.42 -22.39 13.82
C PRO C 69 -25.05 -22.62 15.18
N VAL C 70 -26.38 -22.53 15.24
CA VAL C 70 -27.14 -22.76 16.47
C VAL C 70 -27.84 -24.11 16.41
N VAL C 71 -27.54 -24.93 17.42
CA VAL C 71 -28.19 -26.24 17.56
C VAL C 71 -29.65 -25.98 17.94
N PRO C 72 -30.60 -26.54 17.16
CA PRO C 72 -32.04 -26.37 17.45
C PRO C 72 -32.44 -26.71 18.89
N TYR C 73 -33.29 -25.88 19.51
CA TYR C 73 -33.84 -26.21 20.85
C TYR C 73 -34.62 -27.52 20.76
N ALA C 74 -34.59 -28.31 21.84
CA ALA C 74 -35.43 -29.52 21.93
C ALA C 74 -36.54 -29.36 22.99
N ASN C 75 -37.78 -29.68 22.62
CA ASN C 75 -38.85 -29.99 23.59
C ASN C 75 -38.25 -30.94 24.63
N GLY C 76 -37.56 -31.98 24.14
CA GLY C 76 -36.57 -32.69 24.93
C GLY C 76 -37.10 -33.64 26.01
N ASN C 77 -38.17 -34.39 25.70
CA ASN C 77 -38.43 -35.67 26.40
C ASN C 77 -37.35 -36.68 25.91
N GLY C 78 -37.58 -37.99 26.12
CA GLY C 78 -36.60 -39.00 25.70
C GLY C 78 -36.46 -39.25 24.18
N VAL C 79 -35.87 -40.38 23.83
CA VAL C 79 -35.64 -40.70 22.42
C VAL C 79 -36.47 -41.92 22.07
N LYS C 80 -37.37 -41.78 21.08
CA LYS C 80 -38.13 -42.94 20.64
C LYS C 80 -37.08 -43.96 20.12
N ASP C 81 -37.15 -45.18 20.64
CA ASP C 81 -36.49 -46.37 20.07
C ASP C 81 -36.63 -46.26 18.59
N GLY C 82 -35.54 -46.48 17.83
CA GLY C 82 -35.60 -46.60 16.37
C GLY C 82 -34.88 -47.83 15.83
N THR C 83 -34.29 -47.71 14.65
CA THR C 83 -33.80 -48.91 13.97
C THR C 83 -32.66 -49.59 14.65
N LYS C 84 -31.91 -48.84 15.43
CA LYS C 84 -30.84 -49.41 16.21
C LYS C 84 -31.39 -50.45 17.20
N GLN C 85 -32.42 -50.06 17.94
CA GLN C 85 -33.01 -50.97 18.93
C GLN C 85 -33.48 -52.22 18.23
N LEU C 86 -34.17 -52.05 17.10
CA LEU C 86 -34.63 -53.18 16.29
C LEU C 86 -33.52 -54.12 15.86
N LEU C 87 -32.42 -53.56 15.39
CA LEU C 87 -31.34 -54.42 14.96
C LEU C 87 -30.82 -55.23 16.17
N ASP C 88 -30.56 -54.53 17.27
CA ASP C 88 -30.10 -55.18 18.49
C ASP C 88 -31.10 -56.28 18.91
N THR C 89 -32.41 -56.06 18.75
CA THR C 89 -33.41 -57.07 19.12
C THR C 89 -33.44 -58.26 18.15
N LEU C 90 -33.45 -57.97 16.86
CA LEU C 90 -33.71 -58.97 15.78
C LEU C 90 -32.49 -59.68 15.19
N GLY C 91 -31.33 -59.04 15.26
CA GLY C 91 -30.18 -59.45 14.50
C GLY C 91 -30.40 -59.08 13.05
N PRO C 92 -29.34 -59.17 12.23
CA PRO C 92 -29.41 -58.73 10.85
C PRO C 92 -30.35 -59.51 9.89
N LYS C 93 -30.31 -60.85 9.86
CA LYS C 93 -31.16 -61.61 8.96
C LYS C 93 -32.59 -61.08 9.15
N LYS C 94 -33.07 -61.08 10.38
CA LYS C 94 -34.46 -60.71 10.66
C LYS C 94 -34.70 -59.18 10.45
N PHE C 95 -33.71 -58.33 10.75
CA PHE C 95 -33.87 -56.91 10.46
C PHE C 95 -34.04 -56.63 8.95
N GLY C 96 -33.24 -57.27 8.11
CA GLY C 96 -33.44 -57.14 6.66
C GLY C 96 -34.82 -57.60 6.24
N GLU C 97 -35.28 -58.69 6.84
CA GLU C 97 -36.63 -59.17 6.52
C GLU C 97 -37.66 -58.18 6.98
N TRP C 98 -37.41 -57.45 8.07
CA TRP C 98 -38.30 -56.39 8.49
C TRP C 98 -38.27 -55.26 7.45
N MET C 99 -37.09 -54.82 7.00
CA MET C 99 -37.00 -53.76 5.93
C MET C 99 -37.81 -54.15 4.70
N ARG C 100 -37.55 -55.37 4.25
CA ARG C 100 -38.20 -55.85 3.08
C ARG C 100 -39.70 -55.65 3.22
N ASN C 101 -40.26 -56.03 4.37
CA ASN C 101 -41.71 -55.97 4.54
C ASN C 101 -42.26 -54.61 4.76
N GLU C 102 -41.43 -53.61 4.96
CA GLU C 102 -41.91 -52.33 5.45
C GLU C 102 -42.50 -51.50 4.28
N LYS C 103 -43.78 -51.11 4.41
CA LYS C 103 -44.53 -50.30 3.41
C LYS C 103 -43.83 -48.96 3.11
N ARG C 104 -43.59 -48.15 4.12
CA ARG C 104 -42.92 -46.83 3.90
C ARG C 104 -41.54 -47.04 3.31
N VAL C 105 -41.06 -46.10 2.53
CA VAL C 105 -39.64 -46.13 2.13
C VAL C 105 -38.81 -45.61 3.30
N LEU C 106 -37.62 -46.17 3.47
CA LEU C 106 -36.75 -45.84 4.58
C LEU C 106 -35.71 -44.91 4.01
N LEU C 107 -35.21 -43.98 4.82
CA LEU C 107 -34.26 -42.98 4.42
C LEU C 107 -32.92 -43.08 5.16
N THR C 108 -31.84 -42.97 4.41
CA THR C 108 -30.50 -42.81 4.96
C THR C 108 -29.99 -41.37 4.69
N ASP C 109 -29.66 -40.63 5.73
CA ASP C 109 -29.15 -39.27 5.57
C ASP C 109 -27.67 -39.36 5.37
N THR C 110 -27.19 -38.81 4.26
CA THR C 110 -25.76 -38.93 3.90
C THR C 110 -24.97 -37.69 4.21
N THR C 111 -25.59 -36.69 4.83
CA THR C 111 -24.96 -35.38 5.06
C THR C 111 -23.70 -35.47 5.86
N MET C 112 -23.57 -36.45 6.77
CA MET C 112 -22.42 -36.56 7.63
C MET C 112 -21.20 -37.19 6.96
N ARG C 113 -21.36 -37.70 5.75
CA ARG C 113 -20.26 -38.34 5.06
C ARG C 113 -20.23 -37.99 3.56
N ASP C 114 -21.11 -38.58 2.76
CA ASP C 114 -21.03 -38.32 1.32
C ASP C 114 -21.29 -36.87 0.93
N GLY C 115 -22.19 -36.20 1.65
CA GLY C 115 -22.52 -34.79 1.39
C GLY C 115 -21.35 -33.81 1.41
N HIS C 116 -20.51 -33.90 2.42
CA HIS C 116 -19.40 -32.96 2.48
C HIS C 116 -18.18 -33.51 1.75
N GLN C 117 -18.14 -34.81 1.63
CA GLN C 117 -17.10 -35.44 0.81
C GLN C 117 -17.32 -35.01 -0.62
N SER C 118 -18.56 -35.00 -1.04
CA SER C 118 -18.82 -34.59 -2.40
C SER C 118 -18.65 -33.11 -2.58
N LEU C 119 -19.00 -32.28 -1.61
CA LEU C 119 -19.00 -30.83 -1.86
C LEU C 119 -17.87 -30.01 -1.21
N LEU C 120 -17.33 -30.51 -0.10
CA LEU C 120 -16.40 -29.75 0.67
C LEU C 120 -15.11 -30.53 0.89
N ALA C 121 -14.77 -31.37 -0.06
CA ALA C 121 -13.54 -32.15 0.02
C ALA C 121 -13.43 -32.89 1.38
N THR C 122 -14.54 -33.38 1.92
CA THR C 122 -14.51 -34.14 3.16
C THR C 122 -13.91 -33.37 4.34
N ARG C 123 -13.91 -32.04 4.32
CA ARG C 123 -13.28 -31.28 5.39
C ARG C 123 -14.20 -30.96 6.60
N MET C 124 -15.39 -31.52 6.62
CA MET C 124 -16.31 -31.25 7.71
C MET C 124 -15.82 -31.83 9.03
N ARG C 125 -15.89 -31.05 10.10
CA ARG C 125 -15.27 -31.47 11.35
C ARG C 125 -16.22 -32.10 12.34
N THR C 126 -15.62 -32.96 13.18
CA THR C 126 -16.30 -33.59 14.30
C THR C 126 -17.12 -32.59 15.09
N TYR C 127 -16.57 -31.41 15.31
CA TYR C 127 -17.26 -30.45 16.14
C TYR C 127 -18.66 -30.16 15.59
N ASP C 128 -18.76 -30.01 14.27
CA ASP C 128 -20.00 -29.56 13.65
C ASP C 128 -20.92 -30.72 13.50
N ILE C 129 -20.32 -31.90 13.35
CA ILE C 129 -21.05 -33.16 13.13
C ILE C 129 -21.64 -33.76 14.44
N ALA C 130 -20.83 -33.90 15.48
CA ALA C 130 -21.31 -34.42 16.74
C ALA C 130 -22.40 -33.57 17.36
N ARG C 131 -22.38 -32.26 17.12
CA ARG C 131 -23.27 -31.34 17.82
C ARG C 131 -24.73 -31.41 17.39
N ILE C 132 -24.93 -32.02 16.23
CA ILE C 132 -26.25 -32.17 15.65
C ILE C 132 -26.82 -33.60 15.82
N ALA C 133 -25.97 -34.59 16.10
CA ALA C 133 -26.44 -35.95 16.32
C ALA C 133 -27.68 -36.07 17.17
N GLY C 134 -27.74 -35.31 18.25
CA GLY C 134 -28.80 -35.46 19.24
C GLY C 134 -30.12 -34.96 18.69
N THR C 135 -30.05 -34.00 17.79
CA THR C 135 -31.23 -33.40 17.21
C THR C 135 -31.85 -34.38 16.21
N TYR C 136 -30.97 -35.05 15.47
CA TYR C 136 -31.40 -36.12 14.60
C TYR C 136 -32.12 -37.13 15.45
N SER C 137 -31.49 -37.47 16.55
CA SER C 137 -32.04 -38.50 17.40
C SER C 137 -33.45 -38.18 17.94
N HIS C 138 -33.66 -36.95 18.38
CA HIS C 138 -34.94 -36.55 18.93
C HIS C 138 -35.96 -36.24 17.85
N ALA C 139 -35.52 -35.71 16.73
CA ALA C 139 -36.47 -35.15 15.77
C ALA C 139 -36.76 -36.02 14.58
N LEU C 140 -35.80 -36.85 14.16
CA LEU C 140 -36.07 -37.75 13.04
C LEU C 140 -35.81 -39.20 13.42
N PRO C 141 -36.46 -39.69 14.47
CA PRO C 141 -36.22 -41.04 14.95
C PRO C 141 -36.65 -42.15 14.04
N ASN C 142 -37.41 -41.85 12.96
CA ASN C 142 -37.75 -42.87 11.95
C ASN C 142 -36.72 -43.07 10.81
N LEU C 143 -35.63 -42.29 10.83
CA LEU C 143 -34.57 -42.46 9.81
C LEU C 143 -34.06 -43.89 9.87
N LEU C 144 -33.76 -44.52 8.72
CA LEU C 144 -33.15 -45.86 8.76
C LEU C 144 -31.77 -45.79 9.39
N SER C 145 -30.97 -44.85 8.90
CA SER C 145 -29.61 -44.72 9.35
C SER C 145 -28.98 -43.36 9.05
N LEU C 146 -27.81 -43.15 9.62
CA LEU C 146 -27.01 -41.98 9.24
C LEU C 146 -25.71 -42.46 8.65
N GLU C 147 -25.47 -42.09 7.42
CA GLU C 147 -24.16 -42.40 6.86
C GLU C 147 -23.21 -41.37 7.45
N CYS C 148 -22.31 -41.77 8.35
CA CYS C 148 -21.44 -40.79 9.04
C CYS C 148 -20.01 -41.26 9.25
N TRP C 149 -19.58 -42.26 8.49
CA TRP C 149 -18.27 -42.84 8.68
C TRP C 149 -17.83 -43.55 7.43
N GLY C 150 -16.54 -43.88 7.40
CA GLY C 150 -15.95 -44.55 6.25
C GLY C 150 -15.68 -43.58 5.13
N GLY C 151 -15.56 -44.11 3.92
CA GLY C 151 -15.26 -43.29 2.77
C GLY C 151 -13.97 -42.54 3.01
N ALA C 152 -13.96 -41.29 2.60
CA ALA C 152 -12.77 -40.44 2.74
C ALA C 152 -12.60 -39.89 4.15
N THR C 153 -13.63 -39.98 4.99
CA THR C 153 -13.55 -39.36 6.31
C THR C 153 -12.44 -39.93 7.17
N PHE C 154 -12.12 -41.19 7.01
CA PHE C 154 -11.09 -41.79 7.87
C PHE C 154 -9.70 -41.15 7.63
N ASP C 155 -9.31 -41.05 6.37
CA ASP C 155 -8.10 -40.44 5.96
C ASP C 155 -8.15 -38.97 6.32
N VAL C 156 -9.13 -38.28 5.75
CA VAL C 156 -9.11 -36.83 5.71
C VAL C 156 -9.15 -36.28 7.14
N SER C 157 -9.86 -36.96 8.03
CA SER C 157 -9.97 -36.58 9.44
C SER C 157 -8.60 -36.36 10.08
N MET C 158 -7.78 -37.38 9.98
CA MET C 158 -6.45 -37.31 10.56
C MET C 158 -5.52 -36.43 9.71
N ARG C 159 -5.65 -36.52 8.40
CA ARG C 159 -4.66 -35.97 7.49
C ARG C 159 -4.74 -34.44 7.47
N PHE C 160 -5.94 -33.89 7.30
CA PHE C 160 -6.12 -32.44 7.13
C PHE C 160 -6.88 -31.72 8.22
N LEU C 161 -7.58 -32.46 9.06
CA LEU C 161 -8.33 -31.90 10.17
C LEU C 161 -7.74 -32.20 11.56
N THR C 162 -6.66 -32.99 11.65
CA THR C 162 -5.95 -33.21 12.94
C THR C 162 -6.86 -33.82 14.03
N GLU C 163 -7.74 -34.75 13.63
CA GLU C 163 -8.67 -35.36 14.58
C GLU C 163 -8.92 -36.85 14.32
N ASP C 164 -9.20 -37.58 15.41
CA ASP C 164 -9.38 -39.02 15.39
C ASP C 164 -10.81 -39.35 14.87
N PRO C 165 -10.89 -40.18 13.81
CA PRO C 165 -12.22 -40.56 13.32
C PRO C 165 -12.98 -41.46 14.29
N TRP C 166 -12.29 -42.11 15.22
CA TRP C 166 -13.01 -42.97 16.18
C TRP C 166 -13.64 -42.07 17.24
N GLU C 167 -12.89 -41.10 17.73
CA GLU C 167 -13.46 -40.08 18.59
C GLU C 167 -14.77 -39.64 17.93
N ARG C 168 -14.73 -39.38 16.60
CA ARG C 168 -15.94 -38.85 15.93
C ARG C 168 -17.10 -39.83 15.94
N LEU C 169 -16.79 -41.08 15.61
CA LEU C 169 -17.82 -42.13 15.65
C LEU C 169 -18.40 -42.29 17.04
N ALA C 170 -17.54 -42.35 18.05
CA ALA C 170 -17.98 -42.48 19.42
C ALA C 170 -18.97 -41.35 19.80
N LEU C 171 -18.63 -40.10 19.42
CA LEU C 171 -19.52 -38.97 19.74
C LEU C 171 -20.93 -39.04 19.05
N ILE C 172 -20.97 -39.59 17.83
CA ILE C 172 -22.23 -39.73 17.12
C ILE C 172 -23.06 -40.84 17.74
N ARG C 173 -22.38 -41.90 18.09
CA ARG C 173 -22.95 -43.00 18.87
C ARG C 173 -23.66 -42.48 20.12
N GLU C 174 -22.95 -41.63 20.86
CA GLU C 174 -23.45 -41.16 22.14
C GLU C 174 -24.73 -40.38 21.90
N GLY C 175 -24.79 -39.57 20.83
CA GLY C 175 -25.91 -38.64 20.61
C GLY C 175 -27.13 -39.21 19.91
N ALA C 176 -26.94 -40.29 19.14
CA ALA C 176 -28.04 -40.95 18.41
C ALA C 176 -28.03 -42.46 18.69
N PRO C 177 -28.47 -42.86 19.89
CA PRO C 177 -28.43 -44.26 20.25
C PRO C 177 -29.61 -45.05 19.71
N ASN C 178 -30.55 -44.37 19.05
CA ASN C 178 -31.73 -45.01 18.48
C ASN C 178 -31.63 -45.28 16.98
N LEU C 179 -30.67 -44.67 16.30
CA LEU C 179 -30.50 -44.77 14.84
C LEU C 179 -29.27 -45.58 14.47
N LEU C 180 -29.35 -46.26 13.33
CA LEU C 180 -28.25 -47.11 12.92
C LEU C 180 -27.21 -46.17 12.39
N LEU C 181 -25.94 -46.43 12.68
CA LEU C 181 -24.85 -45.72 12.04
C LEU C 181 -24.26 -46.55 10.93
N GLN C 182 -24.10 -45.91 9.79
CA GLN C 182 -23.70 -46.56 8.55
C GLN C 182 -22.40 -46.03 8.01
N MET C 183 -21.50 -46.93 7.64
CA MET C 183 -20.24 -46.55 7.02
C MET C 183 -20.21 -46.99 5.60
N LEU C 184 -19.33 -46.40 4.81
CA LEU C 184 -18.96 -46.96 3.51
C LEU C 184 -17.61 -47.62 3.67
N LEU C 185 -17.56 -48.89 3.27
CA LEU C 185 -16.33 -49.68 3.23
C LEU C 185 -16.00 -50.19 1.81
N ARG C 186 -14.73 -50.10 1.43
CA ARG C 186 -14.38 -50.39 0.06
C ARG C 186 -13.89 -51.81 -0.21
N GLY C 187 -14.56 -52.80 0.41
CA GLY C 187 -14.24 -54.19 0.20
C GLY C 187 -12.83 -54.49 0.68
N ALA C 188 -12.00 -55.10 -0.15
CA ALA C 188 -10.60 -55.34 0.24
C ALA C 188 -9.80 -54.04 0.39
N ASN C 189 -10.33 -52.95 -0.15
CA ASN C 189 -9.62 -51.67 -0.04
C ASN C 189 -9.75 -51.05 1.34
N GLY C 190 -10.67 -51.57 2.13
CA GLY C 190 -10.87 -51.08 3.49
C GLY C 190 -11.40 -49.66 3.46
N VAL C 191 -10.68 -48.77 4.14
CA VAL C 191 -10.88 -47.32 3.97
C VAL C 191 -9.72 -46.71 3.20
N GLY C 192 -9.07 -47.48 2.33
CA GLY C 192 -7.80 -47.07 1.68
C GLY C 192 -7.92 -47.11 0.18
N TYR C 193 -6.79 -47.20 -0.50
CA TYR C 193 -6.73 -47.09 -1.97
C TYR C 193 -6.24 -48.34 -2.67
N THR C 194 -5.98 -49.38 -1.89
CA THR C 194 -5.42 -50.60 -2.42
C THR C 194 -5.96 -51.78 -1.62
N ASN C 195 -5.86 -52.97 -2.19
CA ASN C 195 -6.18 -54.20 -1.46
C ASN C 195 -5.14 -54.51 -0.39
N TYR C 196 -5.63 -54.64 0.84
CA TYR C 196 -4.85 -54.96 2.04
C TYR C 196 -4.93 -56.46 2.28
N PRO C 197 -4.04 -56.96 3.18
CA PRO C 197 -4.17 -58.33 3.60
C PRO C 197 -5.51 -58.56 4.28
N ASP C 198 -6.02 -59.76 4.15
CA ASP C 198 -7.20 -60.23 4.87
C ASP C 198 -7.27 -59.97 6.36
N ASN C 199 -6.24 -60.36 7.12
CA ASN C 199 -6.32 -60.20 8.57
C ASN C 199 -6.50 -58.72 8.94
N VAL C 200 -5.96 -57.82 8.12
CA VAL C 200 -6.08 -56.40 8.34
C VAL C 200 -7.49 -55.95 8.02
N VAL C 201 -8.07 -56.53 6.98
CA VAL C 201 -9.44 -56.24 6.66
C VAL C 201 -10.30 -56.77 7.81
N LYS C 202 -10.16 -58.03 8.18
CA LYS C 202 -10.91 -58.55 9.33
C LYS C 202 -10.77 -57.65 10.58
N TYR C 203 -9.55 -57.21 10.88
CA TYR C 203 -9.29 -56.53 12.16
C TYR C 203 -10.01 -55.21 12.15
N PHE C 204 -10.03 -54.60 10.99
CA PHE C 204 -10.68 -53.31 10.83
C PHE C 204 -12.18 -53.36 10.99
N VAL C 205 -12.77 -54.40 10.45
CA VAL C 205 -14.19 -54.60 10.56
C VAL C 205 -14.58 -54.78 12.03
N ARG C 206 -13.81 -55.61 12.75
CA ARG C 206 -14.03 -55.83 14.18
C ARG C 206 -14.05 -54.50 14.92
N GLN C 207 -13.15 -53.57 14.59
CA GLN C 207 -13.09 -52.32 15.34
C GLN C 207 -14.25 -51.41 14.98
N ALA C 208 -14.58 -51.34 13.70
CA ALA C 208 -15.66 -50.46 13.29
C ALA C 208 -16.94 -50.86 13.98
N ALA C 209 -17.18 -52.16 14.11
CA ALA C 209 -18.37 -52.62 14.78
C ALA C 209 -18.29 -52.23 16.23
N LYS C 210 -17.12 -52.44 16.87
CA LYS C 210 -16.93 -52.15 18.28
C LYS C 210 -17.11 -50.68 18.52
N GLY C 211 -16.59 -49.88 17.60
CA GLY C 211 -16.66 -48.45 17.70
C GLY C 211 -18.04 -47.86 17.52
N GLY C 212 -18.98 -48.59 16.92
CA GLY C 212 -20.35 -48.07 16.79
C GLY C 212 -21.06 -48.17 15.44
N ILE C 213 -20.41 -48.77 14.43
CA ILE C 213 -21.03 -49.05 13.12
C ILE C 213 -22.00 -50.25 13.16
N ASP C 214 -23.26 -49.98 12.80
CA ASP C 214 -24.26 -50.99 12.71
C ASP C 214 -24.49 -51.46 11.27
N LEU C 215 -24.26 -50.59 10.30
CA LEU C 215 -24.63 -50.94 8.94
C LEU C 215 -23.44 -50.67 8.02
N PHE C 216 -22.85 -51.72 7.48
CA PHE C 216 -21.72 -51.56 6.57
C PHE C 216 -22.17 -51.65 5.12
N ARG C 217 -22.18 -50.52 4.41
CA ARG C 217 -22.32 -50.58 2.93
C ARG C 217 -20.96 -50.85 2.38
N VAL C 218 -20.81 -52.04 1.82
CA VAL C 218 -19.53 -52.51 1.35
C VAL C 218 -19.59 -52.75 -0.16
N PHE C 219 -18.60 -52.22 -0.87
CA PHE C 219 -18.58 -52.31 -2.33
C PHE C 219 -17.21 -52.73 -2.77
N ASP C 220 -17.15 -53.32 -3.98
CA ASP C 220 -15.88 -53.58 -4.68
C ASP C 220 -15.88 -52.79 -5.97
N CYS C 221 -14.74 -52.19 -6.31
CA CYS C 221 -14.62 -51.25 -7.42
C CYS C 221 -14.58 -51.86 -8.80
N LEU C 222 -14.47 -53.19 -8.91
CA LEU C 222 -14.78 -53.89 -10.18
C LEU C 222 -16.00 -54.81 -10.06
N ASN C 223 -16.77 -54.63 -8.99
CA ASN C 223 -17.94 -55.46 -8.69
C ASN C 223 -17.60 -56.95 -8.74
N TRP C 224 -16.45 -57.29 -8.22
CA TRP C 224 -16.00 -58.64 -8.23
C TRP C 224 -16.32 -59.30 -6.88
N VAL C 225 -17.27 -60.21 -6.89
CA VAL C 225 -17.85 -60.70 -5.65
C VAL C 225 -16.87 -61.47 -4.82
N GLU C 226 -16.00 -62.22 -5.50
CA GLU C 226 -14.92 -62.99 -4.85
C GLU C 226 -14.11 -62.06 -3.92
N ASN C 227 -14.00 -60.80 -4.31
CA ASN C 227 -13.17 -59.89 -3.55
C ASN C 227 -13.93 -59.19 -2.42
N MET C 228 -15.21 -59.49 -2.34
CA MET C 228 -16.08 -58.92 -1.31
C MET C 228 -16.40 -59.94 -0.21
N ARG C 229 -16.02 -61.21 -0.41
CA ARG C 229 -16.32 -62.28 0.53
C ARG C 229 -15.64 -62.14 1.87
N VAL C 230 -14.41 -61.64 1.87
CA VAL C 230 -13.67 -61.56 3.13
C VAL C 230 -14.25 -60.46 3.99
N SER C 231 -14.58 -59.34 3.35
CA SER C 231 -15.33 -58.25 3.98
C SER C 231 -16.67 -58.72 4.48
N MET C 232 -17.43 -59.38 3.61
CA MET C 232 -18.80 -59.77 3.94
C MET C 232 -18.87 -60.74 5.11
N ASP C 233 -18.04 -61.78 5.11
CA ASP C 233 -18.02 -62.75 6.21
C ASP C 233 -17.65 -62.07 7.57
N ALA C 234 -16.68 -61.16 7.57
CA ALA C 234 -16.25 -60.43 8.79
C ALA C 234 -17.39 -59.64 9.36
N ILE C 235 -18.08 -58.90 8.49
CA ILE C 235 -19.22 -58.13 8.94
C ILE C 235 -20.30 -59.07 9.58
N ALA C 236 -20.50 -60.23 8.97
CA ALA C 236 -21.47 -61.17 9.52
C ALA C 236 -21.00 -61.77 10.84
N GLU C 237 -19.70 -61.96 11.02
CA GLU C 237 -19.14 -62.47 12.28
C GLU C 237 -19.43 -61.48 13.41
N GLU C 238 -19.42 -60.18 13.09
CA GLU C 238 -19.70 -59.14 14.09
C GLU C 238 -21.19 -58.96 14.35
N ASN C 239 -21.98 -59.73 13.61
CA ASN C 239 -23.42 -59.70 13.76
C ASN C 239 -24.02 -58.28 13.53
N LYS C 240 -23.41 -57.58 12.57
CA LYS C 240 -23.89 -56.30 12.08
C LYS C 240 -24.51 -56.50 10.73
N LEU C 241 -25.00 -55.40 10.17
CA LEU C 241 -25.64 -55.40 8.86
C LEU C 241 -24.59 -55.27 7.77
N CYS C 242 -24.75 -56.13 6.79
CA CYS C 242 -23.86 -56.22 5.69
C CYS C 242 -24.70 -55.86 4.49
N GLU C 243 -24.53 -54.63 4.03
CA GLU C 243 -25.26 -54.12 2.91
C GLU C 243 -24.31 -54.20 1.73
N ALA C 244 -24.36 -55.34 1.02
CA ALA C 244 -23.44 -55.53 -0.09
C ALA C 244 -23.88 -54.69 -1.27
N ALA C 245 -22.95 -53.90 -1.78
CA ALA C 245 -23.26 -52.94 -2.84
C ALA C 245 -23.03 -53.50 -4.21
N ILE C 246 -23.89 -53.12 -5.16
CA ILE C 246 -23.62 -53.32 -6.59
C ILE C 246 -23.49 -51.96 -7.24
N CYS C 247 -22.34 -51.68 -7.88
CA CYS C 247 -22.10 -50.36 -8.44
C CYS C 247 -22.69 -50.22 -9.81
N TYR C 248 -23.39 -49.11 -10.06
CA TYR C 248 -24.07 -48.92 -11.35
C TYR C 248 -23.21 -48.15 -12.33
N THR C 249 -23.17 -48.62 -13.57
CA THR C 249 -22.48 -47.93 -14.64
C THR C 249 -23.20 -48.25 -15.95
N GLY C 250 -22.88 -47.46 -16.98
CA GLY C 250 -23.59 -47.48 -18.25
C GLY C 250 -25.08 -47.18 -18.22
N ASP C 251 -25.81 -47.99 -18.98
CA ASP C 251 -27.21 -47.79 -19.21
C ASP C 251 -27.76 -49.13 -19.66
N ILE C 252 -28.45 -49.80 -18.72
CA ILE C 252 -29.22 -51.01 -19.01
C ILE C 252 -30.24 -50.84 -20.12
N LEU C 253 -30.80 -49.65 -20.30
CA LEU C 253 -31.75 -49.49 -21.41
C LEU C 253 -31.07 -49.19 -22.75
N ASN C 254 -29.76 -49.01 -22.73
CA ASN C 254 -29.04 -48.85 -23.99
C ASN C 254 -28.49 -50.19 -24.55
N SER C 255 -29.11 -50.71 -25.59
CA SER C 255 -28.81 -52.06 -26.06
C SER C 255 -27.47 -52.11 -26.82
N ALA C 256 -27.14 -51.00 -27.48
CA ALA C 256 -25.79 -50.77 -28.01
C ALA C 256 -24.69 -50.79 -26.92
N ARG C 257 -25.06 -50.98 -25.66
CA ARG C 257 -24.08 -51.21 -24.61
C ARG C 257 -24.57 -52.38 -23.78
N PRO C 258 -24.26 -53.61 -24.20
CA PRO C 258 -24.86 -54.83 -23.61
C PRO C 258 -24.21 -55.35 -22.33
N LYS C 259 -22.99 -54.90 -22.07
CA LYS C 259 -22.13 -55.50 -21.06
C LYS C 259 -22.70 -55.32 -19.69
N TYR C 260 -23.23 -54.10 -19.49
CA TYR C 260 -23.85 -53.69 -18.25
C TYR C 260 -25.38 -53.63 -18.41
N ASP C 261 -25.98 -54.79 -18.65
CA ASP C 261 -27.42 -54.89 -18.93
C ASP C 261 -28.22 -55.27 -17.70
N LEU C 262 -29.54 -55.30 -17.84
CA LEU C 262 -30.39 -55.72 -16.73
C LEU C 262 -29.88 -57.00 -16.01
N LYS C 263 -29.57 -58.09 -16.73
CA LYS C 263 -29.21 -59.35 -16.04
C LYS C 263 -27.89 -59.28 -15.27
N TYR C 264 -26.96 -58.49 -15.74
CA TYR C 264 -25.69 -58.27 -15.04
C TYR C 264 -25.95 -57.94 -13.56
N TYR C 265 -26.89 -57.04 -13.34
CA TYR C 265 -27.28 -56.62 -12.01
C TYR C 265 -28.13 -57.63 -11.26
N THR C 266 -29.12 -58.21 -11.91
CA THR C 266 -29.91 -59.19 -11.19
C THR C 266 -29.03 -60.38 -10.76
N ASN C 267 -28.01 -60.72 -11.56
CA ASN C 267 -27.15 -61.89 -11.25
C ASN C 267 -26.25 -61.63 -10.07
N LEU C 268 -25.71 -60.43 -10.02
CA LEU C 268 -24.89 -60.10 -8.89
C LEU C 268 -25.76 -60.05 -7.61
N ALA C 269 -26.93 -59.39 -7.67
CA ALA C 269 -27.85 -59.46 -6.56
C ALA C 269 -27.98 -60.93 -6.04
N VAL C 270 -28.20 -61.88 -6.93
CA VAL C 270 -28.28 -63.25 -6.51
C VAL C 270 -26.94 -63.74 -5.98
N GLU C 271 -25.87 -63.43 -6.69
CA GLU C 271 -24.57 -63.98 -6.25
C GLU C 271 -24.29 -63.49 -4.80
N LEU C 272 -24.57 -62.22 -4.55
CA LEU C 272 -24.41 -61.58 -3.23
C LEU C 272 -25.39 -62.07 -2.13
N GLU C 273 -26.64 -62.33 -2.47
CA GLU C 273 -27.52 -63.04 -1.54
C GLU C 273 -26.87 -64.33 -1.02
N LYS C 274 -26.31 -65.13 -1.94
CA LYS C 274 -25.68 -66.43 -1.56
C LYS C 274 -24.38 -66.23 -0.78
N ALA C 275 -23.77 -65.06 -0.89
CA ALA C 275 -22.58 -64.76 -0.10
C ALA C 275 -22.95 -64.14 1.26
N GLY C 276 -24.24 -63.98 1.50
CA GLY C 276 -24.76 -63.69 2.81
C GLY C 276 -24.96 -62.24 3.11
N ALA C 277 -25.24 -61.46 2.09
CA ALA C 277 -25.62 -60.08 2.30
C ALA C 277 -26.94 -60.05 3.06
N HIS C 278 -27.14 -59.01 3.87
CA HIS C 278 -28.44 -58.82 4.55
C HIS C 278 -29.31 -57.91 3.73
N ILE C 279 -28.65 -57.04 2.98
CA ILE C 279 -29.30 -56.00 2.19
C ILE C 279 -28.48 -55.86 0.93
N ILE C 280 -29.11 -55.54 -0.20
CA ILE C 280 -28.37 -55.23 -1.42
C ILE C 280 -28.51 -53.75 -1.74
N ALA C 281 -27.38 -53.13 -2.01
CA ALA C 281 -27.42 -51.74 -2.42
C ALA C 281 -27.11 -51.64 -3.90
N VAL C 282 -27.72 -50.66 -4.55
CA VAL C 282 -27.27 -50.22 -5.85
C VAL C 282 -26.63 -48.86 -5.63
N KCX C 283 -25.34 -48.77 -5.93
CA KCX C 283 -24.50 -47.63 -5.60
CB KCX C 283 -23.25 -48.15 -4.96
CG KCX C 283 -22.25 -47.02 -4.71
CD KCX C 283 -21.04 -47.46 -3.89
CE KCX C 283 -20.02 -46.34 -3.81
NZ KCX C 283 -20.34 -45.34 -2.79
C KCX C 283 -24.20 -46.95 -6.89
O KCX C 283 -23.36 -47.41 -7.65
CX KCX C 283 -20.79 -44.10 -3.03
OQ1 KCX C 283 -20.96 -43.68 -4.20
OQ2 KCX C 283 -21.05 -43.29 -1.97
N ASP C 284 -24.91 -45.86 -7.16
CA ASP C 284 -24.80 -45.16 -8.40
C ASP C 284 -23.86 -44.01 -8.11
N MET C 285 -22.57 -44.35 -8.01
CA MET C 285 -21.56 -43.37 -7.57
C MET C 285 -21.48 -42.15 -8.46
N ALA C 286 -21.74 -42.31 -9.76
CA ALA C 286 -21.68 -41.17 -10.70
C ALA C 286 -23.04 -40.61 -11.05
N GLY C 287 -24.05 -41.07 -10.34
CA GLY C 287 -25.37 -40.54 -10.58
C GLY C 287 -25.84 -40.80 -12.00
N LEU C 288 -25.62 -42.02 -12.50
CA LEU C 288 -25.89 -42.39 -13.89
C LEU C 288 -27.26 -43.06 -14.12
N LEU C 289 -27.84 -43.61 -13.10
CA LEU C 289 -29.12 -44.25 -13.27
C LEU C 289 -30.24 -43.26 -13.66
N LYS C 290 -30.94 -43.54 -14.75
CA LYS C 290 -32.06 -42.71 -15.17
C LYS C 290 -33.37 -43.31 -14.67
N PRO C 291 -34.41 -42.46 -14.59
CA PRO C 291 -35.73 -42.92 -14.01
C PRO C 291 -36.32 -44.17 -14.64
N ALA C 292 -36.35 -44.22 -15.96
CA ALA C 292 -36.85 -45.36 -16.64
C ALA C 292 -36.04 -46.60 -16.29
N ALA C 293 -34.73 -46.48 -16.14
CA ALA C 293 -33.95 -47.65 -15.77
C ALA C 293 -34.25 -48.09 -14.34
N ALA C 294 -34.51 -47.14 -13.44
CA ALA C 294 -34.94 -47.50 -12.08
C ALA C 294 -36.25 -48.31 -12.07
N LYS C 295 -37.28 -47.81 -12.76
CA LYS C 295 -38.62 -48.48 -12.84
C LYS C 295 -38.42 -49.96 -13.13
N VAL C 296 -37.63 -50.19 -14.16
CA VAL C 296 -37.23 -51.51 -14.58
C VAL C 296 -36.33 -52.13 -13.55
N LEU C 297 -35.20 -51.49 -13.25
CA LEU C 297 -34.18 -52.11 -12.35
C LEU C 297 -34.67 -52.60 -10.98
N PHE C 298 -35.42 -51.79 -10.23
CA PHE C 298 -35.81 -52.14 -8.87
C PHE C 298 -36.98 -53.10 -8.82
N LYS C 299 -37.79 -53.12 -9.86
CA LYS C 299 -38.79 -54.17 -10.01
C LYS C 299 -38.09 -55.53 -10.16
N ALA C 300 -37.13 -55.58 -11.04
CA ALA C 300 -36.35 -56.79 -11.30
C ALA C 300 -35.57 -57.25 -10.08
N LEU C 301 -34.82 -56.34 -9.46
CA LEU C 301 -34.08 -56.69 -8.21
C LEU C 301 -34.99 -57.32 -7.15
N ARG C 302 -36.16 -56.72 -6.93
CA ARG C 302 -37.06 -57.25 -5.93
C ARG C 302 -37.56 -58.68 -6.28
N GLU C 303 -37.74 -58.98 -7.55
CA GLU C 303 -38.11 -60.33 -7.91
C GLU C 303 -36.88 -61.21 -7.92
N ALA C 304 -35.69 -60.70 -8.18
CA ALA C 304 -34.54 -61.58 -8.26
C ALA C 304 -34.05 -62.07 -6.91
N THR C 305 -34.20 -61.24 -5.89
CA THR C 305 -33.76 -61.64 -4.54
C THR C 305 -34.78 -61.25 -3.50
N GLY C 306 -34.81 -61.99 -2.40
CA GLY C 306 -35.70 -61.66 -1.31
C GLY C 306 -35.16 -60.59 -0.39
N LEU C 307 -33.86 -60.29 -0.51
CA LEU C 307 -33.22 -59.28 0.32
C LEU C 307 -33.77 -57.90 0.03
N PRO C 308 -33.77 -57.01 1.02
CA PRO C 308 -34.20 -55.61 0.78
C PRO C 308 -33.23 -54.89 -0.05
N ILE C 309 -33.69 -53.84 -0.73
CA ILE C 309 -32.82 -53.12 -1.69
C ILE C 309 -32.65 -51.68 -1.21
N HIS C 310 -31.46 -51.15 -1.35
CA HIS C 310 -31.16 -49.81 -0.88
C HIS C 310 -30.45 -49.00 -1.98
N PHE C 311 -31.00 -47.84 -2.32
CA PHE C 311 -30.53 -47.13 -3.48
C PHE C 311 -29.78 -45.86 -3.14
N HIS C 312 -28.52 -45.79 -3.58
CA HIS C 312 -27.70 -44.61 -3.39
C HIS C 312 -27.32 -44.00 -4.72
N THR C 313 -27.52 -42.70 -4.88
CA THR C 313 -27.08 -42.01 -6.11
C THR C 313 -26.57 -40.59 -5.86
N HIS C 314 -26.16 -39.94 -6.94
CA HIS C 314 -25.61 -38.58 -6.88
C HIS C 314 -26.32 -37.77 -7.93
N ASP C 315 -26.31 -36.46 -7.77
CA ASP C 315 -27.22 -35.57 -8.47
C ASP C 315 -26.50 -34.67 -9.45
N THR C 316 -25.32 -35.11 -9.87
CA THR C 316 -24.49 -34.39 -10.84
C THR C 316 -25.28 -34.01 -12.08
N SER C 317 -26.25 -34.86 -12.44
CA SER C 317 -27.07 -34.66 -13.64
C SER C 317 -28.12 -33.62 -13.45
N GLY C 318 -28.49 -33.35 -12.21
CA GLY C 318 -29.62 -32.49 -11.93
C GLY C 318 -30.96 -33.17 -12.05
N ILE C 319 -30.95 -34.50 -12.22
CA ILE C 319 -32.18 -35.24 -12.25
C ILE C 319 -32.24 -36.41 -11.29
N ALA C 320 -31.32 -36.54 -10.33
CA ALA C 320 -31.29 -37.78 -9.56
C ALA C 320 -32.51 -37.95 -8.64
N ALA C 321 -33.17 -36.87 -8.24
CA ALA C 321 -34.41 -37.04 -7.45
C ALA C 321 -35.43 -37.84 -8.21
N ALA C 322 -35.53 -37.54 -9.50
CA ALA C 322 -36.51 -38.18 -10.34
C ALA C 322 -36.19 -39.65 -10.35
N THR C 323 -34.91 -39.98 -10.37
CA THR C 323 -34.51 -41.37 -10.31
C THR C 323 -34.89 -41.94 -8.97
N VAL C 324 -34.60 -41.22 -7.90
CA VAL C 324 -34.99 -41.70 -6.55
C VAL C 324 -36.51 -41.96 -6.47
N LEU C 325 -37.32 -41.01 -6.90
CA LEU C 325 -38.75 -41.19 -6.80
C LEU C 325 -39.25 -42.33 -7.65
N ALA C 326 -38.68 -42.50 -8.82
CA ALA C 326 -39.01 -43.70 -9.61
C ALA C 326 -38.62 -44.99 -8.91
N ALA C 327 -37.49 -45.00 -8.19
CA ALA C 327 -37.07 -46.20 -7.47
C ALA C 327 -38.06 -46.54 -6.38
N VAL C 328 -38.51 -45.50 -5.64
CA VAL C 328 -39.55 -45.66 -4.59
C VAL C 328 -40.80 -46.25 -5.19
N GLU C 329 -41.35 -45.56 -6.20
CA GLU C 329 -42.59 -45.95 -6.88
C GLU C 329 -42.58 -47.43 -7.30
N ALA C 330 -41.38 -47.95 -7.58
CA ALA C 330 -41.17 -49.30 -8.04
C ALA C 330 -40.73 -50.23 -6.93
N GLY C 331 -40.84 -49.83 -5.68
CA GLY C 331 -40.69 -50.74 -4.55
C GLY C 331 -39.35 -50.91 -3.84
N VAL C 332 -38.41 -49.98 -4.05
CA VAL C 332 -37.15 -50.02 -3.31
C VAL C 332 -37.43 -49.78 -1.85
N ASP C 333 -36.66 -50.43 -0.98
CA ASP C 333 -36.97 -50.38 0.45
C ASP C 333 -36.35 -49.14 1.16
N ALA C 334 -35.16 -48.74 0.71
CA ALA C 334 -34.45 -47.61 1.32
C ALA C 334 -33.75 -46.85 0.24
N VAL C 335 -33.64 -45.53 0.45
CA VAL C 335 -32.93 -44.63 -0.45
C VAL C 335 -32.13 -43.66 0.38
N ASP C 336 -31.15 -43.04 -0.23
CA ASP C 336 -30.23 -42.12 0.42
C ASP C 336 -30.56 -40.70 -0.02
N ALA C 337 -30.47 -39.74 0.89
CA ALA C 337 -30.60 -38.35 0.50
C ALA C 337 -29.71 -37.50 1.40
N ALA C 338 -29.40 -36.29 0.98
CA ALA C 338 -28.65 -35.38 1.81
C ALA C 338 -29.48 -34.20 2.16
N MET C 339 -29.17 -33.61 3.30
CA MET C 339 -29.90 -32.44 3.77
C MET C 339 -29.80 -31.36 2.72
N ASP C 340 -30.85 -30.58 2.65
CA ASP C 340 -30.99 -29.61 1.58
C ASP C 340 -29.69 -28.81 1.39
N ALA C 341 -29.12 -28.29 2.48
CA ALA C 341 -28.00 -27.34 2.44
C ALA C 341 -26.66 -27.92 2.03
N LEU C 342 -26.63 -29.25 1.86
CA LEU C 342 -25.51 -30.01 1.31
C LEU C 342 -25.97 -31.04 0.26
N SER C 343 -27.02 -30.67 -0.48
CA SER C 343 -27.52 -31.51 -1.56
C SER C 343 -27.32 -30.89 -2.93
N GLY C 344 -27.63 -31.65 -3.96
CA GLY C 344 -27.58 -31.14 -5.32
C GLY C 344 -26.20 -31.35 -5.91
N ASN C 345 -26.08 -31.10 -7.22
CA ASN C 345 -24.84 -31.30 -7.92
C ASN C 345 -24.17 -32.64 -7.58
N THR C 346 -22.93 -32.61 -7.09
CA THR C 346 -22.18 -33.85 -6.90
C THR C 346 -22.55 -34.57 -5.62
N SER C 347 -23.41 -33.99 -4.79
CA SER C 347 -23.81 -34.68 -3.57
C SER C 347 -25.03 -35.53 -3.93
N GLN C 348 -25.67 -36.05 -2.90
CA GLN C 348 -26.96 -36.70 -3.05
C GLN C 348 -28.02 -35.67 -3.40
N PRO C 349 -29.20 -36.12 -3.84
CA PRO C 349 -30.25 -35.12 -4.10
C PRO C 349 -30.91 -34.73 -2.81
N CYS C 350 -31.85 -33.82 -2.88
CA CYS C 350 -32.31 -33.05 -1.72
C CYS C 350 -33.33 -33.80 -0.91
N LEU C 351 -32.98 -34.11 0.34
CA LEU C 351 -33.82 -34.88 1.24
C LEU C 351 -35.16 -34.23 1.49
N GLY C 352 -35.13 -32.99 1.93
CA GLY C 352 -36.36 -32.27 2.26
C GLY C 352 -37.37 -32.31 1.15
N SER C 353 -36.91 -32.14 -0.09
CA SER C 353 -37.78 -32.04 -1.25
C SER C 353 -38.28 -33.40 -1.68
N ILE C 354 -37.41 -34.40 -1.63
CA ILE C 354 -37.90 -35.75 -1.79
C ILE C 354 -39.00 -36.17 -0.78
N VAL C 355 -38.72 -35.92 0.50
CA VAL C 355 -39.64 -36.30 1.52
C VAL C 355 -40.90 -35.55 1.22
N GLU C 356 -40.77 -34.35 0.67
CA GLU C 356 -41.96 -33.54 0.44
C GLU C 356 -42.85 -34.13 -0.68
N ALA C 357 -42.24 -34.75 -1.67
CA ALA C 357 -42.93 -35.35 -2.80
C ALA C 357 -43.65 -36.59 -2.40
N LEU C 358 -43.16 -37.23 -1.34
CA LEU C 358 -43.74 -38.49 -0.90
C LEU C 358 -44.77 -38.26 0.17
N SER C 359 -44.83 -37.06 0.69
CA SER C 359 -45.71 -36.77 1.80
C SER C 359 -47.21 -37.04 1.41
N GLY C 360 -47.89 -37.87 2.19
CA GLY C 360 -49.28 -38.23 1.91
C GLY C 360 -49.42 -39.41 0.96
N SER C 361 -48.30 -39.98 0.51
CA SER C 361 -48.35 -41.10 -0.41
C SER C 361 -48.37 -42.41 0.36
N GLU C 362 -48.80 -43.47 -0.31
CA GLU C 362 -48.74 -44.82 0.22
C GLU C 362 -47.41 -45.11 0.89
N ARG C 363 -46.30 -44.63 0.34
CA ARG C 363 -45.01 -44.95 0.95
C ARG C 363 -44.40 -43.75 1.64
N ASP C 364 -45.27 -42.83 2.06
CA ASP C 364 -44.87 -41.69 2.89
C ASP C 364 -43.89 -42.14 3.98
N PRO C 365 -42.71 -41.52 4.06
CA PRO C 365 -41.66 -41.99 5.01
C PRO C 365 -41.78 -41.53 6.46
N GLY C 366 -42.81 -40.73 6.78
CA GLY C 366 -43.11 -40.31 8.17
C GLY C 366 -42.00 -39.51 8.87
N LEU C 367 -41.46 -38.53 8.15
CA LEU C 367 -40.42 -37.68 8.63
C LEU C 367 -40.93 -36.25 8.66
N ASP C 368 -40.80 -35.60 9.80
CA ASP C 368 -41.27 -34.24 9.96
C ASP C 368 -40.43 -33.24 9.11
N PRO C 369 -41.05 -32.65 8.07
CA PRO C 369 -40.32 -31.76 7.16
C PRO C 369 -39.82 -30.53 7.87
N ALA C 370 -40.60 -30.03 8.83
CA ALA C 370 -40.21 -28.78 9.49
C ALA C 370 -38.88 -28.98 10.21
N TRP C 371 -38.68 -30.19 10.72
CA TRP C 371 -37.45 -30.53 11.37
C TRP C 371 -36.33 -30.75 10.41
N ILE C 372 -36.66 -31.41 9.29
CA ILE C 372 -35.73 -31.45 8.17
C ILE C 372 -35.21 -30.01 7.90
N ARG C 373 -36.10 -29.06 7.78
CA ARG C 373 -35.66 -27.74 7.48
C ARG C 373 -34.80 -27.16 8.55
N ARG C 374 -35.20 -27.30 9.82
CA ARG C 374 -34.44 -26.74 10.94
C ARG C 374 -33.06 -27.38 10.88
N ILE C 375 -32.97 -28.67 10.61
CA ILE C 375 -31.67 -29.30 10.64
C ILE C 375 -30.79 -28.84 9.49
N SER C 376 -31.40 -28.65 8.33
CA SER C 376 -30.74 -28.11 7.14
C SER C 376 -30.22 -26.68 7.40
N PHE C 377 -31.00 -25.84 8.08
CA PHE C 377 -30.56 -24.49 8.41
C PHE C 377 -29.27 -24.51 9.21
N TYR C 378 -29.20 -25.45 10.15
CA TYR C 378 -28.00 -25.63 10.94
C TYR C 378 -26.83 -26.01 10.00
N TRP C 379 -27.07 -26.98 9.12
CA TRP C 379 -26.07 -27.38 8.16
C TRP C 379 -25.64 -26.21 7.19
N GLU C 380 -26.56 -25.36 6.76
CA GLU C 380 -26.21 -24.17 6.02
C GLU C 380 -25.23 -23.26 6.78
N ALA C 381 -25.53 -22.99 8.05
CA ALA C 381 -24.66 -22.16 8.87
C ALA C 381 -23.32 -22.84 9.08
N VAL C 382 -23.36 -24.13 9.36
CA VAL C 382 -22.14 -24.92 9.39
C VAL C 382 -21.33 -24.79 8.10
N ARG C 383 -22.00 -24.99 6.97
CA ARG C 383 -21.31 -24.96 5.68
C ARG C 383 -20.58 -23.65 5.38
N ASN C 384 -21.15 -22.52 5.74
CA ASN C 384 -20.49 -21.24 5.47
C ASN C 384 -19.11 -21.13 6.09
N GLN C 385 -18.85 -21.91 7.13
CA GLN C 385 -17.55 -21.92 7.77
C GLN C 385 -16.49 -22.54 6.87
N TYR C 386 -16.92 -23.41 5.95
CA TYR C 386 -16.04 -24.19 5.07
C TYR C 386 -15.87 -23.58 3.67
N ALA C 387 -16.14 -22.27 3.55
CA ALA C 387 -15.93 -21.51 2.30
C ALA C 387 -14.62 -21.77 1.61
N ALA C 388 -13.58 -22.04 2.38
CA ALA C 388 -12.26 -22.39 1.84
C ALA C 388 -12.31 -23.56 0.84
N PHE C 389 -13.29 -24.46 0.98
CA PHE C 389 -13.29 -25.72 0.25
C PHE C 389 -14.47 -25.80 -0.70
N GLU C 390 -15.15 -24.68 -0.95
CA GLU C 390 -16.13 -24.68 -2.04
C GLU C 390 -15.39 -24.81 -3.37
N SER C 391 -15.97 -25.62 -4.23
CA SER C 391 -15.53 -25.80 -5.59
C SER C 391 -16.27 -24.73 -6.34
N ASP C 392 -16.07 -24.68 -7.66
CA ASP C 392 -16.66 -23.63 -8.46
C ASP C 392 -17.77 -24.19 -9.37
N LEU C 393 -18.29 -25.34 -9.02
CA LEU C 393 -19.40 -25.95 -9.75
C LEU C 393 -20.72 -25.16 -9.63
N LYS C 394 -21.33 -24.84 -10.76
CA LYS C 394 -22.48 -23.92 -10.80
C LYS C 394 -23.81 -24.67 -10.81
N GLY C 395 -23.81 -25.83 -11.42
CA GLY C 395 -25.04 -26.56 -11.56
C GLY C 395 -24.94 -27.91 -12.22
N PRO C 396 -26.08 -28.40 -12.69
CA PRO C 396 -26.19 -29.73 -13.25
C PRO C 396 -25.40 -29.86 -14.53
N ALA C 397 -24.96 -31.08 -14.82
CA ALA C 397 -24.18 -31.37 -16.03
C ALA C 397 -24.60 -32.73 -16.62
N SER C 398 -25.11 -32.75 -17.84
CA SER C 398 -25.44 -34.00 -18.48
C SER C 398 -24.17 -34.67 -18.97
N GLU C 399 -23.11 -33.88 -19.09
CA GLU C 399 -21.75 -34.36 -19.40
C GLU C 399 -21.36 -35.61 -18.62
N VAL C 400 -21.90 -35.74 -17.41
CA VAL C 400 -21.70 -36.90 -16.57
C VAL C 400 -22.09 -38.21 -17.27
N TYR C 401 -23.13 -38.19 -18.12
CA TYR C 401 -23.41 -39.38 -18.95
C TYR C 401 -22.27 -39.69 -19.90
N LEU C 402 -21.39 -38.75 -20.14
CA LEU C 402 -20.27 -39.00 -21.04
C LEU C 402 -19.09 -39.57 -20.27
N HIS C 403 -18.72 -38.94 -19.16
CA HIS C 403 -17.48 -39.30 -18.46
C HIS C 403 -17.62 -40.27 -17.31
N GLU C 404 -18.76 -40.29 -16.66
CA GLU C 404 -19.01 -41.28 -15.62
C GLU C 404 -18.00 -41.18 -14.49
N MET C 405 -17.63 -39.96 -14.16
CA MET C 405 -16.78 -39.67 -13.02
C MET C 405 -17.65 -39.72 -11.80
N PRO C 406 -17.27 -40.50 -10.78
CA PRO C 406 -17.95 -40.47 -9.49
C PRO C 406 -18.15 -39.04 -8.99
N GLY C 407 -19.26 -38.77 -8.33
CA GLY C 407 -19.54 -37.44 -7.79
C GLY C 407 -18.56 -36.98 -6.73
N GLY C 408 -18.11 -37.89 -5.89
CA GLY C 408 -17.02 -37.65 -4.94
C GLY C 408 -15.63 -37.43 -5.56
N GLN C 409 -15.41 -37.79 -6.82
CA GLN C 409 -14.10 -37.58 -7.46
C GLN C 409 -14.12 -36.34 -8.31
N PHE C 410 -15.30 -35.91 -8.73
CA PHE C 410 -15.35 -34.95 -9.82
C PHE C 410 -14.45 -33.70 -9.57
N THR C 411 -14.64 -33.09 -8.40
CA THR C 411 -13.93 -31.86 -8.07
C THR C 411 -12.44 -32.07 -7.84
N ASN C 412 -12.12 -33.13 -7.13
CA ASN C 412 -10.76 -33.49 -6.83
C ASN C 412 -9.90 -33.62 -8.06
N LEU C 413 -10.43 -34.34 -9.03
CA LEU C 413 -9.79 -34.49 -10.34
C LEU C 413 -9.69 -33.14 -11.03
N LYS C 414 -10.70 -32.30 -10.84
CA LYS C 414 -10.69 -30.94 -11.38
C LYS C 414 -9.56 -30.08 -10.73
N GLU C 415 -9.39 -30.19 -9.41
CA GLU C 415 -8.24 -29.58 -8.72
C GLU C 415 -6.94 -30.19 -9.23
N GLN C 416 -6.85 -31.52 -9.25
CA GLN C 416 -5.66 -32.20 -9.77
C GLN C 416 -5.25 -31.59 -11.13
N ALA C 417 -6.23 -31.40 -12.02
CA ALA C 417 -6.00 -30.87 -13.35
C ALA C 417 -5.58 -29.41 -13.36
N ARG C 418 -6.13 -28.59 -12.46
CA ARG C 418 -5.63 -27.21 -12.29
C ARG C 418 -4.15 -27.25 -11.93
N SER C 419 -3.85 -28.03 -10.88
CA SER C 419 -2.50 -28.28 -10.36
C SER C 419 -1.49 -28.67 -11.44
N LEU C 420 -1.96 -29.33 -12.50
CA LEU C 420 -1.12 -29.65 -13.66
C LEU C 420 -1.24 -28.60 -14.80
N GLY C 421 -1.84 -27.45 -14.50
CA GLY C 421 -1.96 -26.39 -15.49
C GLY C 421 -2.90 -26.70 -16.64
N LEU C 422 -4.02 -27.35 -16.33
CA LEU C 422 -4.99 -27.80 -17.36
C LEU C 422 -6.46 -27.36 -17.15
N GLU C 423 -6.71 -26.36 -16.27
CA GLU C 423 -8.03 -25.70 -16.12
C GLU C 423 -8.79 -25.51 -17.45
N THR C 424 -8.12 -24.88 -18.40
CA THR C 424 -8.79 -24.47 -19.63
C THR C 424 -9.07 -25.61 -20.59
N ARG C 425 -8.59 -26.81 -20.29
CA ARG C 425 -8.84 -27.94 -21.20
C ARG C 425 -9.75 -28.96 -20.53
N TRP C 426 -10.32 -28.60 -19.38
CA TRP C 426 -11.10 -29.56 -18.56
C TRP C 426 -12.05 -30.47 -19.35
N HIS C 427 -12.56 -30.00 -20.49
CA HIS C 427 -13.48 -30.83 -21.22
C HIS C 427 -12.76 -31.91 -21.98
N GLN C 428 -11.51 -31.62 -22.34
CA GLN C 428 -10.63 -32.61 -22.98
C GLN C 428 -10.35 -33.75 -21.98
N VAL C 429 -9.97 -33.38 -20.76
CA VAL C 429 -9.75 -34.33 -19.66
C VAL C 429 -10.99 -35.18 -19.44
N ALA C 430 -12.17 -34.56 -19.49
CA ALA C 430 -13.40 -35.33 -19.37
C ALA C 430 -13.60 -36.34 -20.49
N GLN C 431 -13.31 -35.93 -21.73
CA GLN C 431 -13.39 -36.86 -22.85
C GLN C 431 -12.31 -37.95 -22.71
N ALA C 432 -11.10 -37.58 -22.30
CA ALA C 432 -10.01 -38.55 -22.12
C ALA C 432 -10.36 -39.61 -21.07
N TYR C 433 -11.08 -39.21 -20.03
CA TYR C 433 -11.51 -40.14 -18.99
C TYR C 433 -12.46 -41.15 -19.62
N ALA C 434 -13.28 -40.67 -20.54
CA ALA C 434 -14.21 -41.52 -21.26
C ALA C 434 -13.49 -42.41 -22.24
N ASP C 435 -12.45 -41.89 -22.89
CA ASP C 435 -11.60 -42.68 -23.79
C ASP C 435 -10.81 -43.75 -23.03
N ALA C 436 -10.24 -43.37 -21.89
CA ALA C 436 -9.45 -44.30 -21.07
C ALA C 436 -10.33 -45.40 -20.50
N ASN C 437 -11.54 -45.05 -20.09
CA ASN C 437 -12.50 -46.07 -19.71
C ASN C 437 -12.66 -47.18 -20.74
N GLN C 438 -12.78 -46.79 -22.00
CA GLN C 438 -13.08 -47.75 -23.06
C GLN C 438 -11.83 -48.60 -23.37
N MET C 439 -10.68 -47.96 -23.26
CA MET C 439 -9.40 -48.61 -23.36
C MET C 439 -9.19 -49.67 -22.27
N PHE C 440 -9.60 -49.39 -21.02
CA PHE C 440 -9.49 -50.42 -19.95
C PHE C 440 -10.48 -51.59 -20.09
N GLY C 441 -11.29 -51.59 -21.15
CA GLY C 441 -12.31 -52.61 -21.39
C GLY C 441 -13.70 -52.21 -20.91
N ASP C 442 -13.95 -50.92 -20.71
CA ASP C 442 -15.25 -50.39 -20.16
C ASP C 442 -15.60 -50.90 -18.76
N ILE C 443 -15.18 -50.16 -17.73
CA ILE C 443 -15.19 -50.69 -16.37
C ILE C 443 -16.01 -49.83 -15.44
N VAL C 444 -16.08 -50.36 -14.23
CA VAL C 444 -16.73 -49.73 -13.10
C VAL C 444 -15.71 -48.77 -12.53
N LYS C 445 -16.08 -47.49 -12.39
CA LYS C 445 -15.16 -46.49 -11.93
C LYS C 445 -15.68 -45.87 -10.64
N VAL C 446 -15.00 -46.24 -9.57
CA VAL C 446 -15.38 -45.91 -8.21
C VAL C 446 -14.12 -46.19 -7.38
N THR C 447 -14.05 -45.67 -6.17
CA THR C 447 -12.76 -45.64 -5.51
C THR C 447 -12.34 -47.04 -5.17
N PRO C 448 -11.13 -47.46 -5.58
CA PRO C 448 -10.04 -46.75 -6.25
C PRO C 448 -9.88 -46.88 -7.76
N SER C 449 -10.73 -47.62 -8.46
CA SER C 449 -10.59 -47.73 -9.93
C SER C 449 -10.75 -46.35 -10.58
N SER C 450 -11.71 -45.58 -10.10
CA SER C 450 -11.93 -44.22 -10.60
C SER C 450 -10.67 -43.38 -10.56
N LYS C 451 -9.87 -43.53 -9.50
CA LYS C 451 -8.64 -42.78 -9.27
C LYS C 451 -7.57 -43.11 -10.29
N VAL C 452 -7.53 -44.38 -10.71
CA VAL C 452 -6.55 -44.88 -11.73
C VAL C 452 -6.87 -44.38 -13.14
N VAL C 453 -8.16 -44.30 -13.45
CA VAL C 453 -8.64 -43.79 -14.74
C VAL C 453 -8.37 -42.30 -14.82
N GLY C 454 -8.54 -41.62 -13.70
CA GLY C 454 -8.16 -40.21 -13.59
C GLY C 454 -6.72 -40.03 -14.00
N ASP C 455 -5.81 -40.57 -13.19
CA ASP C 455 -4.38 -40.48 -13.45
C ASP C 455 -4.04 -40.73 -14.92
N MET C 456 -4.69 -41.73 -15.52
CA MET C 456 -4.44 -42.05 -16.92
CA MET C 456 -4.46 -42.06 -16.94
C MET C 456 -4.91 -40.93 -17.85
N ALA C 457 -6.01 -40.29 -17.51
CA ALA C 457 -6.56 -39.24 -18.35
C ALA C 457 -5.72 -38.00 -18.26
N LEU C 458 -5.39 -37.62 -17.02
CA LEU C 458 -4.46 -36.50 -16.77
C LEU C 458 -3.12 -36.67 -17.52
N MET C 459 -2.48 -37.82 -17.38
CA MET C 459 -1.28 -38.08 -18.17
C MET C 459 -1.56 -37.82 -19.66
N MET C 460 -2.66 -38.43 -20.13
CA MET C 460 -3.05 -38.42 -21.55
C MET C 460 -3.12 -36.99 -22.14
N VAL C 461 -3.78 -36.10 -21.41
CA VAL C 461 -3.93 -34.73 -21.88
C VAL C 461 -2.65 -33.90 -21.79
N SER C 462 -1.96 -33.93 -20.63
CA SER C 462 -0.62 -33.29 -20.49
C SER C 462 0.25 -33.64 -21.67
N GLN C 463 0.43 -34.94 -21.86
CA GLN C 463 1.37 -35.43 -22.84
C GLN C 463 0.77 -35.65 -24.25
N ASP C 464 -0.49 -35.22 -24.46
CA ASP C 464 -1.11 -35.12 -25.80
C ASP C 464 -1.18 -36.47 -26.57
N LEU C 465 -1.74 -37.49 -25.91
CA LEU C 465 -1.88 -38.85 -26.48
C LEU C 465 -3.32 -39.26 -26.77
N THR C 466 -3.49 -39.95 -27.91
CA THR C 466 -4.78 -40.51 -28.24
C THR C 466 -4.86 -41.83 -27.54
N VAL C 467 -5.99 -42.51 -27.68
CA VAL C 467 -6.08 -43.87 -27.17
C VAL C 467 -5.05 -44.63 -28.01
N ALA C 468 -5.15 -44.55 -29.33
CA ALA C 468 -4.24 -45.30 -30.24
C ALA C 468 -2.74 -45.12 -29.97
N ASP C 469 -2.33 -44.03 -29.34
CA ASP C 469 -0.93 -43.90 -28.89
C ASP C 469 -0.64 -44.79 -27.69
N VAL C 470 -1.47 -44.71 -26.65
CA VAL C 470 -1.26 -45.58 -25.47
C VAL C 470 -1.14 -47.05 -25.90
N VAL C 471 -2.01 -47.47 -26.82
CA VAL C 471 -1.97 -48.81 -27.43
C VAL C 471 -1.03 -48.95 -28.66
N SER C 472 -0.05 -48.05 -28.80
CA SER C 472 0.90 -48.13 -29.94
C SER C 472 2.14 -48.89 -29.54
N PRO C 473 2.53 -49.92 -30.33
CA PRO C 473 3.92 -50.42 -30.24
C PRO C 473 5.01 -49.31 -30.20
N ASP C 474 5.24 -48.63 -31.32
CA ASP C 474 6.41 -47.72 -31.47
C ASP C 474 6.33 -46.32 -30.78
N ARG C 475 5.50 -46.16 -29.75
CA ARG C 475 5.44 -44.95 -28.90
C ARG C 475 5.52 -45.35 -27.42
N GLU C 476 6.70 -45.18 -26.83
CA GLU C 476 6.99 -45.53 -25.42
C GLU C 476 6.32 -44.52 -24.54
N VAL C 477 5.61 -45.00 -23.52
CA VAL C 477 4.86 -44.16 -22.59
C VAL C 477 5.06 -44.62 -21.13
N SER C 478 5.51 -43.70 -20.28
CA SER C 478 5.76 -43.96 -18.85
C SER C 478 4.49 -43.86 -18.00
N PHE C 479 3.76 -44.97 -17.89
CA PHE C 479 2.45 -45.01 -17.20
C PHE C 479 2.50 -44.61 -15.74
N PRO C 480 1.37 -44.12 -15.20
CA PRO C 480 1.32 -43.85 -13.77
C PRO C 480 1.40 -45.12 -12.89
N GLU C 481 2.00 -44.97 -11.70
CA GLU C 481 2.20 -46.07 -10.76
C GLU C 481 0.88 -46.76 -10.46
N SER C 482 -0.22 -46.01 -10.45
CA SER C 482 -1.51 -46.58 -10.10
C SER C 482 -2.08 -47.49 -11.19
N VAL C 483 -1.73 -47.21 -12.46
CA VAL C 483 -2.22 -48.01 -13.59
C VAL C 483 -1.45 -49.31 -13.76
N VAL C 484 -0.14 -49.26 -13.47
CA VAL C 484 0.71 -50.44 -13.46
C VAL C 484 0.15 -51.42 -12.43
N SER C 485 -0.16 -50.86 -11.25
CA SER C 485 -0.74 -51.64 -10.16
C SER C 485 -2.02 -52.33 -10.59
N MET C 486 -2.92 -51.60 -11.26
CA MET C 486 -4.26 -52.14 -11.57
C MET C 486 -4.20 -53.18 -12.63
N LEU C 487 -3.36 -52.97 -13.61
CA LEU C 487 -3.22 -53.95 -14.66
C LEU C 487 -2.45 -55.21 -14.20
N LYS C 488 -1.60 -55.09 -13.17
CA LYS C 488 -0.90 -56.26 -12.57
C LYS C 488 -1.95 -57.13 -11.88
N GLY C 489 -2.96 -56.46 -11.34
CA GLY C 489 -4.09 -57.10 -10.71
C GLY C 489 -4.27 -56.75 -9.24
N ASP C 490 -3.82 -55.58 -8.82
CA ASP C 490 -3.78 -55.23 -7.39
C ASP C 490 -5.09 -54.67 -6.89
N LEU C 491 -6.02 -54.46 -7.81
CA LEU C 491 -7.37 -54.05 -7.49
C LEU C 491 -8.35 -55.17 -7.89
N GLY C 492 -7.84 -56.31 -8.33
CA GLY C 492 -8.68 -57.40 -8.79
C GLY C 492 -8.89 -57.47 -10.30
N GLN C 493 -10.02 -58.07 -10.69
CA GLN C 493 -10.28 -58.43 -12.09
C GLN C 493 -11.66 -57.97 -12.49
N PRO C 494 -11.80 -57.44 -13.70
CA PRO C 494 -13.11 -57.13 -14.27
C PRO C 494 -13.67 -58.31 -15.04
N PRO C 495 -14.98 -58.26 -15.32
CA PRO C 495 -15.67 -59.41 -15.88
C PRO C 495 -14.90 -60.22 -16.92
N SER C 496 -14.18 -59.60 -17.83
CA SER C 496 -13.47 -60.41 -18.88
C SER C 496 -11.95 -60.20 -18.89
N GLY C 497 -11.41 -59.73 -17.77
CA GLY C 497 -9.98 -59.51 -17.64
C GLY C 497 -9.54 -58.19 -18.27
N TRP C 498 -8.24 -57.91 -18.14
CA TRP C 498 -7.70 -56.65 -18.62
C TRP C 498 -7.28 -56.85 -20.04
N PRO C 499 -7.39 -55.83 -20.90
CA PRO C 499 -6.93 -55.99 -22.32
C PRO C 499 -5.43 -56.35 -22.47
N GLU C 500 -5.12 -57.32 -23.32
CA GLU C 500 -3.78 -57.93 -23.37
C GLU C 500 -2.67 -56.89 -23.48
N ALA C 501 -2.65 -56.20 -24.62
CA ALA C 501 -1.57 -55.28 -24.98
C ALA C 501 -1.40 -54.04 -24.05
N LEU C 502 -2.47 -53.52 -23.45
CA LEU C 502 -2.24 -52.47 -22.46
C LEU C 502 -1.35 -53.09 -21.37
N GLN C 503 -1.72 -54.30 -20.96
CA GLN C 503 -1.05 -55.02 -19.87
C GLN C 503 0.42 -55.29 -20.26
N LYS C 504 0.64 -55.85 -21.45
CA LYS C 504 2.03 -56.11 -21.89
C LYS C 504 2.87 -54.82 -21.85
N LYS C 505 2.42 -53.77 -22.57
CA LYS C 505 3.22 -52.54 -22.74
C LYS C 505 3.44 -51.83 -21.42
N ALA C 506 2.54 -52.08 -20.48
CA ALA C 506 2.52 -51.28 -19.26
C ALA C 506 3.37 -51.92 -18.17
N LEU C 507 3.26 -53.23 -18.01
CA LEU C 507 4.00 -53.92 -16.98
C LEU C 507 5.49 -53.99 -17.35
N LYS C 508 5.82 -53.57 -18.58
CA LYS C 508 7.21 -53.40 -19.01
C LYS C 508 8.07 -54.57 -18.51
N GLY C 509 7.52 -55.78 -18.55
CA GLY C 509 8.24 -57.01 -18.15
C GLY C 509 7.65 -57.80 -16.99
N GLU C 510 6.78 -57.21 -16.17
CA GLU C 510 6.27 -57.89 -14.96
C GLU C 510 5.13 -58.87 -15.29
N LYS C 511 5.18 -60.07 -14.71
CA LYS C 511 4.12 -61.05 -14.91
C LYS C 511 2.92 -60.58 -14.08
N PRO C 512 1.72 -60.52 -14.70
CA PRO C 512 0.49 -60.21 -13.97
C PRO C 512 -0.15 -61.46 -13.36
N TYR C 513 -0.88 -61.28 -12.27
CA TYR C 513 -1.69 -62.34 -11.71
C TYR C 513 -3.17 -61.99 -11.86
N THR C 514 -4.02 -63.01 -11.90
CA THR C 514 -5.48 -62.86 -11.97
C THR C 514 -6.19 -63.34 -10.71
N VAL C 515 -5.41 -63.69 -9.68
CA VAL C 515 -6.00 -64.15 -8.44
C VAL C 515 -6.41 -62.95 -7.57
N ARG C 516 -6.99 -63.29 -6.42
CA ARG C 516 -7.41 -62.36 -5.39
C ARG C 516 -6.17 -61.76 -4.69
N PRO C 517 -5.94 -60.45 -4.77
CA PRO C 517 -4.76 -59.88 -4.11
C PRO C 517 -4.46 -60.42 -2.71
N GLY C 518 -5.49 -60.54 -1.87
CA GLY C 518 -5.37 -60.97 -0.49
C GLY C 518 -4.88 -62.40 -0.38
N SER C 519 -5.37 -63.26 -1.28
CA SER C 519 -4.88 -64.61 -1.39
C SER C 519 -3.37 -64.68 -1.55
N LEU C 520 -2.74 -63.59 -2.05
CA LEU C 520 -1.28 -63.50 -2.25
C LEU C 520 -0.53 -62.64 -1.25
N LEU C 521 -1.18 -61.72 -0.57
CA LEU C 521 -0.46 -60.79 0.28
C LEU C 521 -0.07 -61.46 1.57
N LYS C 522 1.21 -61.53 1.88
CA LYS C 522 1.62 -61.97 3.22
C LYS C 522 0.67 -61.33 4.25
N GLU C 523 0.09 -62.19 5.09
CA GLU C 523 -0.81 -61.74 6.17
C GLU C 523 0.02 -60.99 7.19
N ALA C 524 -0.31 -59.72 7.42
CA ALA C 524 0.44 -58.89 8.37
C ALA C 524 0.66 -59.58 9.74
N ASP C 525 1.78 -59.29 10.40
CA ASP C 525 2.04 -59.79 11.77
C ASP C 525 1.65 -58.73 12.82
N LEU C 526 0.50 -58.94 13.46
CA LEU C 526 -0.11 -57.97 14.37
C LEU C 526 0.63 -57.75 15.69
N ASP C 527 0.92 -58.81 16.44
CA ASP C 527 1.71 -58.67 17.69
C ASP C 527 2.95 -57.80 17.44
N ALA C 528 3.63 -58.00 16.32
CA ALA C 528 4.90 -57.29 16.02
C ALA C 528 4.69 -55.82 15.64
N GLU C 529 3.78 -55.61 14.68
CA GLU C 529 3.42 -54.29 14.14
C GLU C 529 2.97 -53.29 15.21
N ARG C 530 2.13 -53.79 16.12
CA ARG C 530 1.81 -53.12 17.38
C ARG C 530 3.06 -52.60 18.07
N LYS C 531 4.05 -53.48 18.26
CA LYS C 531 5.32 -53.08 18.88
C LYS C 531 5.97 -51.97 18.05
N VAL C 532 5.99 -52.14 16.72
CA VAL C 532 6.67 -51.16 15.83
C VAL C 532 6.15 -49.75 16.09
N ILE C 533 4.83 -49.59 15.94
CA ILE C 533 4.20 -48.28 16.13
C ILE C 533 4.32 -47.82 17.58
N GLU C 534 4.12 -48.73 18.54
CA GLU C 534 4.24 -48.39 19.98
C GLU C 534 5.66 -47.94 20.38
N LYS C 535 6.69 -48.50 19.73
CA LYS C 535 8.06 -48.04 19.90
C LYS C 535 8.18 -46.62 19.34
N LYS C 536 7.60 -46.39 18.17
CA LYS C 536 7.73 -45.09 17.50
C LYS C 536 7.06 -43.98 18.32
N LEU C 537 6.08 -44.33 19.15
CA LEU C 537 5.37 -43.34 19.97
C LEU C 537 5.76 -43.32 21.46
N GLU C 538 6.79 -44.09 21.83
CA GLU C 538 7.15 -44.24 23.23
C GLU C 538 5.92 -44.47 24.16
N ARG C 539 4.85 -45.08 23.64
CA ARG C 539 3.62 -45.32 24.43
C ARG C 539 2.77 -46.48 23.92
N GLU C 540 1.97 -47.06 24.81
CA GLU C 540 0.95 -48.01 24.40
C GLU C 540 -0.08 -47.35 23.46
N VAL C 541 -0.76 -48.17 22.67
CA VAL C 541 -1.87 -47.71 21.81
C VAL C 541 -3.22 -48.36 22.15
N SER C 542 -4.25 -48.01 21.41
CA SER C 542 -5.52 -48.68 21.51
C SER C 542 -5.71 -49.57 20.28
N ASP C 543 -6.65 -50.51 20.39
CA ASP C 543 -7.03 -51.34 19.25
C ASP C 543 -7.52 -50.48 18.08
N PHE C 544 -8.23 -49.40 18.41
CA PHE C 544 -8.76 -48.49 17.39
C PHE C 544 -7.61 -47.78 16.72
N GLU C 545 -6.74 -47.18 17.52
CA GLU C 545 -5.54 -46.55 16.99
C GLU C 545 -4.78 -47.55 16.13
N PHE C 546 -4.61 -48.77 16.63
CA PHE C 546 -3.90 -49.79 15.89
C PHE C 546 -4.50 -50.10 14.53
N ALA C 547 -5.83 -50.15 14.47
CA ALA C 547 -6.54 -50.34 13.20
C ALA C 547 -6.22 -49.25 12.20
N SER C 548 -6.09 -48.03 12.72
CA SER C 548 -5.81 -46.85 11.91
C SER C 548 -4.40 -46.92 11.35
N TYR C 549 -3.45 -47.34 12.16
CA TYR C 549 -2.08 -47.49 11.72
C TYR C 549 -1.97 -48.56 10.63
N LEU C 550 -2.72 -49.66 10.78
CA LEU C 550 -2.81 -50.66 9.71
C LEU C 550 -3.42 -50.11 8.43
N MET C 551 -4.31 -49.14 8.55
CA MET C 551 -4.86 -48.55 7.35
C MET C 551 -3.92 -47.52 6.75
N TYR C 552 -3.44 -46.64 7.62
CA TYR C 552 -2.70 -45.47 7.21
C TYR C 552 -1.51 -45.29 8.17
N PRO C 553 -0.42 -46.00 7.95
CA PRO C 553 0.74 -45.90 8.84
C PRO C 553 1.35 -44.49 9.04
N LYS C 554 1.65 -43.76 7.94
CA LYS C 554 2.37 -42.50 8.06
C LYS C 554 1.40 -41.43 8.55
N VAL C 555 0.17 -41.47 8.01
CA VAL C 555 -0.83 -40.48 8.35
C VAL C 555 -1.14 -40.62 9.83
N PHE C 556 -1.38 -41.86 10.26
CA PHE C 556 -1.62 -42.07 11.66
C PHE C 556 -0.43 -41.62 12.53
N THR C 557 0.76 -41.98 12.10
CA THR C 557 1.93 -41.61 12.88
C THR C 557 2.01 -40.07 12.96
N ASP C 558 1.68 -39.40 11.87
CA ASP C 558 1.75 -37.93 11.87
C ASP C 558 0.65 -37.33 12.75
N PHE C 559 -0.57 -37.83 12.63
CA PHE C 559 -1.66 -37.37 13.47
C PHE C 559 -1.40 -37.58 14.97
N ALA C 560 -0.74 -38.69 15.32
CA ALA C 560 -0.44 -38.98 16.72
C ALA C 560 0.53 -37.97 17.29
N LEU C 561 1.54 -37.62 16.51
CA LEU C 561 2.58 -36.69 16.98
C LEU C 561 2.02 -35.29 17.07
N ALA C 562 1.15 -34.95 16.12
CA ALA C 562 0.41 -33.70 16.16
C ALA C 562 -0.47 -33.62 17.41
N SER C 563 -1.16 -34.70 17.76
CA SER C 563 -1.94 -34.69 19.00
C SER C 563 -1.10 -34.46 20.26
N ASP C 564 0.16 -34.88 20.24
CA ASP C 564 0.93 -34.76 21.44
C ASP C 564 1.41 -33.34 21.55
N THR C 565 1.53 -32.65 20.42
CA THR C 565 1.92 -31.25 20.48
C THR C 565 0.72 -30.37 20.82
N TYR C 566 -0.35 -30.53 20.05
CA TYR C 566 -1.41 -29.56 20.01
C TYR C 566 -2.61 -29.89 20.91
N GLY C 567 -2.68 -31.10 21.43
CA GLY C 567 -3.74 -31.42 22.35
C GLY C 567 -4.99 -31.69 21.55
N PRO C 568 -6.14 -31.73 22.21
CA PRO C 568 -7.41 -32.14 21.61
C PRO C 568 -8.09 -31.05 20.75
N VAL C 569 -7.44 -30.70 19.66
CA VAL C 569 -7.94 -29.62 18.81
C VAL C 569 -9.33 -29.87 18.22
N SER C 570 -9.80 -31.11 18.23
CA SER C 570 -11.11 -31.40 17.67
C SER C 570 -12.20 -30.66 18.43
N VAL C 571 -11.92 -30.32 19.68
CA VAL C 571 -12.88 -29.65 20.54
C VAL C 571 -13.06 -28.15 20.24
N LEU C 572 -12.18 -27.58 19.41
CA LEU C 572 -12.28 -26.17 19.05
C LEU C 572 -13.35 -26.03 18.03
N PRO C 573 -14.15 -24.97 18.14
CA PRO C 573 -15.06 -24.67 17.02
C PRO C 573 -14.25 -24.35 15.76
N THR C 574 -14.92 -24.46 14.62
CA THR C 574 -14.26 -24.51 13.29
C THR C 574 -13.50 -23.22 12.89
N PRO C 575 -14.15 -22.07 13.05
CA PRO C 575 -13.38 -20.87 12.75
C PRO C 575 -12.07 -20.85 13.47
N ALA C 576 -12.08 -21.24 14.74
CA ALA C 576 -10.87 -21.13 15.52
C ALA C 576 -9.85 -22.14 15.05
N TYR C 577 -10.34 -23.34 14.71
CA TYR C 577 -9.48 -24.40 14.18
C TYR C 577 -8.76 -23.96 12.93
N PHE C 578 -9.46 -23.29 12.03
CA PHE C 578 -8.85 -22.89 10.76
C PHE C 578 -8.13 -21.57 10.79
N TYR C 579 -8.56 -20.65 11.63
CA TYR C 579 -8.12 -19.24 11.48
C TYR C 579 -7.50 -18.60 12.72
N GLY C 580 -7.48 -19.33 13.84
CA GLY C 580 -6.96 -18.82 15.13
C GLY C 580 -7.92 -17.83 15.77
N LEU C 581 -7.40 -16.79 16.36
CA LEU C 581 -8.25 -15.87 17.06
C LEU C 581 -7.86 -14.48 16.69
N ALA C 582 -8.84 -13.68 16.33
CA ALA C 582 -8.58 -12.30 15.98
C ALA C 582 -8.05 -11.56 17.18
N ASP C 583 -7.45 -10.42 16.96
CA ASP C 583 -6.99 -9.60 18.05
C ASP C 583 -8.13 -9.28 19.00
N GLY C 584 -7.90 -9.42 20.29
CA GLY C 584 -8.92 -9.13 21.31
C GLY C 584 -10.04 -10.15 21.43
N GLU C 585 -10.12 -11.11 20.51
CA GLU C 585 -11.20 -12.09 20.47
C GLU C 585 -11.21 -13.06 21.66
N GLU C 586 -12.44 -13.36 22.12
CA GLU C 586 -12.68 -14.23 23.28
C GLU C 586 -13.23 -15.55 22.77
N LEU C 587 -12.78 -16.64 23.37
CA LEU C 587 -13.25 -17.96 22.94
C LEU C 587 -13.62 -18.85 24.13
N PHE C 588 -14.74 -19.55 24.01
CA PHE C 588 -15.17 -20.55 24.99
C PHE C 588 -14.94 -21.89 24.32
N ALA C 589 -14.11 -22.72 24.94
CA ALA C 589 -13.82 -24.06 24.40
C ALA C 589 -13.95 -25.20 25.44
N ASP C 590 -14.76 -26.19 25.13
CA ASP C 590 -15.01 -27.27 26.06
C ASP C 590 -13.92 -28.30 25.92
N ILE C 591 -12.99 -28.31 26.87
CA ILE C 591 -11.93 -29.31 26.87
C ILE C 591 -12.48 -30.72 27.17
N GLU C 592 -13.25 -30.87 28.24
CA GLU C 592 -13.97 -32.14 28.55
C GLU C 592 -15.43 -31.74 28.55
N LYS C 593 -16.32 -32.67 28.85
CA LYS C 593 -17.72 -32.31 28.95
C LYS C 593 -17.89 -31.31 30.06
N GLY C 594 -17.23 -31.54 31.18
CA GLY C 594 -17.32 -30.61 32.28
C GLY C 594 -16.74 -29.21 32.17
N LYS C 595 -15.52 -29.10 31.64
CA LYS C 595 -14.69 -27.93 31.88
C LYS C 595 -14.58 -26.99 30.70
N THR C 596 -14.93 -25.75 30.91
CA THR C 596 -14.95 -24.81 29.79
C THR C 596 -13.82 -23.80 30.01
N LEU C 597 -12.93 -23.68 29.03
CA LEU C 597 -11.84 -22.71 29.09
C LEU C 597 -12.27 -21.40 28.46
N VAL C 598 -12.10 -20.30 29.15
CA VAL C 598 -12.26 -19.00 28.53
C VAL C 598 -10.88 -18.52 28.09
N ILE C 599 -10.73 -18.34 26.77
CA ILE C 599 -9.48 -17.88 26.15
C ILE C 599 -9.66 -16.58 25.39
N VAL C 600 -8.83 -15.60 25.72
CA VAL C 600 -8.74 -14.32 25.00
C VAL C 600 -7.35 -14.13 24.36
N ASN C 601 -7.36 -13.75 23.09
CA ASN C 601 -6.14 -13.25 22.42
C ASN C 601 -5.95 -11.75 22.65
N GLN C 602 -4.95 -11.40 23.45
CA GLN C 602 -4.80 -10.05 23.92
C GLN C 602 -3.75 -9.26 23.14
N ALA C 603 -2.75 -9.96 22.66
CA ALA C 603 -1.72 -9.31 21.90
C ALA C 603 -0.82 -10.30 21.25
N VAL C 604 -0.16 -9.85 20.20
CA VAL C 604 0.77 -10.67 19.46
C VAL C 604 1.96 -9.82 19.22
N SER C 605 3.12 -10.26 19.66
CA SER C 605 4.36 -9.56 19.39
C SER C 605 4.84 -9.61 17.94
N ALA C 606 5.68 -8.65 17.60
CA ALA C 606 6.53 -8.67 16.41
C ALA C 606 7.39 -9.94 16.43
N THR C 607 8.07 -10.23 15.32
CA THR C 607 8.92 -11.43 15.31
C THR C 607 10.23 -11.07 15.93
N ASP C 608 10.71 -11.91 16.86
CA ASP C 608 11.96 -11.63 17.58
C ASP C 608 13.17 -12.13 16.79
N SER C 609 14.37 -11.89 17.29
CA SER C 609 15.60 -12.30 16.60
C SER C 609 15.76 -13.83 16.44
N GLN C 610 15.22 -14.64 17.36
CA GLN C 610 15.20 -16.12 17.21
C GLN C 610 14.15 -16.64 16.22
N GLY C 611 13.48 -15.73 15.52
CA GLY C 611 12.42 -16.11 14.61
C GLY C 611 11.13 -16.56 15.29
N MET C 612 10.99 -16.31 16.59
CA MET C 612 9.75 -16.67 17.31
C MET C 612 8.78 -15.48 17.48
N VAL C 613 7.52 -15.84 17.75
CA VAL C 613 6.43 -14.90 18.01
C VAL C 613 5.74 -15.34 19.30
N THR C 614 5.51 -14.38 20.19
CA THR C 614 4.88 -14.62 21.47
C THR C 614 3.45 -14.15 21.34
N VAL C 615 2.51 -15.02 21.63
CA VAL C 615 1.11 -14.66 21.77
C VAL C 615 0.70 -14.60 23.24
N PHE C 616 -0.12 -13.61 23.55
CA PHE C 616 -0.45 -13.19 24.90
C PHE C 616 -1.91 -13.47 25.15
N PHE C 617 -2.15 -14.52 25.93
CA PHE C 617 -3.49 -15.03 26.13
C PHE C 617 -3.93 -14.73 27.53
N GLU C 618 -5.23 -14.56 27.70
CA GLU C 618 -5.85 -14.72 29.02
C GLU C 618 -6.56 -16.06 28.99
N LEU C 619 -6.26 -16.91 29.96
CA LEU C 619 -6.91 -18.21 30.15
C LEU C 619 -7.63 -18.25 31.51
N ASN C 620 -8.97 -18.26 31.44
CA ASN C 620 -9.79 -18.09 32.63
C ASN C 620 -9.28 -16.97 33.49
N GLY C 621 -9.11 -15.79 32.93
CA GLY C 621 -8.67 -14.61 33.68
C GLY C 621 -7.19 -14.55 34.06
N GLN C 622 -6.44 -15.61 33.73
CA GLN C 622 -4.97 -15.69 33.99
C GLN C 622 -4.10 -15.50 32.72
N PRO C 623 -3.06 -14.64 32.83
CA PRO C 623 -2.15 -14.32 31.73
C PRO C 623 -1.21 -15.50 31.39
N ARG C 624 -0.97 -15.72 30.10
CA ARG C 624 -0.16 -16.83 29.60
C ARG C 624 0.54 -16.45 28.29
N ARG C 625 1.88 -16.43 28.30
CA ARG C 625 2.74 -16.24 27.13
C ARG C 625 2.92 -17.63 26.46
N ILE C 626 2.53 -17.76 25.20
CA ILE C 626 2.92 -18.89 24.39
C ILE C 626 3.74 -18.46 23.21
N LYS C 627 4.95 -18.99 23.09
CA LYS C 627 5.83 -18.69 21.97
C LYS C 627 5.64 -19.75 20.87
N VAL C 628 5.71 -19.31 19.62
CA VAL C 628 5.57 -20.17 18.46
C VAL C 628 6.38 -19.57 17.35
N PRO C 629 6.79 -20.40 16.39
CA PRO C 629 7.68 -19.88 15.37
C PRO C 629 6.94 -19.11 14.30
N ASP C 630 7.64 -18.12 13.70
CA ASP C 630 7.18 -17.39 12.51
C ASP C 630 7.50 -18.17 11.24
N ARG C 631 6.63 -19.10 10.86
CA ARG C 631 6.82 -19.99 9.68
C ARG C 631 6.86 -19.34 8.29
N ALA C 632 6.58 -18.04 8.19
CA ALA C 632 6.80 -17.21 6.97
C ALA C 632 8.19 -17.41 6.33
N ASP D 36 -18.00 9.04 -36.36
CA ASP D 36 -18.40 9.62 -35.03
C ASP D 36 -19.23 8.60 -34.25
N ARG D 37 -19.89 7.66 -34.93
CA ARG D 37 -20.41 6.46 -34.26
C ARG D 37 -19.25 5.72 -33.58
N ALA D 38 -18.06 5.78 -34.16
CA ALA D 38 -16.85 5.20 -33.54
C ALA D 38 -16.36 6.04 -32.36
N THR D 39 -16.17 7.33 -32.58
CA THR D 39 -15.80 8.28 -31.51
C THR D 39 -16.62 8.01 -30.24
N LYS D 40 -17.93 7.92 -30.41
CA LYS D 40 -18.83 7.69 -29.28
C LYS D 40 -18.46 6.42 -28.49
N LEU D 41 -18.12 5.35 -29.22
CA LEU D 41 -17.67 4.09 -28.59
C LEU D 41 -16.40 4.24 -27.79
N LEU D 42 -15.43 4.94 -28.36
CA LEU D 42 -14.20 5.24 -27.64
C LEU D 42 -14.51 6.02 -26.35
N THR D 43 -15.48 6.93 -26.42
CA THR D 43 -15.89 7.66 -25.24
C THR D 43 -16.43 6.68 -24.19
N TYR D 44 -17.30 5.77 -24.59
CA TYR D 44 -17.79 4.77 -23.63
C TYR D 44 -16.67 3.90 -23.09
N LEU D 45 -15.83 3.42 -23.99
CA LEU D 45 -14.70 2.58 -23.59
C LEU D 45 -13.75 3.30 -22.65
N ALA D 46 -13.52 4.58 -22.89
CA ALA D 46 -12.71 5.35 -21.97
C ALA D 46 -13.45 5.52 -20.63
N ASP D 47 -14.74 5.86 -20.70
CA ASP D 47 -15.52 6.15 -19.50
C ASP D 47 -15.74 4.96 -18.58
N VAL D 48 -15.66 3.75 -19.14
CA VAL D 48 -15.71 2.56 -18.32
C VAL D 48 -14.31 2.05 -17.98
N THR D 49 -13.29 2.36 -18.76
CA THR D 49 -11.92 1.97 -18.41
C THR D 49 -11.44 2.77 -17.19
N VAL D 50 -11.87 4.01 -17.09
CA VAL D 50 -11.39 4.86 -16.02
C VAL D 50 -12.27 4.71 -14.82
N ASN D 51 -13.56 4.87 -15.03
CA ASN D 51 -14.54 4.85 -13.93
C ASN D 51 -15.24 3.51 -13.68
N GLY D 52 -14.96 2.47 -14.47
CA GLY D 52 -15.68 1.19 -14.35
C GLY D 52 -17.19 1.33 -14.54
N HIS D 53 -17.89 0.20 -14.74
CA HIS D 53 -19.35 0.17 -14.86
C HIS D 53 -20.01 0.25 -13.47
N PRO D 54 -21.10 1.05 -13.32
CA PRO D 54 -21.76 1.13 -11.99
C PRO D 54 -22.24 -0.21 -11.45
N GLU D 55 -22.93 -0.99 -12.29
CA GLU D 55 -23.31 -2.36 -11.92
C GLU D 55 -22.19 -3.34 -11.64
N ALA D 56 -20.96 -3.11 -12.08
CA ALA D 56 -19.89 -4.08 -11.76
C ALA D 56 -18.74 -3.56 -10.90
N LYS D 57 -18.48 -2.26 -10.96
CA LYS D 57 -17.38 -1.64 -10.20
C LYS D 57 -17.23 -2.33 -8.80
N ASP D 58 -18.33 -2.64 -8.14
CA ASP D 58 -18.28 -2.99 -6.72
C ASP D 58 -18.35 -4.50 -6.36
N ARG D 59 -18.67 -5.36 -7.34
CA ARG D 59 -18.92 -6.76 -7.07
C ARG D 59 -17.75 -7.64 -7.54
N PRO D 60 -17.88 -9.00 -7.49
CA PRO D 60 -16.73 -9.86 -7.87
C PRO D 60 -16.42 -9.90 -9.36
N LYS D 61 -15.17 -10.21 -9.69
CA LYS D 61 -14.64 -10.08 -11.07
C LYS D 61 -14.34 -11.45 -11.67
N PRO D 62 -14.66 -11.68 -12.94
CA PRO D 62 -14.31 -12.95 -13.59
C PRO D 62 -12.86 -13.23 -13.43
N LEU D 63 -12.49 -14.51 -13.50
CA LEU D 63 -11.08 -14.92 -13.36
C LEU D 63 -10.27 -14.35 -14.54
N GLU D 64 -9.07 -13.82 -14.31
CA GLU D 64 -8.27 -13.21 -15.42
C GLU D 64 -7.82 -14.28 -16.47
N ASN D 65 -7.79 -15.56 -16.03
CA ASN D 65 -7.71 -16.74 -16.91
C ASN D 65 -8.52 -16.62 -18.22
N ARG D 68 -12.42 -16.81 -22.99
CA ARG D 68 -13.04 -16.07 -24.10
C ARG D 68 -13.98 -17.04 -24.91
N PRO D 69 -15.33 -16.89 -24.79
CA PRO D 69 -16.26 -17.88 -25.32
C PRO D 69 -16.16 -18.08 -26.82
N VAL D 70 -16.35 -19.34 -27.23
CA VAL D 70 -16.25 -19.74 -28.60
C VAL D 70 -17.57 -20.31 -29.12
N VAL D 71 -18.06 -19.69 -30.19
CA VAL D 71 -19.21 -20.19 -30.92
C VAL D 71 -18.80 -21.51 -31.59
N PRO D 72 -19.48 -22.61 -31.30
CA PRO D 72 -19.13 -23.81 -32.08
C PRO D 72 -19.70 -23.70 -33.48
N TYR D 73 -18.83 -23.91 -34.49
CA TYR D 73 -19.23 -24.04 -35.93
C TYR D 73 -20.34 -25.08 -36.13
N ASN D 75 -22.03 -28.95 -38.37
CA ASN D 75 -20.87 -28.36 -39.02
C ASN D 75 -21.32 -27.18 -39.85
N GLY D 76 -21.55 -27.42 -41.14
CA GLY D 76 -21.96 -26.37 -42.05
C GLY D 76 -23.23 -26.82 -42.72
N ASN D 77 -23.99 -25.88 -43.29
CA ASN D 77 -25.19 -26.21 -44.05
C ASN D 77 -26.08 -25.00 -44.34
N GLY D 78 -27.30 -25.29 -44.75
CA GLY D 78 -28.38 -24.34 -44.69
C GLY D 78 -29.11 -24.76 -43.44
N VAL D 79 -30.35 -24.32 -43.27
CA VAL D 79 -31.14 -24.71 -42.07
C VAL D 79 -32.42 -25.51 -42.37
N LYS D 80 -32.56 -26.65 -41.71
CA LYS D 80 -33.75 -27.48 -41.86
C LYS D 80 -34.99 -26.67 -41.42
N ASP D 81 -36.00 -26.59 -42.30
CA ASP D 81 -37.29 -26.00 -41.96
C ASP D 81 -37.64 -26.53 -40.58
N GLY D 82 -38.28 -25.68 -39.78
CA GLY D 82 -38.69 -26.06 -38.44
C GLY D 82 -40.03 -25.46 -38.06
N THR D 83 -40.26 -25.31 -36.75
CA THR D 83 -41.55 -24.92 -36.19
C THR D 83 -42.09 -23.60 -36.72
N LYS D 84 -41.18 -22.66 -37.01
CA LYS D 84 -41.50 -21.36 -37.65
C LYS D 84 -42.15 -21.48 -39.03
N GLN D 85 -41.53 -22.25 -39.91
CA GLN D 85 -42.09 -22.56 -41.22
C GLN D 85 -43.45 -23.23 -41.11
N LEU D 86 -43.59 -24.16 -40.14
CA LEU D 86 -44.87 -24.80 -39.86
C LEU D 86 -45.90 -23.79 -39.42
N LEU D 87 -45.52 -22.87 -38.55
CA LEU D 87 -46.48 -21.85 -38.13
C LEU D 87 -46.85 -20.97 -39.32
N ASP D 88 -45.88 -20.67 -40.18
CA ASP D 88 -46.16 -19.87 -41.36
C ASP D 88 -47.06 -20.57 -42.35
N THR D 89 -46.88 -21.88 -42.52
CA THR D 89 -47.82 -22.72 -43.27
C THR D 89 -49.19 -22.80 -42.59
N LEU D 90 -49.23 -23.40 -41.39
CA LEU D 90 -50.50 -23.83 -40.76
C LEU D 90 -51.38 -22.72 -40.15
N GLY D 91 -50.77 -21.64 -39.68
CA GLY D 91 -51.47 -20.70 -38.82
C GLY D 91 -51.57 -21.25 -37.40
N PRO D 92 -51.83 -20.36 -36.43
CA PRO D 92 -51.86 -20.71 -35.00
C PRO D 92 -52.77 -21.89 -34.58
N LYS D 93 -54.07 -21.84 -34.87
CA LYS D 93 -55.02 -22.88 -34.39
C LYS D 93 -54.57 -24.27 -34.84
N LYS D 94 -54.49 -24.47 -36.15
CA LYS D 94 -53.99 -25.72 -36.71
C LYS D 94 -52.55 -26.01 -36.23
N PHE D 95 -51.74 -25.00 -35.92
CA PHE D 95 -50.43 -25.27 -35.33
C PHE D 95 -50.52 -25.87 -33.92
N GLY D 96 -51.44 -25.33 -33.12
CA GLY D 96 -51.71 -25.86 -31.79
C GLY D 96 -52.11 -27.32 -31.90
N GLU D 97 -52.93 -27.65 -32.90
CA GLU D 97 -53.31 -29.04 -33.12
C GLU D 97 -52.11 -29.89 -33.46
N TRP D 98 -51.24 -29.38 -34.33
CA TRP D 98 -50.11 -30.18 -34.74
C TRP D 98 -49.29 -30.58 -33.50
N MET D 99 -49.11 -29.64 -32.59
CA MET D 99 -48.45 -29.91 -31.29
C MET D 99 -49.16 -31.02 -30.57
N ARG D 100 -50.48 -30.94 -30.54
CA ARG D 100 -51.31 -31.85 -29.76
C ARG D 100 -51.05 -33.27 -30.19
N ASN D 101 -51.27 -33.52 -31.47
CA ASN D 101 -51.09 -34.82 -32.10
C ASN D 101 -49.64 -35.31 -32.19
N GLU D 102 -48.70 -34.40 -32.04
CA GLU D 102 -47.30 -34.77 -32.10
C GLU D 102 -46.97 -35.72 -30.91
N LYS D 103 -46.32 -36.84 -31.23
CA LYS D 103 -46.01 -37.87 -30.23
C LYS D 103 -44.72 -37.53 -29.43
N ARG D 104 -43.65 -37.14 -30.08
CA ARG D 104 -42.42 -36.69 -29.36
C ARG D 104 -42.78 -35.51 -28.48
N VAL D 105 -41.98 -35.28 -27.44
CA VAL D 105 -42.24 -34.14 -26.53
C VAL D 105 -41.52 -32.98 -27.16
N LEU D 106 -42.15 -31.81 -27.18
CA LEU D 106 -41.51 -30.64 -27.77
C LEU D 106 -40.81 -29.82 -26.69
N LEU D 107 -39.65 -29.25 -27.00
CA LEU D 107 -38.85 -28.49 -26.02
C LEU D 107 -38.76 -26.99 -26.30
N THR D 108 -38.98 -26.21 -25.26
CA THR D 108 -38.64 -24.81 -25.28
C THR D 108 -37.37 -24.63 -24.46
N ASP D 109 -36.39 -23.90 -25.01
CA ASP D 109 -35.13 -23.56 -24.33
C ASP D 109 -35.32 -22.17 -23.77
N THR D 110 -34.99 -22.01 -22.50
CA THR D 110 -35.25 -20.78 -21.77
C THR D 110 -33.97 -20.06 -21.41
N THR D 111 -32.86 -20.64 -21.83
CA THR D 111 -31.58 -20.09 -21.48
C THR D 111 -31.50 -18.63 -21.77
N MET D 112 -31.97 -18.24 -22.93
CA MET D 112 -31.91 -16.84 -23.39
C MET D 112 -32.78 -15.83 -22.66
N ARG D 113 -33.70 -16.27 -21.80
CA ARG D 113 -34.54 -15.37 -21.04
C ARG D 113 -34.67 -15.79 -19.60
N ASP D 114 -35.49 -16.79 -19.27
CA ASP D 114 -35.78 -17.08 -17.82
C ASP D 114 -34.51 -17.54 -17.10
N GLY D 115 -33.66 -18.29 -17.81
CA GLY D 115 -32.44 -18.84 -17.21
C GLY D 115 -31.46 -17.83 -16.63
N HIS D 116 -31.07 -16.82 -17.39
CA HIS D 116 -30.24 -15.74 -16.85
C HIS D 116 -31.08 -14.77 -16.05
N GLN D 117 -32.40 -14.75 -16.31
CA GLN D 117 -33.27 -13.94 -15.45
C GLN D 117 -33.19 -14.44 -14.03
N SER D 118 -33.16 -15.76 -13.87
CA SER D 118 -33.18 -16.38 -12.56
C SER D 118 -31.84 -16.52 -11.88
N LEU D 119 -30.74 -16.57 -12.60
CA LEU D 119 -29.43 -16.80 -11.97
C LEU D 119 -28.45 -15.67 -12.06
N LEU D 120 -28.64 -14.79 -13.05
CA LEU D 120 -27.78 -13.69 -13.32
C LEU D 120 -28.51 -12.34 -13.35
N ALA D 121 -29.63 -12.21 -12.66
CA ALA D 121 -30.26 -10.88 -12.54
C ALA D 121 -30.62 -10.23 -13.91
N THR D 122 -30.86 -11.07 -14.91
CA THR D 122 -31.22 -10.62 -16.24
C THR D 122 -30.14 -9.82 -16.96
N ARG D 123 -28.87 -10.02 -16.60
CA ARG D 123 -27.75 -9.27 -17.23
C ARG D 123 -27.15 -9.87 -18.51
N MET D 124 -27.67 -10.97 -19.00
CA MET D 124 -27.12 -11.50 -20.21
C MET D 124 -27.26 -10.47 -21.33
N ARG D 125 -26.16 -10.20 -21.99
CA ARG D 125 -26.13 -9.25 -23.08
C ARG D 125 -26.45 -9.83 -24.46
N THR D 126 -26.96 -8.95 -25.32
CA THR D 126 -27.26 -9.26 -26.71
C THR D 126 -26.10 -9.90 -27.43
N TYR D 127 -24.91 -9.37 -27.24
CA TYR D 127 -23.71 -9.88 -27.88
C TYR D 127 -23.57 -11.38 -27.71
N ASP D 128 -23.73 -11.84 -26.48
CA ASP D 128 -23.52 -13.25 -26.22
C ASP D 128 -24.76 -14.01 -26.65
N ILE D 129 -25.93 -13.36 -26.54
CA ILE D 129 -27.17 -14.04 -26.89
C ILE D 129 -27.24 -14.26 -28.38
N ALA D 130 -27.14 -13.19 -29.13
CA ALA D 130 -27.33 -13.24 -30.56
C ALA D 130 -26.36 -14.22 -31.19
N ARG D 131 -25.10 -14.17 -30.77
CA ARG D 131 -24.01 -14.96 -31.36
C ARG D 131 -24.21 -16.44 -31.42
N ILE D 132 -25.12 -16.98 -30.62
CA ILE D 132 -25.37 -18.42 -30.56
C ILE D 132 -26.62 -18.87 -31.31
N ALA D 133 -27.46 -17.90 -31.70
CA ALA D 133 -28.71 -18.20 -32.39
C ALA D 133 -28.53 -19.14 -33.59
N GLY D 134 -27.69 -18.75 -34.54
CA GLY D 134 -27.38 -19.56 -35.71
C GLY D 134 -26.96 -20.98 -35.34
N THR D 135 -26.25 -21.16 -34.22
CA THR D 135 -25.79 -22.48 -33.82
C THR D 135 -27.00 -23.33 -33.43
N TYR D 136 -27.97 -22.71 -32.74
CA TYR D 136 -29.21 -23.39 -32.33
C TYR D 136 -29.99 -23.79 -33.57
N SER D 137 -30.08 -22.82 -34.48
CA SER D 137 -30.78 -23.00 -35.76
C SER D 137 -30.26 -24.20 -36.56
N HIS D 138 -28.94 -24.37 -36.66
CA HIS D 138 -28.36 -25.50 -37.40
C HIS D 138 -28.31 -26.80 -36.64
N ALA D 139 -27.98 -26.71 -35.35
CA ALA D 139 -27.70 -27.89 -34.50
C ALA D 139 -28.94 -28.41 -33.79
N LEU D 140 -29.93 -27.56 -33.50
CA LEU D 140 -31.14 -28.08 -32.85
C LEU D 140 -32.41 -27.69 -33.57
N PRO D 141 -32.51 -28.02 -34.85
CA PRO D 141 -33.64 -27.63 -35.67
C PRO D 141 -35.01 -28.09 -35.16
N ASN D 142 -35.03 -29.20 -34.43
CA ASN D 142 -36.26 -29.77 -33.84
C ASN D 142 -36.87 -29.08 -32.62
N LEU D 143 -36.24 -28.04 -32.11
CA LEU D 143 -36.79 -27.32 -30.94
C LEU D 143 -38.15 -26.68 -31.22
N LEU D 144 -38.98 -26.56 -30.20
CA LEU D 144 -40.26 -25.91 -30.38
C LEU D 144 -40.00 -24.44 -30.54
N SER D 145 -39.24 -23.90 -29.60
CA SER D 145 -39.06 -22.49 -29.52
C SER D 145 -37.84 -22.10 -28.67
N LEU D 146 -37.46 -20.84 -28.83
CA LEU D 146 -36.49 -20.21 -28.00
C LEU D 146 -37.24 -19.14 -27.16
N GLU D 147 -37.24 -19.30 -25.84
CA GLU D 147 -37.73 -18.26 -24.98
C GLU D 147 -36.56 -17.28 -24.83
N CYS D 148 -36.71 -16.11 -25.45
CA CYS D 148 -35.63 -15.17 -25.58
C CYS D 148 -36.05 -13.70 -25.49
N TRP D 149 -37.29 -13.43 -25.09
CA TRP D 149 -37.77 -12.07 -25.00
C TRP D 149 -38.87 -11.96 -23.94
N GLY D 150 -39.33 -10.76 -23.62
CA GLY D 150 -40.33 -10.58 -22.56
C GLY D 150 -39.70 -10.71 -21.19
N GLY D 151 -40.55 -10.85 -20.18
CA GLY D 151 -40.09 -10.92 -18.78
C GLY D 151 -39.38 -9.63 -18.36
N ALA D 152 -38.27 -9.78 -17.63
CA ALA D 152 -37.52 -8.61 -17.19
C ALA D 152 -36.59 -8.11 -18.27
N THR D 153 -36.42 -8.86 -19.37
CA THR D 153 -35.39 -8.47 -20.35
C THR D 153 -35.66 -7.05 -20.86
N PHE D 154 -36.94 -6.72 -21.04
CA PHE D 154 -37.29 -5.46 -21.69
C PHE D 154 -36.75 -4.28 -20.89
N ASP D 155 -37.14 -4.22 -19.62
CA ASP D 155 -36.60 -3.27 -18.65
C ASP D 155 -35.05 -3.29 -18.59
N VAL D 156 -34.52 -4.46 -18.28
CA VAL D 156 -33.12 -4.61 -17.90
C VAL D 156 -32.10 -4.44 -19.04
N SER D 157 -32.51 -4.77 -20.26
CA SER D 157 -31.73 -4.43 -21.47
C SER D 157 -31.42 -2.94 -21.53
N MET D 158 -32.45 -2.11 -21.38
CA MET D 158 -32.29 -0.67 -21.54
C MET D 158 -31.69 -0.06 -20.32
N ARG D 159 -32.20 -0.44 -19.16
CA ARG D 159 -31.92 0.25 -17.91
C ARG D 159 -30.54 -0.08 -17.37
N PHE D 160 -30.14 -1.33 -17.46
CA PHE D 160 -28.87 -1.75 -16.90
C PHE D 160 -27.84 -2.08 -17.96
N LEU D 161 -28.23 -2.62 -19.11
CA LEU D 161 -27.23 -3.02 -20.13
C LEU D 161 -27.00 -2.02 -21.28
N THR D 162 -27.80 -0.97 -21.37
CA THR D 162 -27.58 0.10 -22.34
C THR D 162 -27.71 -0.41 -23.77
N GLU D 163 -28.68 -1.32 -23.97
CA GLU D 163 -28.96 -1.85 -25.31
C GLU D 163 -30.46 -1.99 -25.57
N ASP D 164 -30.75 -2.11 -26.86
CA ASP D 164 -32.11 -2.11 -27.36
C ASP D 164 -32.59 -3.58 -27.41
N PRO D 165 -33.72 -3.87 -26.74
CA PRO D 165 -34.26 -5.23 -26.80
C PRO D 165 -34.82 -5.60 -28.15
N TRP D 166 -35.23 -4.63 -28.94
CA TRP D 166 -35.71 -4.91 -30.28
C TRP D 166 -34.55 -5.32 -31.21
N GLU D 167 -33.47 -4.53 -31.19
CA GLU D 167 -32.19 -4.91 -31.81
C GLU D 167 -31.87 -6.36 -31.47
N ARG D 168 -31.99 -6.68 -30.19
CA ARG D 168 -31.71 -8.01 -29.70
C ARG D 168 -32.66 -9.00 -30.35
N LEU D 169 -33.92 -8.62 -30.48
CA LEU D 169 -34.91 -9.54 -30.99
C LEU D 169 -34.62 -9.83 -32.44
N ALA D 170 -34.55 -8.76 -33.22
CA ALA D 170 -34.21 -8.87 -34.64
C ALA D 170 -33.02 -9.78 -34.86
N LEU D 171 -31.96 -9.60 -34.08
CA LEU D 171 -30.73 -10.35 -34.31
C LEU D 171 -30.95 -11.83 -34.15
N ILE D 172 -31.85 -12.21 -33.26
CA ILE D 172 -32.20 -13.62 -33.06
C ILE D 172 -33.07 -14.14 -34.18
N ARG D 173 -33.98 -13.29 -34.65
CA ARG D 173 -34.78 -13.63 -35.82
C ARG D 173 -33.83 -14.01 -36.96
N GLU D 174 -32.83 -13.17 -37.17
CA GLU D 174 -31.86 -13.33 -38.27
C GLU D 174 -31.04 -14.63 -38.10
N GLY D 175 -30.51 -14.86 -36.91
CA GLY D 175 -29.82 -16.14 -36.62
C GLY D 175 -30.65 -17.42 -36.78
N ALA D 176 -31.90 -17.39 -36.35
CA ALA D 176 -32.69 -18.60 -36.24
C ALA D 176 -34.05 -18.46 -36.93
N PRO D 177 -34.05 -18.33 -38.25
CA PRO D 177 -35.30 -18.25 -39.02
C PRO D 177 -36.08 -19.54 -39.11
N ASN D 178 -35.66 -20.59 -38.42
CA ASN D 178 -36.39 -21.85 -38.43
C ASN D 178 -37.08 -22.19 -37.13
N LEU D 179 -36.77 -21.47 -36.04
CA LEU D 179 -37.38 -21.74 -34.72
C LEU D 179 -38.33 -20.65 -34.29
N LEU D 180 -39.32 -21.01 -33.47
CA LEU D 180 -40.24 -20.00 -32.99
C LEU D 180 -39.52 -19.19 -31.96
N LEU D 181 -39.88 -17.92 -31.89
CA LEU D 181 -39.38 -17.03 -30.88
C LEU D 181 -40.52 -16.74 -29.87
N GLN D 182 -40.22 -17.08 -28.62
CA GLN D 182 -41.17 -17.06 -27.53
C GLN D 182 -40.87 -15.93 -26.56
N MET D 183 -41.90 -15.21 -26.17
CA MET D 183 -41.76 -14.19 -25.16
C MET D 183 -42.68 -14.54 -24.03
N LEU D 184 -42.38 -13.95 -22.89
CA LEU D 184 -43.26 -13.96 -21.74
C LEU D 184 -43.94 -12.60 -21.70
N LEU D 185 -45.26 -12.62 -21.66
CA LEU D 185 -46.02 -11.41 -21.65
C LEU D 185 -46.82 -11.42 -20.38
N ARG D 186 -46.62 -10.40 -19.53
CA ARG D 186 -47.38 -10.29 -18.27
C ARG D 186 -48.80 -9.75 -18.47
N GLY D 187 -49.54 -10.30 -19.43
CA GLY D 187 -50.96 -9.96 -19.64
C GLY D 187 -51.23 -8.48 -19.75
N ALA D 188 -52.03 -7.95 -18.83
CA ALA D 188 -52.34 -6.52 -18.83
C ALA D 188 -51.19 -5.68 -18.27
N ASN D 189 -50.27 -6.33 -17.56
CA ASN D 189 -49.08 -5.65 -17.04
C ASN D 189 -48.03 -5.46 -18.16
N GLY D 190 -48.20 -6.16 -19.29
CA GLY D 190 -47.29 -6.08 -20.43
C GLY D 190 -45.89 -6.58 -20.09
N VAL D 191 -44.89 -5.69 -20.24
CA VAL D 191 -43.53 -5.96 -19.76
C VAL D 191 -43.19 -5.10 -18.57
N GLY D 192 -44.22 -4.41 -18.03
CA GLY D 192 -44.06 -3.51 -16.90
C GLY D 192 -44.56 -4.17 -15.63
N TYR D 193 -44.88 -3.36 -14.62
CA TYR D 193 -45.23 -3.84 -13.26
C TYR D 193 -46.62 -3.39 -12.78
N THR D 194 -47.41 -2.85 -13.69
CA THR D 194 -48.74 -2.35 -13.38
C THR D 194 -49.62 -2.41 -14.62
N ASN D 195 -50.92 -2.50 -14.41
CA ASN D 195 -51.85 -2.51 -15.53
C ASN D 195 -51.80 -1.22 -16.34
N TYR D 196 -51.67 -1.40 -17.66
CA TYR D 196 -51.53 -0.34 -18.67
C TYR D 196 -52.87 -0.19 -19.43
N PRO D 197 -53.07 0.93 -20.14
CA PRO D 197 -54.34 1.04 -20.88
C PRO D 197 -54.52 -0.02 -21.96
N ASP D 198 -55.76 -0.41 -22.22
CA ASP D 198 -56.08 -1.39 -23.28
C ASP D 198 -55.44 -1.11 -24.65
N ASN D 199 -55.64 0.11 -25.15
CA ASN D 199 -55.12 0.49 -26.47
C ASN D 199 -53.59 0.50 -26.51
N VAL D 200 -52.95 0.26 -25.36
CA VAL D 200 -51.50 0.14 -25.26
C VAL D 200 -51.01 -1.31 -25.17
N VAL D 201 -51.73 -2.17 -24.44
CA VAL D 201 -51.46 -3.61 -24.51
C VAL D 201 -51.68 -4.00 -25.97
N LYS D 202 -52.80 -3.54 -26.56
CA LYS D 202 -53.09 -3.77 -27.98
C LYS D 202 -51.90 -3.34 -28.83
N TYR D 203 -51.37 -2.13 -28.58
CA TYR D 203 -50.26 -1.57 -29.35
C TYR D 203 -48.93 -2.33 -29.21
N PHE D 204 -48.58 -2.69 -27.97
CA PHE D 204 -47.29 -3.35 -27.70
C PHE D 204 -47.24 -4.70 -28.40
N VAL D 205 -48.35 -5.41 -28.32
CA VAL D 205 -48.43 -6.74 -28.90
C VAL D 205 -48.35 -6.65 -30.43
N ARG D 206 -48.93 -5.60 -31.03
CA ARG D 206 -48.82 -5.41 -32.47
C ARG D 206 -47.34 -5.30 -32.83
N GLN D 207 -46.60 -4.52 -32.07
CA GLN D 207 -45.16 -4.35 -32.35
C GLN D 207 -44.34 -5.60 -32.08
N ALA D 208 -44.59 -6.26 -30.96
CA ALA D 208 -43.91 -7.53 -30.63
C ALA D 208 -44.01 -8.49 -31.78
N ALA D 209 -45.18 -8.51 -32.44
CA ALA D 209 -45.37 -9.37 -33.61
C ALA D 209 -44.46 -8.96 -34.77
N LYS D 210 -44.53 -7.69 -35.19
CA LYS D 210 -43.72 -7.22 -36.34
C LYS D 210 -42.22 -7.28 -36.01
N GLY D 211 -41.88 -7.38 -34.73
CA GLY D 211 -40.47 -7.46 -34.32
C GLY D 211 -39.82 -8.83 -34.36
N GLY D 212 -40.62 -9.88 -34.61
CA GLY D 212 -40.14 -11.28 -34.71
C GLY D 212 -40.71 -12.29 -33.70
N ILE D 213 -41.55 -11.85 -32.76
CA ILE D 213 -42.09 -12.80 -31.79
C ILE D 213 -43.18 -13.67 -32.42
N ASP D 214 -43.03 -15.00 -32.32
CA ASP D 214 -44.02 -15.92 -32.91
C ASP D 214 -44.99 -16.48 -31.85
N LEU D 215 -44.47 -16.73 -30.65
CA LEU D 215 -45.24 -17.43 -29.62
C LEU D 215 -45.28 -16.58 -28.36
N PHE D 216 -46.48 -16.21 -27.93
CA PHE D 216 -46.66 -15.41 -26.72
C PHE D 216 -47.16 -16.28 -25.61
N ARG D 217 -46.34 -16.51 -24.61
CA ARG D 217 -46.84 -17.08 -23.37
C ARG D 217 -47.36 -15.92 -22.52
N VAL D 218 -48.68 -15.83 -22.43
CA VAL D 218 -49.35 -14.73 -21.74
C VAL D 218 -49.89 -15.23 -20.42
N PHE D 219 -49.68 -14.44 -19.36
CA PHE D 219 -50.19 -14.79 -18.02
C PHE D 219 -50.77 -13.58 -17.30
N ASP D 220 -51.71 -13.80 -16.39
CA ASP D 220 -52.14 -12.78 -15.43
C ASP D 220 -51.75 -13.24 -14.03
N CYS D 221 -51.29 -12.28 -13.23
CA CYS D 221 -50.69 -12.58 -11.93
C CYS D 221 -51.68 -13.02 -10.84
N LEU D 222 -52.97 -13.06 -11.15
CA LEU D 222 -53.99 -13.58 -10.22
C LEU D 222 -54.80 -14.71 -10.86
N ASN D 223 -54.32 -15.18 -12.00
CA ASN D 223 -55.04 -16.14 -12.82
C ASN D 223 -56.43 -15.67 -13.20
N TRP D 224 -56.59 -14.37 -13.44
CA TRP D 224 -57.90 -13.82 -13.70
C TRP D 224 -58.10 -13.60 -15.18
N VAL D 225 -58.84 -14.51 -15.79
CA VAL D 225 -59.01 -14.54 -17.22
C VAL D 225 -59.53 -13.21 -17.76
N GLU D 226 -60.57 -12.64 -17.14
CA GLU D 226 -61.15 -11.37 -17.64
C GLU D 226 -60.08 -10.31 -17.96
N ASN D 227 -58.93 -10.41 -17.29
CA ASN D 227 -57.85 -9.46 -17.50
C ASN D 227 -56.89 -9.93 -18.59
N MET D 228 -57.14 -11.13 -19.13
CA MET D 228 -56.32 -11.72 -20.19
C MET D 228 -56.98 -11.43 -21.56
N ARG D 229 -58.30 -11.30 -21.56
CA ARG D 229 -59.02 -11.27 -22.82
C ARG D 229 -58.45 -10.31 -23.82
N VAL D 230 -58.07 -9.12 -23.36
CA VAL D 230 -57.61 -8.08 -24.28
C VAL D 230 -56.32 -8.52 -24.94
N SER D 231 -55.38 -8.95 -24.11
CA SER D 231 -54.08 -9.44 -24.58
C SER D 231 -54.24 -10.58 -25.57
N MET D 232 -55.04 -11.59 -25.20
CA MET D 232 -55.22 -12.75 -26.08
C MET D 232 -55.79 -12.32 -27.43
N ASP D 233 -56.92 -11.61 -27.38
CA ASP D 233 -57.57 -11.05 -28.57
C ASP D 233 -56.61 -10.21 -29.41
N ALA D 234 -55.69 -9.51 -28.74
CA ALA D 234 -54.67 -8.77 -29.46
C ALA D 234 -53.76 -9.76 -30.18
N ILE D 235 -53.32 -10.79 -29.45
CA ILE D 235 -52.37 -11.80 -29.97
C ILE D 235 -52.96 -12.52 -31.18
N ALA D 236 -54.22 -12.88 -31.07
CA ALA D 236 -54.94 -13.51 -32.14
C ALA D 236 -54.96 -12.61 -33.39
N GLU D 237 -55.40 -11.36 -33.23
CA GLU D 237 -55.55 -10.42 -34.37
C GLU D 237 -54.24 -10.25 -35.17
N GLU D 238 -53.10 -10.39 -34.50
CA GLU D 238 -51.79 -10.35 -35.16
C GLU D 238 -51.40 -11.72 -35.76
N ASN D 239 -52.29 -12.71 -35.61
CA ASN D 239 -52.15 -14.04 -36.24
C ASN D 239 -50.86 -14.73 -35.76
N LYS D 240 -50.71 -14.79 -34.44
CA LYS D 240 -49.56 -15.44 -33.76
C LYS D 240 -50.04 -16.31 -32.59
N LEU D 241 -49.17 -17.15 -32.04
CA LEU D 241 -49.61 -18.12 -31.04
C LEU D 241 -49.92 -17.45 -29.69
N CYS D 242 -51.01 -17.90 -29.08
CA CYS D 242 -51.48 -17.40 -27.82
C CYS D 242 -51.43 -18.55 -26.82
N GLU D 243 -50.27 -18.77 -26.22
CA GLU D 243 -50.14 -19.75 -25.16
C GLU D 243 -50.56 -19.05 -23.86
N ALA D 244 -51.82 -19.26 -23.49
CA ALA D 244 -52.38 -18.62 -22.31
C ALA D 244 -51.98 -19.44 -21.13
N ALA D 245 -51.25 -18.84 -20.21
CA ALA D 245 -50.73 -19.54 -19.05
C ALA D 245 -51.73 -19.60 -17.91
N ILE D 246 -51.65 -20.69 -17.14
CA ILE D 246 -52.30 -20.80 -15.85
C ILE D 246 -51.16 -21.01 -14.83
N CYS D 247 -51.06 -20.07 -13.91
CA CYS D 247 -50.01 -20.06 -12.91
C CYS D 247 -50.29 -21.08 -11.81
N TYR D 248 -49.31 -21.93 -11.51
CA TYR D 248 -49.53 -22.99 -10.51
C TYR D 248 -49.18 -22.51 -9.14
N THR D 249 -50.12 -22.67 -8.19
CA THR D 249 -49.81 -22.47 -6.78
C THR D 249 -50.48 -23.53 -5.92
N GLY D 250 -50.14 -23.55 -4.64
CA GLY D 250 -50.60 -24.60 -3.74
C GLY D 250 -50.14 -26.05 -4.04
N ASP D 251 -50.96 -26.98 -3.61
CA ASP D 251 -50.73 -28.39 -3.78
C ASP D 251 -52.09 -29.03 -4.04
N ILE D 252 -52.32 -29.46 -5.28
CA ILE D 252 -53.61 -30.06 -5.63
C ILE D 252 -53.87 -31.36 -4.86
N LEU D 253 -52.82 -32.07 -4.42
CA LEU D 253 -53.01 -33.34 -3.69
C LEU D 253 -53.16 -33.20 -2.19
N ASN D 254 -53.34 -31.99 -1.70
CA ASN D 254 -53.53 -31.77 -0.27
C ASN D 254 -54.95 -31.32 0.01
N SER D 255 -55.73 -32.22 0.58
CA SER D 255 -57.14 -31.93 0.84
C SER D 255 -57.24 -30.66 1.68
N ALA D 256 -56.29 -30.47 2.60
CA ALA D 256 -56.35 -29.35 3.53
C ALA D 256 -56.06 -27.98 2.90
N ARG D 257 -55.69 -27.95 1.63
CA ARG D 257 -55.59 -26.70 0.92
C ARG D 257 -56.53 -26.74 -0.29
N PRO D 258 -57.84 -26.65 -0.02
CA PRO D 258 -58.81 -26.98 -1.07
C PRO D 258 -59.00 -25.89 -2.14
N LYS D 259 -58.48 -24.70 -1.86
CA LYS D 259 -58.69 -23.55 -2.70
C LYS D 259 -58.20 -23.80 -4.11
N TYR D 260 -56.93 -24.21 -4.20
CA TYR D 260 -56.23 -24.45 -5.46
C TYR D 260 -56.20 -25.93 -5.73
N ASP D 261 -57.37 -26.45 -6.07
CA ASP D 261 -57.60 -27.88 -6.26
C ASP D 261 -57.63 -28.21 -7.74
N LEU D 262 -57.76 -29.48 -8.07
CA LEU D 262 -57.77 -29.86 -9.48
C LEU D 262 -58.86 -29.17 -10.37
N LYS D 263 -60.10 -28.99 -9.92
CA LYS D 263 -61.16 -28.34 -10.79
C LYS D 263 -60.82 -26.88 -11.12
N TYR D 264 -60.08 -26.24 -10.22
CA TYR D 264 -59.65 -24.86 -10.38
C TYR D 264 -58.96 -24.72 -11.72
N TYR D 265 -57.85 -25.47 -11.88
CA TYR D 265 -57.02 -25.49 -13.10
C TYR D 265 -57.79 -26.01 -14.33
N THR D 266 -58.49 -27.14 -14.20
CA THR D 266 -59.27 -27.65 -15.33
C THR D 266 -60.33 -26.68 -15.81
N ASN D 267 -60.93 -25.90 -14.92
CA ASN D 267 -61.94 -24.91 -15.38
C ASN D 267 -61.29 -23.75 -16.11
N LEU D 268 -60.25 -23.20 -15.49
CA LEU D 268 -59.44 -22.15 -16.12
C LEU D 268 -58.91 -22.59 -17.51
N ALA D 269 -58.55 -23.87 -17.64
CA ALA D 269 -58.14 -24.43 -18.91
C ALA D 269 -59.22 -24.28 -19.99
N VAL D 270 -60.42 -24.77 -19.65
CA VAL D 270 -61.57 -24.67 -20.51
C VAL D 270 -61.93 -23.22 -20.71
N GLU D 271 -61.78 -22.38 -19.68
CA GLU D 271 -62.25 -20.99 -19.80
C GLU D 271 -61.38 -20.18 -20.75
N LEU D 272 -60.12 -20.60 -20.87
CA LEU D 272 -59.13 -19.97 -21.77
C LEU D 272 -59.24 -20.46 -23.22
N GLU D 273 -59.64 -21.72 -23.41
CA GLU D 273 -59.98 -22.26 -24.73
C GLU D 273 -61.11 -21.41 -25.31
N LYS D 274 -62.12 -21.14 -24.47
CA LYS D 274 -63.25 -20.25 -24.78
C LYS D 274 -62.79 -18.84 -25.23
N ALA D 275 -61.73 -18.33 -24.60
CA ALA D 275 -61.20 -17.00 -24.89
C ALA D 275 -60.20 -17.00 -26.04
N GLY D 276 -59.98 -18.20 -26.59
CA GLY D 276 -59.30 -18.37 -27.86
C GLY D 276 -57.84 -18.71 -27.71
N ALA D 277 -57.51 -19.50 -26.68
CA ALA D 277 -56.15 -19.97 -26.56
C ALA D 277 -55.84 -20.92 -27.73
N HIS D 278 -54.61 -20.85 -28.24
CA HIS D 278 -54.07 -21.80 -29.20
C HIS D 278 -53.34 -22.89 -28.42
N ILE D 279 -52.71 -22.50 -27.30
CA ILE D 279 -52.04 -23.40 -26.39
C ILE D 279 -52.29 -22.98 -24.95
N ILE D 280 -52.45 -23.97 -24.06
CA ILE D 280 -52.52 -23.73 -22.62
C ILE D 280 -51.20 -24.11 -22.02
N ALA D 281 -50.62 -23.17 -21.28
CA ALA D 281 -49.40 -23.44 -20.57
C ALA D 281 -49.68 -23.51 -19.08
N VAL D 282 -48.96 -24.39 -18.38
CA VAL D 282 -48.91 -24.40 -16.90
C VAL D 282 -47.60 -23.74 -16.46
N KCX D 283 -47.70 -22.53 -15.94
CA KCX D 283 -46.54 -21.79 -15.46
CB KCX D 283 -46.74 -20.31 -15.78
CG KCX D 283 -45.49 -19.45 -15.58
CD KCX D 283 -45.91 -17.97 -15.60
CE KCX D 283 -44.81 -17.06 -15.10
NZ KCX D 283 -43.60 -17.24 -15.89
C KCX D 283 -46.43 -22.00 -13.99
O KCX D 283 -47.22 -21.44 -13.24
CX KCX D 283 -42.48 -17.74 -15.41
OQ1 KCX D 283 -42.31 -18.12 -14.28
OQ2 KCX D 283 -41.43 -17.83 -16.17
N ASP D 284 -45.45 -22.84 -13.61
CA ASP D 284 -45.06 -23.12 -12.23
C ASP D 284 -43.88 -22.22 -11.87
N MET D 285 -44.15 -20.91 -11.73
CA MET D 285 -43.11 -19.88 -11.50
C MET D 285 -42.22 -20.12 -10.31
N ALA D 286 -42.76 -20.77 -9.28
CA ALA D 286 -42.02 -21.11 -8.04
C ALA D 286 -41.56 -22.57 -7.92
N GLY D 287 -41.85 -23.40 -8.91
CA GLY D 287 -41.34 -24.76 -8.89
C GLY D 287 -41.93 -25.58 -7.78
N LEU D 288 -43.27 -25.48 -7.63
CA LEU D 288 -44.03 -26.12 -6.55
C LEU D 288 -44.76 -27.37 -6.96
N LEU D 289 -44.96 -27.57 -8.25
CA LEU D 289 -45.70 -28.76 -8.66
C LEU D 289 -44.79 -29.96 -8.48
N LYS D 290 -45.30 -30.98 -7.78
CA LYS D 290 -44.58 -32.18 -7.41
C LYS D 290 -44.98 -33.30 -8.33
N PRO D 291 -44.11 -34.30 -8.52
CA PRO D 291 -44.31 -35.30 -9.58
C PRO D 291 -45.66 -35.99 -9.58
N ALA D 292 -46.07 -36.52 -8.44
CA ALA D 292 -47.40 -37.13 -8.35
C ALA D 292 -48.48 -36.17 -8.83
N ALA D 293 -48.33 -34.88 -8.52
CA ALA D 293 -49.36 -33.89 -8.88
C ALA D 293 -49.37 -33.65 -10.38
N ALA D 294 -48.18 -33.68 -11.00
CA ALA D 294 -48.06 -33.67 -12.47
C ALA D 294 -48.85 -34.80 -13.15
N LYS D 295 -48.62 -36.05 -12.72
CA LYS D 295 -49.33 -37.21 -13.31
C LYS D 295 -50.82 -36.94 -13.34
N VAL D 296 -51.35 -36.36 -12.26
CA VAL D 296 -52.81 -36.10 -12.22
C VAL D 296 -53.23 -34.86 -13.02
N LEU D 297 -52.45 -33.79 -12.87
CA LEU D 297 -52.80 -32.54 -13.51
C LEU D 297 -52.83 -32.66 -15.05
N PHE D 298 -51.76 -33.21 -15.63
CA PHE D 298 -51.63 -33.25 -17.07
C PHE D 298 -52.52 -34.29 -17.77
N LYS D 299 -52.97 -35.31 -17.04
CA LYS D 299 -53.99 -36.27 -17.52
C LYS D 299 -55.36 -35.57 -17.59
N ALA D 300 -55.76 -35.00 -16.44
CA ALA D 300 -56.97 -34.19 -16.31
C ALA D 300 -57.03 -33.03 -17.30
N LEU D 301 -55.94 -32.26 -17.39
CA LEU D 301 -55.93 -31.12 -18.31
C LEU D 301 -56.16 -31.55 -19.75
N ARG D 302 -55.51 -32.63 -20.21
CA ARG D 302 -55.67 -33.02 -21.62
C ARG D 302 -57.07 -33.52 -21.87
N GLU D 303 -57.67 -34.12 -20.83
CA GLU D 303 -59.06 -34.57 -20.87
C GLU D 303 -60.04 -33.40 -20.81
N ALA D 304 -59.59 -32.25 -20.34
CA ALA D 304 -60.43 -31.05 -20.23
C ALA D 304 -60.52 -30.28 -21.54
N THR D 305 -59.38 -30.08 -22.18
CA THR D 305 -59.30 -29.29 -23.41
C THR D 305 -58.54 -30.05 -24.46
N GLY D 306 -58.97 -29.90 -25.71
CA GLY D 306 -58.24 -30.48 -26.83
C GLY D 306 -56.95 -29.74 -27.13
N LEU D 307 -56.84 -28.51 -26.64
CA LEU D 307 -55.64 -27.69 -26.85
C LEU D 307 -54.42 -28.39 -26.32
N PRO D 308 -53.29 -28.22 -26.97
CA PRO D 308 -52.06 -28.78 -26.43
C PRO D 308 -51.64 -28.05 -25.15
N ILE D 309 -50.89 -28.75 -24.29
CA ILE D 309 -50.43 -28.20 -23.01
C ILE D 309 -48.91 -28.07 -22.97
N HIS D 310 -48.43 -26.98 -22.37
CA HIS D 310 -47.03 -26.62 -22.31
C HIS D 310 -46.62 -26.33 -20.86
N PHE D 311 -45.63 -27.05 -20.34
CA PHE D 311 -45.28 -26.95 -18.93
C PHE D 311 -43.96 -26.19 -18.63
N HIS D 312 -44.06 -25.15 -17.82
CA HIS D 312 -42.93 -24.34 -17.43
C HIS D 312 -42.77 -24.47 -15.91
N THR D 313 -41.56 -24.74 -15.47
CA THR D 313 -41.25 -24.76 -14.05
C THR D 313 -39.81 -24.32 -13.70
N HIS D 314 -39.53 -24.36 -12.39
CA HIS D 314 -38.30 -23.89 -11.79
C HIS D 314 -37.76 -24.93 -10.84
N ASP D 315 -36.47 -24.94 -10.56
CA ASP D 315 -35.84 -26.08 -9.92
C ASP D 315 -35.26 -25.76 -8.55
N THR D 316 -35.92 -24.80 -7.88
CA THR D 316 -35.57 -24.36 -6.54
C THR D 316 -35.58 -25.54 -5.58
N SER D 317 -36.50 -26.48 -5.81
CA SER D 317 -36.64 -27.66 -4.95
C SER D 317 -35.54 -28.67 -5.15
N GLY D 318 -34.97 -28.69 -6.33
CA GLY D 318 -34.01 -29.73 -6.68
C GLY D 318 -34.63 -31.03 -7.16
N ILE D 319 -35.96 -31.03 -7.36
CA ILE D 319 -36.67 -32.14 -7.97
C ILE D 319 -37.56 -31.79 -9.19
N ALA D 320 -37.55 -30.56 -9.65
CA ALA D 320 -38.29 -30.19 -10.84
C ALA D 320 -38.15 -31.14 -12.04
N ALA D 321 -36.95 -31.61 -12.36
CA ALA D 321 -36.79 -32.56 -13.48
C ALA D 321 -37.69 -33.72 -13.31
N ALA D 322 -37.93 -34.12 -12.06
CA ALA D 322 -38.85 -35.24 -11.81
C ALA D 322 -40.24 -34.87 -12.28
N THR D 323 -40.67 -33.67 -11.93
CA THR D 323 -41.98 -33.18 -12.33
C THR D 323 -42.09 -33.03 -13.84
N VAL D 324 -41.04 -32.55 -14.47
CA VAL D 324 -41.03 -32.48 -15.95
C VAL D 324 -41.20 -33.87 -16.55
N LEU D 325 -40.38 -34.84 -16.13
CA LEU D 325 -40.51 -36.22 -16.63
C LEU D 325 -41.87 -36.85 -16.36
N ALA D 326 -42.49 -36.52 -15.22
CA ALA D 326 -43.82 -37.02 -14.92
C ALA D 326 -44.80 -36.38 -15.90
N ALA D 327 -44.69 -35.08 -16.09
CA ALA D 327 -45.55 -34.41 -17.06
C ALA D 327 -45.49 -35.05 -18.50
N VAL D 328 -44.27 -35.33 -18.99
CA VAL D 328 -44.06 -35.99 -20.30
C VAL D 328 -44.79 -37.32 -20.39
N GLU D 329 -44.65 -38.13 -19.34
CA GLU D 329 -45.22 -39.47 -19.27
C GLU D 329 -46.73 -39.36 -19.21
N ALA D 330 -47.25 -38.32 -18.59
CA ALA D 330 -48.70 -38.07 -18.62
C ALA D 330 -49.15 -37.37 -19.92
N GLY D 331 -48.26 -37.26 -20.91
CA GLY D 331 -48.61 -36.81 -22.28
C GLY D 331 -48.61 -35.30 -22.52
N VAL D 332 -47.85 -34.55 -21.73
CA VAL D 332 -47.74 -33.14 -21.94
C VAL D 332 -47.05 -32.91 -23.29
N ASP D 333 -47.48 -31.87 -23.98
CA ASP D 333 -47.14 -31.69 -25.38
C ASP D 333 -45.82 -30.95 -25.49
N ALA D 334 -45.54 -30.04 -24.57
CA ALA D 334 -44.29 -29.30 -24.63
C ALA D 334 -43.79 -28.96 -23.22
N VAL D 335 -42.47 -28.83 -23.08
CA VAL D 335 -41.83 -28.46 -21.80
C VAL D 335 -40.63 -27.54 -21.97
N ASP D 336 -40.38 -26.69 -20.96
CA ASP D 336 -39.30 -25.75 -20.94
C ASP D 336 -38.12 -26.32 -20.17
N ALA D 337 -36.90 -26.18 -20.67
CA ALA D 337 -35.68 -26.47 -19.85
C ALA D 337 -34.61 -25.44 -20.17
N ALA D 338 -33.60 -25.35 -19.32
CA ALA D 338 -32.45 -24.49 -19.56
C ALA D 338 -31.19 -25.29 -19.80
N MET D 339 -30.34 -24.77 -20.66
CA MET D 339 -29.04 -25.39 -20.90
C MET D 339 -28.36 -25.69 -19.57
N ASP D 340 -27.73 -26.86 -19.51
CA ASP D 340 -27.10 -27.35 -18.31
C ASP D 340 -26.47 -26.18 -17.52
N ALA D 341 -25.61 -25.42 -18.22
CA ALA D 341 -24.73 -24.41 -17.62
C ALA D 341 -25.46 -23.17 -17.05
N LEU D 342 -26.73 -23.00 -17.40
CA LEU D 342 -27.61 -22.04 -16.77
C LEU D 342 -28.89 -22.73 -16.19
N SER D 343 -28.72 -23.96 -15.67
CA SER D 343 -29.81 -24.76 -15.16
C SER D 343 -29.70 -25.02 -13.66
N GLY D 344 -30.73 -25.57 -13.05
CA GLY D 344 -30.67 -25.88 -11.64
C GLY D 344 -31.09 -24.70 -10.79
N ASN D 345 -31.39 -24.98 -9.53
CA ASN D 345 -31.72 -23.99 -8.57
C ASN D 345 -32.91 -23.17 -8.99
N THR D 346 -32.77 -21.85 -9.01
CA THR D 346 -33.90 -21.02 -9.30
C THR D 346 -34.22 -20.96 -10.77
N SER D 347 -33.45 -21.67 -11.60
CA SER D 347 -33.68 -21.63 -13.05
C SER D 347 -34.56 -22.82 -13.40
N GLN D 348 -34.59 -23.12 -14.69
CA GLN D 348 -35.22 -24.31 -15.16
C GLN D 348 -34.35 -25.50 -14.82
N PRO D 349 -34.96 -26.68 -14.82
CA PRO D 349 -34.25 -27.92 -14.73
C PRO D 349 -33.40 -28.15 -15.95
N CYS D 350 -32.44 -29.07 -15.84
CA CYS D 350 -31.41 -29.27 -16.82
C CYS D 350 -31.86 -29.89 -18.13
N LEU D 351 -31.64 -29.17 -19.22
CA LEU D 351 -32.14 -29.54 -20.56
C LEU D 351 -31.52 -30.86 -20.99
N GLY D 352 -30.18 -30.90 -20.92
CA GLY D 352 -29.40 -32.02 -21.38
C GLY D 352 -29.71 -33.32 -20.67
N SER D 353 -29.95 -33.22 -19.37
CA SER D 353 -30.28 -34.43 -18.59
C SER D 353 -31.76 -34.86 -18.79
N ILE D 354 -32.67 -33.90 -18.88
CA ILE D 354 -34.03 -34.28 -19.24
C ILE D 354 -34.04 -35.04 -20.57
N VAL D 355 -33.41 -34.46 -21.60
CA VAL D 355 -33.36 -35.08 -22.93
C VAL D 355 -32.69 -36.46 -22.84
N GLU D 356 -31.61 -36.53 -22.07
CA GLU D 356 -30.86 -37.74 -21.98
C GLU D 356 -31.70 -38.78 -21.32
N ALA D 357 -32.63 -38.33 -20.49
CA ALA D 357 -33.54 -39.24 -19.82
C ALA D 357 -34.61 -39.76 -20.74
N LEU D 358 -34.96 -39.01 -21.76
CA LEU D 358 -36.05 -39.43 -22.68
C LEU D 358 -35.53 -40.24 -23.86
N SER D 359 -34.23 -40.15 -24.05
CA SER D 359 -33.52 -40.68 -25.21
C SER D 359 -33.82 -42.14 -25.39
N GLY D 360 -34.29 -42.51 -26.56
CA GLY D 360 -34.72 -43.89 -26.80
C GLY D 360 -36.12 -44.20 -26.30
N SER D 361 -36.88 -43.23 -25.80
CA SER D 361 -38.23 -43.57 -25.37
C SER D 361 -39.26 -43.24 -26.44
N GLU D 362 -40.45 -43.79 -26.31
CA GLU D 362 -41.56 -43.39 -27.15
C GLU D 362 -41.65 -41.89 -27.40
N ARG D 363 -41.40 -41.09 -26.40
CA ARG D 363 -41.64 -39.65 -26.57
C ARG D 363 -40.35 -38.85 -26.77
N ASP D 364 -39.24 -39.54 -26.99
CA ASP D 364 -37.93 -38.96 -27.31
C ASP D 364 -38.04 -37.68 -28.12
N PRO D 365 -37.56 -36.55 -27.60
CA PRO D 365 -37.82 -35.25 -28.21
C PRO D 365 -37.09 -34.99 -29.52
N GLY D 366 -36.10 -35.85 -29.83
CA GLY D 366 -35.34 -35.88 -31.09
C GLY D 366 -34.19 -34.87 -31.18
N LEU D 367 -33.38 -34.74 -30.12
CA LEU D 367 -32.32 -33.72 -30.01
C LEU D 367 -30.94 -34.27 -29.66
N ASP D 368 -29.91 -33.83 -30.39
CA ASP D 368 -28.56 -34.39 -30.29
C ASP D 368 -27.84 -33.96 -28.99
N PRO D 369 -27.50 -34.95 -28.16
CA PRO D 369 -27.03 -34.58 -26.83
C PRO D 369 -25.65 -34.00 -26.88
N ALA D 370 -24.89 -34.38 -27.91
CA ALA D 370 -23.55 -33.84 -28.14
C ALA D 370 -23.60 -32.34 -28.41
N TRP D 371 -24.65 -31.93 -29.11
CA TRP D 371 -24.80 -30.55 -29.51
C TRP D 371 -25.31 -29.71 -28.35
N ILE D 372 -26.26 -30.28 -27.63
CA ILE D 372 -26.73 -29.66 -26.40
C ILE D 372 -25.52 -29.37 -25.54
N ARG D 373 -24.67 -30.39 -25.40
CA ARG D 373 -23.44 -30.24 -24.62
C ARG D 373 -22.48 -29.15 -25.18
N ARG D 374 -22.34 -29.05 -26.50
CA ARG D 374 -21.38 -28.11 -27.07
C ARG D 374 -21.95 -26.70 -26.85
N ILE D 375 -23.27 -26.60 -26.87
CA ILE D 375 -23.89 -25.31 -26.65
C ILE D 375 -23.84 -24.97 -25.17
N SER D 376 -24.00 -25.96 -24.30
CA SER D 376 -23.87 -25.70 -22.89
C SER D 376 -22.44 -25.20 -22.61
N PHE D 377 -21.43 -25.81 -23.24
CA PHE D 377 -20.03 -25.40 -22.98
C PHE D 377 -19.90 -23.96 -23.36
N TYR D 378 -20.58 -23.53 -24.40
CA TYR D 378 -20.57 -22.12 -24.80
C TYR D 378 -21.16 -21.22 -23.69
N TRP D 379 -22.33 -21.58 -23.16
CA TRP D 379 -22.94 -20.76 -22.14
C TRP D 379 -22.12 -20.73 -20.81
N GLU D 380 -21.39 -21.82 -20.56
CA GLU D 380 -20.53 -21.92 -19.38
C GLU D 380 -19.39 -20.92 -19.49
N ALA D 381 -18.87 -20.72 -20.70
CA ALA D 381 -17.83 -19.71 -20.89
C ALA D 381 -18.45 -18.32 -20.82
N VAL D 382 -19.65 -18.18 -21.34
CA VAL D 382 -20.35 -16.93 -21.27
C VAL D 382 -20.70 -16.61 -19.85
N ARG D 383 -21.25 -17.58 -19.13
CA ARG D 383 -21.60 -17.34 -17.76
C ARG D 383 -20.44 -16.75 -16.98
N ASN D 384 -19.26 -17.34 -17.10
CA ASN D 384 -18.11 -16.94 -16.30
C ASN D 384 -17.76 -15.46 -16.33
N GLN D 385 -18.16 -14.82 -17.43
CA GLN D 385 -18.05 -13.37 -17.62
C GLN D 385 -19.02 -12.58 -16.78
N TYR D 386 -20.04 -13.24 -16.20
CA TYR D 386 -21.07 -12.53 -15.46
C TYR D 386 -20.94 -12.79 -13.99
N ALA D 387 -19.70 -13.02 -13.56
CA ALA D 387 -19.41 -13.26 -12.13
C ALA D 387 -20.05 -12.25 -11.20
N ALA D 388 -20.14 -11.02 -11.66
CA ALA D 388 -20.54 -9.97 -10.76
C ALA D 388 -21.98 -10.15 -10.30
N PHE D 389 -22.70 -11.02 -10.97
CA PHE D 389 -24.13 -11.12 -10.77
C PHE D 389 -24.56 -12.48 -10.25
N GLU D 390 -23.60 -13.36 -10.01
CA GLU D 390 -23.84 -14.62 -9.29
C GLU D 390 -24.32 -14.36 -7.86
N SER D 391 -25.44 -14.98 -7.52
CA SER D 391 -25.93 -15.09 -6.13
C SER D 391 -25.04 -15.96 -5.26
N ASP D 392 -25.38 -16.10 -4.01
CA ASP D 392 -24.62 -16.97 -3.14
C ASP D 392 -25.38 -18.30 -2.93
N LEU D 393 -26.38 -18.56 -3.77
CA LEU D 393 -27.23 -19.71 -3.59
C LEU D 393 -26.39 -20.97 -3.81
N LYS D 394 -26.45 -21.94 -2.88
CA LYS D 394 -25.67 -23.19 -2.97
C LYS D 394 -26.40 -24.31 -3.67
N GLY D 395 -27.70 -24.44 -3.49
CA GLY D 395 -28.40 -25.56 -4.06
C GLY D 395 -29.87 -25.64 -3.66
N PRO D 396 -30.42 -26.87 -3.62
CA PRO D 396 -31.85 -27.07 -3.47
C PRO D 396 -32.37 -26.63 -2.16
N ALA D 397 -33.62 -26.19 -2.16
CA ALA D 397 -34.27 -25.79 -0.94
C ALA D 397 -35.73 -26.24 -0.91
N SER D 398 -36.05 -27.19 -0.03
CA SER D 398 -37.44 -27.57 0.17
C SER D 398 -38.21 -26.46 0.89
N GLU D 399 -37.50 -25.50 1.50
CA GLU D 399 -38.12 -24.25 2.00
C GLU D 399 -39.08 -23.59 1.01
N VAL D 400 -38.88 -23.84 -0.30
CA VAL D 400 -39.70 -23.23 -1.32
C VAL D 400 -41.18 -23.59 -1.21
N TYR D 401 -41.47 -24.80 -0.72
CA TYR D 401 -42.87 -25.24 -0.49
C TYR D 401 -43.54 -24.45 0.62
N LEU D 402 -42.74 -23.75 1.40
CA LEU D 402 -43.23 -22.94 2.49
C LEU D 402 -43.50 -21.52 2.05
N HIS D 403 -42.52 -20.88 1.43
CA HIS D 403 -42.65 -19.47 1.09
C HIS D 403 -43.28 -19.18 -0.28
N GLU D 404 -43.11 -20.07 -1.25
CA GLU D 404 -43.70 -19.90 -2.60
C GLU D 404 -43.19 -18.74 -3.48
N MET D 405 -41.91 -18.42 -3.31
CA MET D 405 -41.30 -17.30 -4.00
C MET D 405 -40.98 -17.79 -5.35
N PRO D 406 -41.20 -16.99 -6.38
CA PRO D 406 -40.79 -17.40 -7.73
C PRO D 406 -39.26 -17.43 -7.94
N GLY D 407 -38.79 -18.46 -8.67
CA GLY D 407 -37.36 -18.60 -8.99
C GLY D 407 -36.77 -17.28 -9.41
N GLY D 408 -37.54 -16.55 -10.22
CA GLY D 408 -37.18 -15.20 -10.67
C GLY D 408 -37.00 -14.15 -9.57
N GLN D 409 -37.73 -14.31 -8.48
CA GLN D 409 -37.70 -13.35 -7.36
C GLN D 409 -36.73 -13.73 -6.25
N PHE D 410 -36.54 -15.01 -6.02
CA PHE D 410 -35.84 -15.43 -4.80
C PHE D 410 -34.57 -14.60 -4.48
N THR D 411 -33.68 -14.51 -5.45
CA THR D 411 -32.38 -13.93 -5.23
C THR D 411 -32.43 -12.39 -5.15
N ASN D 412 -33.35 -11.80 -5.90
CA ASN D 412 -33.67 -10.36 -5.84
C ASN D 412 -34.01 -9.95 -4.40
N LEU D 413 -35.00 -10.65 -3.86
CA LEU D 413 -35.55 -10.35 -2.56
C LEU D 413 -34.49 -10.60 -1.51
N LYS D 414 -33.57 -11.51 -1.76
CA LYS D 414 -32.49 -11.79 -0.81
C LYS D 414 -31.49 -10.63 -0.79
N GLU D 415 -31.17 -10.08 -1.97
CA GLU D 415 -30.22 -8.95 -2.03
C GLU D 415 -30.91 -7.67 -1.52
N GLN D 416 -32.22 -7.59 -1.76
CA GLN D 416 -33.02 -6.50 -1.26
C GLN D 416 -33.06 -6.51 0.27
N ALA D 417 -33.18 -7.71 0.83
CA ALA D 417 -33.17 -7.87 2.28
C ALA D 417 -31.75 -7.66 2.80
N ARG D 418 -30.74 -7.97 1.98
CA ARG D 418 -29.36 -7.60 2.31
C ARG D 418 -29.31 -6.08 2.47
N SER D 419 -29.77 -5.34 1.46
CA SER D 419 -29.82 -3.87 1.51
C SER D 419 -30.30 -3.27 2.85
N LEU D 420 -31.44 -3.75 3.34
CA LEU D 420 -32.02 -3.23 4.58
C LEU D 420 -31.43 -3.89 5.83
N GLY D 421 -30.30 -4.59 5.66
CA GLY D 421 -29.58 -5.20 6.78
C GLY D 421 -30.31 -6.36 7.40
N LEU D 422 -30.82 -7.25 6.57
CA LEU D 422 -31.58 -8.38 7.08
C LEU D 422 -30.95 -9.73 6.73
N GLU D 423 -29.75 -9.72 6.15
CA GLU D 423 -29.05 -10.96 5.73
C GLU D 423 -29.22 -12.07 6.78
N THR D 424 -29.06 -11.72 8.06
CA THR D 424 -29.07 -12.71 9.13
C THR D 424 -30.48 -13.14 9.53
N ARG D 425 -31.50 -12.36 9.18
CA ARG D 425 -32.90 -12.76 9.46
C ARG D 425 -33.64 -13.29 8.19
N TRP D 426 -32.91 -13.87 7.23
CA TRP D 426 -33.54 -14.28 5.97
C TRP D 426 -34.61 -15.37 6.12
N HIS D 427 -34.44 -16.31 7.04
CA HIS D 427 -35.45 -17.36 7.19
C HIS D 427 -36.71 -16.78 7.83
N GLN D 428 -36.58 -15.63 8.49
CA GLN D 428 -37.71 -14.99 9.17
C GLN D 428 -38.48 -14.14 8.15
N VAL D 429 -37.82 -13.79 7.05
CA VAL D 429 -38.43 -13.08 5.93
C VAL D 429 -39.18 -14.01 4.99
N ALA D 430 -38.72 -15.25 4.90
CA ALA D 430 -39.44 -16.30 4.18
C ALA D 430 -40.67 -16.73 4.98
N GLN D 431 -40.54 -16.82 6.29
CA GLN D 431 -41.71 -17.05 7.13
C GLN D 431 -42.69 -15.89 6.92
N ALA D 432 -42.16 -14.67 6.85
CA ALA D 432 -42.99 -13.46 6.66
C ALA D 432 -43.76 -13.46 5.34
N TYR D 433 -43.06 -13.78 4.26
CA TYR D 433 -43.66 -13.90 2.92
C TYR D 433 -44.86 -14.85 2.94
N ALA D 434 -44.73 -16.00 3.61
CA ALA D 434 -45.80 -17.02 3.61
C ALA D 434 -47.02 -16.56 4.38
N ASP D 435 -46.79 -15.88 5.50
CA ASP D 435 -47.87 -15.33 6.32
C ASP D 435 -48.58 -14.21 5.60
N ALA D 436 -47.79 -13.33 5.01
CA ALA D 436 -48.35 -12.31 4.16
C ALA D 436 -49.27 -12.95 3.09
N ASN D 437 -48.81 -14.01 2.45
CA ASN D 437 -49.65 -14.69 1.46
C ASN D 437 -51.00 -15.11 2.03
N GLN D 438 -50.98 -15.78 3.19
CA GLN D 438 -52.21 -16.19 3.85
C GLN D 438 -53.05 -14.96 4.17
N MET D 439 -52.36 -13.88 4.54
CA MET D 439 -53.00 -12.61 4.89
C MET D 439 -53.82 -12.03 3.73
N PHE D 440 -53.28 -12.05 2.50
CA PHE D 440 -54.05 -11.63 1.30
C PHE D 440 -55.02 -12.70 0.80
N GLY D 441 -55.30 -13.69 1.66
CA GLY D 441 -56.28 -14.72 1.38
C GLY D 441 -55.74 -15.89 0.62
N ASP D 442 -54.41 -16.08 0.63
CA ASP D 442 -53.74 -17.15 -0.11
C ASP D 442 -53.90 -16.93 -1.63
N ILE D 443 -52.99 -16.14 -2.19
CA ILE D 443 -53.05 -15.72 -3.58
C ILE D 443 -51.94 -16.26 -4.46
N VAL D 444 -52.08 -16.01 -5.77
CA VAL D 444 -51.10 -16.37 -6.79
C VAL D 444 -50.04 -15.27 -6.77
N LYS D 445 -48.79 -15.72 -6.65
CA LYS D 445 -47.67 -14.83 -6.46
C LYS D 445 -46.71 -14.97 -7.64
N VAL D 446 -46.68 -13.91 -8.43
CA VAL D 446 -45.89 -13.87 -9.62
C VAL D 446 -45.87 -12.41 -10.11
N THR D 447 -44.86 -12.06 -10.90
CA THR D 447 -44.70 -10.69 -11.30
C THR D 447 -46.01 -10.14 -11.91
N PRO D 448 -46.59 -9.09 -11.33
CA PRO D 448 -46.12 -8.30 -10.20
C PRO D 448 -46.76 -8.59 -8.84
N SER D 449 -47.73 -9.49 -8.73
CA SER D 449 -48.34 -9.78 -7.40
C SER D 449 -47.28 -10.15 -6.37
N SER D 450 -46.28 -10.91 -6.81
CA SER D 450 -45.14 -11.31 -5.99
C SER D 450 -44.36 -10.16 -5.41
N LYS D 451 -43.91 -9.21 -6.24
CA LYS D 451 -43.17 -8.00 -5.74
C LYS D 451 -43.92 -7.36 -4.57
N VAL D 452 -45.20 -7.06 -4.79
CA VAL D 452 -46.11 -6.61 -3.72
C VAL D 452 -45.93 -7.41 -2.44
N VAL D 453 -46.04 -8.72 -2.55
CA VAL D 453 -45.93 -9.58 -1.38
C VAL D 453 -44.54 -9.46 -0.75
N GLY D 454 -43.51 -9.43 -1.61
CA GLY D 454 -42.15 -9.11 -1.18
C GLY D 454 -42.08 -7.85 -0.33
N ASP D 455 -42.44 -6.71 -0.92
CA ASP D 455 -42.48 -5.43 -0.22
C ASP D 455 -43.18 -5.56 1.15
N MET D 456 -44.31 -6.26 1.20
CA MET D 456 -45.05 -6.39 2.46
CA MET D 456 -45.07 -6.44 2.46
C MET D 456 -44.30 -7.20 3.51
N ALA D 457 -43.59 -8.25 3.08
CA ALA D 457 -42.86 -9.11 4.00
C ALA D 457 -41.59 -8.46 4.56
N LEU D 458 -40.89 -7.73 3.71
CA LEU D 458 -39.66 -7.04 4.13
C LEU D 458 -39.98 -6.05 5.25
N MET D 459 -41.01 -5.23 5.05
CA MET D 459 -41.43 -4.29 6.08
C MET D 459 -41.73 -5.04 7.37
N MET D 460 -42.51 -6.12 7.27
CA MET D 460 -42.91 -6.91 8.45
C MET D 460 -41.72 -7.27 9.33
N VAL D 461 -40.61 -7.66 8.70
CA VAL D 461 -39.35 -7.98 9.40
C VAL D 461 -38.72 -6.69 10.00
N SER D 462 -38.38 -5.70 9.16
CA SER D 462 -37.81 -4.41 9.63
C SER D 462 -38.52 -3.89 10.85
N GLN D 463 -39.84 -3.73 10.72
CA GLN D 463 -40.68 -3.14 11.79
C GLN D 463 -41.09 -4.14 12.88
N ASP D 464 -40.76 -5.42 12.72
CA ASP D 464 -41.21 -6.48 13.66
C ASP D 464 -42.73 -6.44 13.82
N LEU D 465 -43.42 -6.52 12.68
CA LEU D 465 -44.88 -6.45 12.65
C LEU D 465 -45.40 -7.83 12.29
N THR D 466 -46.32 -8.37 13.11
CA THR D 466 -46.98 -9.64 12.77
C THR D 466 -48.19 -9.38 11.87
N VAL D 467 -48.80 -10.45 11.36
CA VAL D 467 -50.02 -10.33 10.57
C VAL D 467 -51.13 -9.76 11.45
N ALA D 468 -51.21 -10.19 12.72
CA ALA D 468 -52.19 -9.61 13.69
C ALA D 468 -51.95 -8.12 13.95
N ASP D 469 -50.68 -7.73 14.04
CA ASP D 469 -50.31 -6.32 14.13
C ASP D 469 -50.68 -5.62 12.84
N VAL D 470 -50.15 -6.12 11.72
CA VAL D 470 -50.52 -5.64 10.39
C VAL D 470 -52.02 -5.79 10.17
N SER D 472 -54.41 -4.95 12.88
CA SER D 472 -54.83 -4.39 14.15
C SER D 472 -55.63 -3.10 13.97
N PRO D 473 -56.67 -2.88 14.79
CA PRO D 473 -57.27 -1.53 14.84
C PRO D 473 -56.30 -0.43 15.32
N ASP D 474 -55.69 -0.63 16.49
CA ASP D 474 -54.82 0.37 17.13
C ASP D 474 -53.30 0.19 16.85
N ARG D 475 -52.88 0.22 15.57
CA ARG D 475 -51.44 0.18 15.20
C ARG D 475 -51.14 0.84 13.82
N GLU D 476 -50.42 1.96 13.82
CA GLU D 476 -50.16 2.73 12.59
C GLU D 476 -49.00 2.16 11.76
N VAL D 477 -49.35 1.49 10.66
CA VAL D 477 -48.40 0.96 9.70
C VAL D 477 -48.54 1.77 8.42
N SER D 478 -47.44 2.36 7.95
CA SER D 478 -47.45 3.15 6.70
C SER D 478 -47.16 2.25 5.52
N PHE D 479 -48.21 1.63 4.99
CA PHE D 479 -48.10 0.55 3.97
C PHE D 479 -47.32 0.95 2.69
N PRO D 480 -46.77 -0.02 1.96
CA PRO D 480 -46.05 0.36 0.74
C PRO D 480 -46.96 0.78 -0.44
N GLU D 481 -46.48 1.75 -1.23
CA GLU D 481 -47.18 2.24 -2.43
C GLU D 481 -47.70 1.13 -3.36
N SER D 482 -47.08 -0.05 -3.30
CA SER D 482 -47.54 -1.23 -4.04
C SER D 482 -48.66 -2.07 -3.35
N VAL D 483 -48.72 -2.02 -2.02
CA VAL D 483 -49.76 -2.74 -1.28
C VAL D 483 -51.09 -1.97 -1.29
N VAL D 484 -51.03 -0.65 -1.20
CA VAL D 484 -52.24 0.19 -1.34
C VAL D 484 -52.76 0.08 -2.79
N SER D 485 -51.85 -0.04 -3.73
CA SER D 485 -52.26 -0.11 -5.12
C SER D 485 -53.02 -1.42 -5.44
N MET D 486 -52.54 -2.56 -4.94
CA MET D 486 -53.12 -3.87 -5.29
C MET D 486 -54.42 -4.11 -4.56
N LEU D 487 -54.48 -3.68 -3.30
CA LEU D 487 -55.69 -3.80 -2.51
C LEU D 487 -56.78 -2.80 -3.02
N LYS D 488 -56.36 -1.79 -3.78
CA LYS D 488 -57.30 -0.83 -4.39
C LYS D 488 -57.96 -1.40 -5.67
N GLY D 489 -57.35 -2.44 -6.24
CA GLY D 489 -57.85 -3.08 -7.47
C GLY D 489 -57.01 -2.98 -8.74
N ASP D 490 -55.74 -2.54 -8.62
CA ASP D 490 -54.92 -2.24 -9.79
C ASP D 490 -54.29 -3.45 -10.49
N LEU D 491 -54.02 -4.51 -9.75
CA LEU D 491 -53.53 -5.73 -10.39
C LEU D 491 -54.70 -6.67 -10.74
N GLY D 492 -55.87 -6.30 -10.23
CA GLY D 492 -57.09 -7.00 -10.53
C GLY D 492 -57.66 -7.68 -9.31
N GLN D 493 -58.46 -8.72 -9.58
CA GLN D 493 -59.26 -9.40 -8.56
C GLN D 493 -58.94 -10.90 -8.54
N PRO D 494 -58.77 -11.46 -7.33
CA PRO D 494 -58.62 -12.90 -7.16
C PRO D 494 -60.00 -13.54 -7.01
N PRO D 495 -60.10 -14.89 -7.06
CA PRO D 495 -61.38 -15.58 -6.98
C PRO D 495 -62.44 -14.89 -6.10
N SER D 496 -62.17 -14.75 -4.80
CA SER D 496 -63.17 -14.28 -3.80
C SER D 496 -63.13 -12.77 -3.51
N GLY D 497 -62.19 -12.06 -4.12
CA GLY D 497 -61.85 -10.69 -3.73
C GLY D 497 -60.76 -10.67 -2.66
N TRP D 498 -60.49 -9.47 -2.15
CA TRP D 498 -59.57 -9.27 -1.03
C TRP D 498 -60.32 -9.30 0.29
N PRO D 499 -59.64 -9.68 1.39
CA PRO D 499 -60.17 -9.59 2.76
C PRO D 499 -60.67 -8.19 3.16
N GLU D 500 -61.89 -8.14 3.72
CA GLU D 500 -62.56 -6.86 4.02
C GLU D 500 -61.65 -5.89 4.76
N ALA D 501 -61.18 -6.32 5.94
CA ALA D 501 -60.45 -5.44 6.86
C ALA D 501 -59.15 -4.87 6.25
N LEU D 502 -58.32 -5.73 5.68
CA LEU D 502 -57.05 -5.27 5.07
C LEU D 502 -57.30 -4.12 4.05
N GLN D 503 -58.17 -4.35 3.05
CA GLN D 503 -58.52 -3.31 2.04
C GLN D 503 -58.94 -1.97 2.68
N LYS D 504 -59.63 -2.03 3.83
CA LYS D 504 -60.14 -0.82 4.54
C LYS D 504 -59.09 -0.13 5.42
N LYS D 505 -58.10 -0.88 5.89
CA LYS D 505 -57.02 -0.27 6.69
C LYS D 505 -56.05 0.37 5.71
N ALA D 506 -55.79 -0.33 4.63
CA ALA D 506 -54.78 0.08 3.68
C ALA D 506 -55.14 1.30 2.83
N LEU D 507 -56.42 1.63 2.75
CA LEU D 507 -56.88 2.72 1.87
C LEU D 507 -56.84 4.10 2.54
N LYS D 508 -57.31 4.18 3.79
CA LYS D 508 -57.24 5.41 4.56
C LYS D 508 -58.33 6.42 4.16
N GLU D 510 -58.07 5.32 -0.88
CA GLU D 510 -59.23 5.86 -1.57
C GLU D 510 -60.49 5.10 -1.15
N LYS D 511 -61.45 5.00 -2.06
CA LYS D 511 -62.48 3.94 -2.06
C LYS D 511 -62.04 2.91 -3.13
N PRO D 512 -62.28 1.60 -2.89
CA PRO D 512 -61.75 0.56 -3.80
C PRO D 512 -62.71 0.17 -4.92
N TYR D 513 -62.21 -0.60 -5.89
CA TYR D 513 -63.03 -1.05 -7.02
C TYR D 513 -62.73 -2.50 -7.41
N THR D 514 -63.74 -3.17 -7.97
CA THR D 514 -63.60 -4.54 -8.44
C THR D 514 -63.59 -4.65 -9.99
N VAL D 515 -63.82 -3.53 -10.69
CA VAL D 515 -63.84 -3.51 -12.15
C VAL D 515 -62.42 -3.79 -12.67
N ARG D 516 -62.33 -3.98 -13.99
CA ARG D 516 -61.08 -4.33 -14.66
C ARG D 516 -60.25 -3.06 -14.86
N PRO D 517 -58.96 -3.07 -14.46
CA PRO D 517 -58.17 -1.82 -14.51
C PRO D 517 -58.12 -1.16 -15.89
N GLY D 518 -58.15 -1.97 -16.95
CA GLY D 518 -58.15 -1.46 -18.32
C GLY D 518 -59.40 -0.66 -18.64
N SER D 519 -60.51 -1.08 -18.05
CA SER D 519 -61.80 -0.43 -18.26
C SER D 519 -61.86 0.99 -17.65
N LEU D 520 -61.39 1.16 -16.42
CA LEU D 520 -61.34 2.49 -15.80
C LEU D 520 -60.18 3.37 -16.35
N LEU D 521 -59.04 2.76 -16.68
CA LEU D 521 -57.90 3.52 -17.20
C LEU D 521 -58.22 4.05 -18.60
N LYS D 522 -58.33 5.37 -18.73
CA LYS D 522 -58.68 6.01 -20.01
C LYS D 522 -57.65 5.66 -21.10
N GLU D 523 -58.12 5.43 -22.32
CA GLU D 523 -57.25 5.09 -23.45
C GLU D 523 -56.35 6.25 -23.88
N ALA D 524 -55.05 6.12 -23.69
CA ALA D 524 -54.06 7.10 -24.16
C ALA D 524 -54.25 7.50 -25.64
N ASP D 525 -54.35 8.80 -25.91
CA ASP D 525 -54.27 9.33 -27.28
C ASP D 525 -52.85 9.06 -27.74
N LEU D 526 -52.68 8.10 -28.64
CA LEU D 526 -51.36 7.69 -29.09
C LEU D 526 -50.68 8.81 -29.89
N ASP D 527 -51.46 9.53 -30.69
CA ASP D 527 -50.93 10.60 -31.52
C ASP D 527 -50.38 11.77 -30.67
N ALA D 528 -50.99 12.04 -29.52
CA ALA D 528 -50.45 13.05 -28.60
C ALA D 528 -49.12 12.60 -27.94
N GLU D 529 -49.14 11.47 -27.23
CA GLU D 529 -47.97 11.00 -26.46
C GLU D 529 -46.70 10.84 -27.30
N ARG D 530 -46.87 10.44 -28.55
CA ARG D 530 -45.75 10.29 -29.49
C ARG D 530 -45.01 11.61 -29.76
N LYS D 531 -45.75 12.72 -29.77
CA LYS D 531 -45.13 14.05 -29.90
C LYS D 531 -44.38 14.47 -28.61
N VAL D 532 -44.85 13.99 -27.44
CA VAL D 532 -44.20 14.31 -26.16
C VAL D 532 -42.77 13.74 -26.06
N ILE D 533 -42.54 12.54 -26.58
CA ILE D 533 -41.20 11.89 -26.55
C ILE D 533 -40.32 12.28 -27.75
N GLU D 534 -40.95 12.69 -28.85
CA GLU D 534 -40.25 13.18 -30.05
C GLU D 534 -39.87 14.66 -29.91
N LYS D 535 -40.58 15.39 -29.05
CA LYS D 535 -40.18 16.74 -28.66
C LYS D 535 -39.00 16.58 -27.70
N LYS D 536 -39.18 15.78 -26.66
CA LYS D 536 -38.07 15.48 -25.77
C LYS D 536 -36.82 15.10 -26.58
N LEU D 537 -36.93 14.06 -27.40
CA LEU D 537 -35.75 13.50 -28.10
C LEU D 537 -35.28 14.30 -29.32
N GLU D 538 -35.96 15.41 -29.63
CA GLU D 538 -35.59 16.29 -30.77
C GLU D 538 -35.35 15.49 -32.05
N ARG D 539 -36.09 14.40 -32.21
CA ARG D 539 -35.89 13.41 -33.28
C ARG D 539 -37.13 12.53 -33.37
N GLU D 540 -37.42 12.06 -34.58
CA GLU D 540 -38.55 11.16 -34.84
C GLU D 540 -38.19 9.71 -34.41
N VAL D 541 -38.89 9.17 -33.42
CA VAL D 541 -38.66 7.78 -32.95
C VAL D 541 -39.46 6.78 -33.82
N SER D 542 -38.96 5.55 -33.96
CA SER D 542 -39.66 4.46 -34.71
C SER D 542 -40.78 3.85 -33.85
N ASP D 543 -41.71 3.11 -34.47
CA ASP D 543 -42.85 2.47 -33.75
C ASP D 543 -42.42 1.53 -32.57
N PHE D 544 -41.30 0.83 -32.77
CA PHE D 544 -40.71 -0.03 -31.76
C PHE D 544 -40.28 0.82 -30.58
N GLU D 545 -39.50 1.85 -30.89
CA GLU D 545 -39.04 2.83 -29.89
C GLU D 545 -40.21 3.50 -29.17
N PHE D 546 -41.30 3.80 -29.89
CA PHE D 546 -42.48 4.42 -29.26
C PHE D 546 -43.19 3.45 -28.32
N ALA D 547 -43.15 2.15 -28.63
CA ALA D 547 -43.66 1.14 -27.71
C ALA D 547 -42.84 1.10 -26.40
N SER D 548 -41.52 1.20 -26.52
CA SER D 548 -40.65 1.20 -25.36
C SER D 548 -41.04 2.31 -24.40
N TYR D 549 -41.20 3.51 -24.95
CA TYR D 549 -41.57 4.73 -24.18
C TYR D 549 -42.91 4.54 -23.51
N LEU D 550 -43.85 3.93 -24.24
CA LEU D 550 -45.15 3.57 -23.66
C LEU D 550 -45.04 2.63 -22.46
N MET D 551 -44.10 1.68 -22.53
CA MET D 551 -43.89 0.73 -21.44
C MET D 551 -43.09 1.36 -20.30
N TYR D 552 -41.99 2.00 -20.68
CA TYR D 552 -40.98 2.46 -19.75
C TYR D 552 -40.59 3.92 -20.09
N PRO D 553 -41.48 4.87 -19.77
CA PRO D 553 -41.25 6.27 -20.17
C PRO D 553 -39.90 6.84 -19.74
N LYS D 554 -39.55 6.67 -18.46
CA LYS D 554 -38.32 7.25 -17.95
C LYS D 554 -37.14 6.40 -18.42
N VAL D 555 -37.21 5.10 -18.26
CA VAL D 555 -36.08 4.23 -18.64
C VAL D 555 -35.66 4.39 -20.10
N PHE D 556 -36.65 4.40 -20.98
CA PHE D 556 -36.37 4.57 -22.40
C PHE D 556 -35.73 5.92 -22.65
N THR D 557 -36.36 6.96 -22.14
CA THR D 557 -35.82 8.28 -22.32
C THR D 557 -34.34 8.29 -21.97
N ASP D 558 -34.00 7.82 -20.77
CA ASP D 558 -32.61 7.85 -20.34
C ASP D 558 -31.76 7.01 -21.28
N PHE D 559 -32.32 5.88 -21.73
CA PHE D 559 -31.63 4.98 -22.66
C PHE D 559 -31.34 5.64 -24.02
N ALA D 560 -32.21 6.53 -24.48
CA ALA D 560 -31.98 7.20 -25.76
C ALA D 560 -30.86 8.20 -25.60
N LEU D 561 -30.90 8.92 -24.49
CA LEU D 561 -29.85 9.87 -24.18
C LEU D 561 -28.51 9.16 -24.15
N ALA D 562 -28.48 7.96 -23.58
CA ALA D 562 -27.24 7.16 -23.51
C ALA D 562 -26.77 6.70 -24.88
N SER D 563 -27.68 6.09 -25.64
CA SER D 563 -27.50 5.85 -27.09
C SER D 563 -26.78 6.99 -27.80
N ASP D 564 -27.32 8.21 -27.70
CA ASP D 564 -26.72 9.35 -28.40
C ASP D 564 -25.28 9.54 -27.92
N THR D 565 -25.06 9.49 -26.60
CA THR D 565 -23.75 9.87 -26.03
C THR D 565 -22.68 8.82 -26.22
N TYR D 566 -23.09 7.55 -26.21
CA TYR D 566 -22.13 6.42 -26.28
C TYR D 566 -22.22 5.52 -27.51
N GLY D 567 -23.35 5.55 -28.21
CA GLY D 567 -23.50 4.82 -29.48
C GLY D 567 -23.94 3.38 -29.32
N PRO D 568 -23.53 2.53 -30.28
CA PRO D 568 -23.96 1.13 -30.28
C PRO D 568 -23.07 0.28 -29.37
N VAL D 569 -23.07 0.58 -28.09
CA VAL D 569 -22.27 -0.19 -27.12
C VAL D 569 -22.68 -1.64 -27.03
N SER D 570 -23.91 -1.91 -27.44
CA SER D 570 -24.39 -3.29 -27.51
C SER D 570 -23.44 -4.19 -28.31
N VAL D 571 -22.72 -3.65 -29.28
CA VAL D 571 -21.81 -4.50 -30.12
C VAL D 571 -20.49 -4.89 -29.43
N LEU D 572 -20.14 -4.25 -28.33
CA LEU D 572 -18.92 -4.61 -27.62
C LEU D 572 -19.03 -5.97 -26.98
N PRO D 573 -17.91 -6.70 -26.86
CA PRO D 573 -17.97 -7.95 -26.13
C PRO D 573 -17.93 -7.67 -24.63
N THR D 574 -18.45 -8.61 -23.86
CA THR D 574 -18.96 -8.35 -22.54
C THR D 574 -17.91 -7.82 -21.57
N PRO D 575 -16.73 -8.45 -21.52
CA PRO D 575 -15.66 -7.94 -20.66
C PRO D 575 -15.46 -6.47 -20.87
N ALA D 576 -15.46 -6.04 -22.12
CA ALA D 576 -15.12 -4.68 -22.42
C ALA D 576 -16.28 -3.76 -22.06
N TYR D 577 -17.51 -4.22 -22.30
CA TYR D 577 -18.66 -3.42 -21.89
C TYR D 577 -18.65 -3.18 -20.36
N PHE D 578 -18.20 -4.16 -19.58
CA PHE D 578 -18.22 -4.06 -18.11
C PHE D 578 -16.92 -3.60 -17.49
N TYR D 579 -15.76 -3.78 -18.12
CA TYR D 579 -14.46 -3.41 -17.48
C TYR D 579 -13.47 -2.64 -18.37
N GLY D 580 -13.93 -2.22 -19.54
CA GLY D 580 -13.08 -1.46 -20.41
C GLY D 580 -11.95 -2.33 -20.96
N LEU D 581 -10.84 -1.67 -21.30
CA LEU D 581 -9.70 -2.34 -21.86
C LEU D 581 -8.54 -2.16 -20.92
N ALA D 582 -7.75 -3.22 -20.76
CA ALA D 582 -6.56 -3.19 -19.94
C ALA D 582 -5.49 -2.47 -20.72
N ASP D 583 -4.38 -2.18 -20.07
CA ASP D 583 -3.33 -1.41 -20.70
C ASP D 583 -2.67 -2.29 -21.76
N GLY D 584 -2.52 -1.77 -22.97
CA GLY D 584 -2.03 -2.57 -24.11
C GLY D 584 -3.03 -3.53 -24.78
N GLU D 585 -4.19 -3.73 -24.17
CA GLU D 585 -5.16 -4.72 -24.67
C GLU D 585 -5.67 -4.30 -26.04
N GLU D 586 -5.73 -5.28 -26.96
CA GLU D 586 -6.24 -5.07 -28.32
C GLU D 586 -7.71 -5.53 -28.37
N LEU D 587 -8.53 -4.81 -29.12
CA LEU D 587 -9.94 -5.16 -29.24
C LEU D 587 -10.41 -5.06 -30.69
N PHE D 588 -11.19 -6.06 -31.09
CA PHE D 588 -11.85 -6.11 -32.39
C PHE D 588 -13.34 -5.95 -32.16
N ALA D 589 -13.93 -4.91 -32.73
CA ALA D 589 -15.38 -4.72 -32.59
C ALA D 589 -16.01 -4.33 -33.92
N ASP D 590 -17.24 -4.78 -34.11
CA ASP D 590 -18.00 -4.53 -35.31
C ASP D 590 -18.97 -3.35 -35.20
N ILE D 591 -18.57 -2.18 -35.68
CA ILE D 591 -19.47 -1.07 -35.69
C ILE D 591 -20.67 -1.36 -36.59
N GLU D 592 -20.40 -1.95 -37.74
CA GLU D 592 -21.40 -2.26 -38.76
C GLU D 592 -21.00 -3.66 -39.16
N LYS D 593 -21.75 -4.32 -40.02
CA LYS D 593 -21.57 -5.80 -40.09
C LYS D 593 -20.56 -6.23 -41.15
N GLY D 594 -20.16 -5.32 -42.02
CA GLY D 594 -18.91 -5.50 -42.78
C GLY D 594 -17.77 -4.94 -41.93
N LYS D 595 -17.86 -3.66 -41.58
CA LYS D 595 -16.84 -2.91 -40.84
C LYS D 595 -16.44 -3.54 -39.48
N THR D 596 -15.17 -3.89 -39.37
CA THR D 596 -14.54 -4.24 -38.11
C THR D 596 -13.54 -3.15 -37.74
N LEU D 597 -13.52 -2.82 -36.44
CA LEU D 597 -12.66 -1.79 -35.85
C LEU D 597 -11.61 -2.39 -34.93
N VAL D 598 -10.37 -1.90 -35.05
CA VAL D 598 -9.26 -2.35 -34.22
C VAL D 598 -8.87 -1.24 -33.24
N ILE D 599 -9.27 -1.44 -31.99
CA ILE D 599 -9.05 -0.50 -30.89
C ILE D 599 -8.03 -1.07 -29.93
N VAL D 600 -6.92 -0.36 -29.77
CA VAL D 600 -5.95 -0.70 -28.77
C VAL D 600 -5.99 0.42 -27.77
N ASN D 601 -5.90 0.07 -26.50
CA ASN D 601 -5.70 1.07 -25.46
C ASN D 601 -4.22 1.07 -25.03
N GLN D 602 -3.47 2.09 -25.44
CA GLN D 602 -2.00 2.13 -25.30
C GLN D 602 -1.53 2.82 -24.01
N ALA D 603 -2.39 3.68 -23.44
CA ALA D 603 -2.09 4.46 -22.22
C ALA D 603 -3.30 5.24 -21.69
N VAL D 604 -3.25 5.54 -20.37
CA VAL D 604 -4.25 6.36 -19.69
C VAL D 604 -3.50 7.39 -18.88
N SER D 605 -3.82 8.68 -19.03
CA SER D 605 -3.10 9.71 -18.25
C SER D 605 -3.61 9.83 -16.81
N ALA D 606 -2.75 10.35 -15.94
CA ALA D 606 -3.16 10.90 -14.64
C ALA D 606 -4.30 11.93 -14.77
N THR D 607 -5.04 12.16 -13.69
CA THR D 607 -6.18 13.12 -13.70
C THR D 607 -5.66 14.53 -13.78
N ASP D 608 -6.13 15.29 -14.77
CA ASP D 608 -5.59 16.62 -15.01
C ASP D 608 -6.13 17.65 -13.98
N SER D 609 -5.80 18.93 -14.15
CA SER D 609 -6.25 19.99 -13.22
C SER D 609 -7.78 20.16 -13.24
N GLN D 610 -8.35 19.98 -14.44
CA GLN D 610 -9.75 20.33 -14.69
C GLN D 610 -10.67 19.13 -14.51
N GLY D 611 -10.20 18.12 -13.77
CA GLY D 611 -11.01 16.93 -13.44
C GLY D 611 -11.07 15.82 -14.49
N MET D 612 -10.47 16.05 -15.65
CA MET D 612 -10.57 15.15 -16.81
C MET D 612 -9.48 14.09 -16.91
N VAL D 613 -9.81 12.96 -17.52
CA VAL D 613 -8.82 11.94 -17.87
C VAL D 613 -8.78 11.66 -19.38
N THR D 614 -7.58 11.55 -19.93
CA THR D 614 -7.39 11.37 -21.36
C THR D 614 -6.90 9.94 -21.63
N VAL D 615 -7.72 9.19 -22.37
CA VAL D 615 -7.38 7.82 -22.79
C VAL D 615 -6.73 7.91 -24.17
N PHE D 616 -5.63 7.20 -24.32
CA PHE D 616 -4.89 7.19 -25.57
C PHE D 616 -5.12 5.87 -26.34
N PHE D 617 -6.10 5.88 -27.24
CA PHE D 617 -6.33 4.78 -28.17
C PHE D 617 -5.49 4.85 -29.47
N GLU D 618 -5.27 3.67 -30.05
CA GLU D 618 -4.91 3.50 -31.45
C GLU D 618 -6.17 2.91 -32.07
N LEU D 619 -6.76 3.61 -33.05
CA LEU D 619 -7.93 3.13 -33.81
C LEU D 619 -7.54 2.93 -35.26
N ASN D 620 -7.63 1.67 -35.70
CA ASN D 620 -7.18 1.26 -37.06
C ASN D 620 -5.83 1.87 -37.39
N GLY D 621 -4.82 1.58 -36.56
CA GLY D 621 -3.49 2.18 -36.65
C GLY D 621 -3.39 3.69 -36.61
N GLN D 622 -4.44 4.40 -36.23
CA GLN D 622 -4.37 5.85 -36.17
C GLN D 622 -4.55 6.29 -34.71
N PRO D 623 -3.74 7.26 -34.26
CA PRO D 623 -3.80 7.71 -32.86
C PRO D 623 -5.10 8.43 -32.52
N ARG D 624 -5.66 8.21 -31.33
CA ARG D 624 -6.86 8.95 -30.91
C ARG D 624 -6.85 9.27 -29.43
N ARG D 625 -7.28 10.49 -29.07
CA ARG D 625 -7.24 11.01 -27.68
C ARG D 625 -8.67 11.30 -27.17
N ILE D 626 -9.09 10.55 -26.15
CA ILE D 626 -10.46 10.70 -25.63
C ILE D 626 -10.45 11.12 -24.16
N LYS D 627 -11.01 12.30 -23.89
CA LYS D 627 -11.05 12.90 -22.55
C LYS D 627 -12.37 12.56 -21.86
N VAL D 628 -12.31 12.00 -20.66
CA VAL D 628 -13.54 11.82 -19.85
C VAL D 628 -13.30 12.18 -18.40
N PRO D 629 -14.38 12.47 -17.65
CA PRO D 629 -14.21 13.02 -16.33
C PRO D 629 -13.89 11.94 -15.33
N ASP D 630 -13.05 12.26 -14.36
CA ASP D 630 -12.86 11.38 -13.21
C ASP D 630 -14.09 11.56 -12.32
N ARG D 631 -14.97 10.57 -12.37
CA ARG D 631 -16.19 10.54 -11.58
C ARG D 631 -15.91 10.17 -10.11
N ALA D 632 -14.69 9.68 -9.82
CA ALA D 632 -14.32 9.31 -8.44
C ALA D 632 -14.18 10.53 -7.52
ZN ZN E . 21.87 35.54 21.07
BR BPV F . 19.83 34.98 21.09
BR BPV F . 15.65 37.12 19.62
C3 BPV F . 18.46 35.11 22.58
C3 BPV F . 16.81 37.25 21.36
C2 BPV F . 17.37 36.16 22.67
C2 BPV F . 16.94 36.08 22.42
O3 BPV F . 17.37 37.25 22.10
O3 BPV F . 17.86 35.25 22.44
C1 BPV F . 16.27 35.76 23.57
C1 BPV F . 16.02 35.82 23.55
O2 BPV F . 16.06 34.54 23.73
O2 BPV F . 15.89 34.63 23.93
O1 BPV F . 15.56 36.60 24.17
O1 BPV F . 15.34 36.67 24.15
CL CL G . 1.23 31.03 30.03
MG MG H . 40.51 41.95 30.80
C1 GOL I . 29.18 28.24 8.13
O1 GOL I . 27.84 28.11 8.64
C2 GOL I . 29.65 29.68 8.43
O2 GOL I . 29.35 30.23 9.73
C3 GOL I . 31.14 29.73 8.25
O3 GOL I . 31.51 28.56 7.53
ZN ZN J . 39.70 25.22 -3.21
C3 BPV K . 41.98 21.53 -4.65
C2 BPV K . 40.94 21.42 -5.75
O3 BPV K . 39.87 22.02 -5.65
C1 BPV K . 41.18 20.62 -6.95
O2 BPV K . 42.38 20.22 -7.12
O1 BPV K . 40.23 20.37 -7.76
CL CL L . 38.97 8.08 -18.77
MG MG M . 46.78 45.72 -5.25
ZN ZN N . -21.64 -41.68 -3.07
C3 BPV O . -16.86 -43.79 -3.78
C2 BPV O . -16.81 -43.19 -2.39
O3 BPV O . -17.65 -42.38 -1.99
C1 BPV O . -15.73 -43.58 -1.51
O2 BPV O . -15.38 -42.84 -0.55
O1 BPV O . -15.17 -44.67 -1.77
CL CL P . -0.24 -43.60 5.35
MG MG Q . -39.83 -52.39 2.16
C1 GOL R . -30.80 -27.91 -8.55
O1 GOL R . -31.83 -28.59 -9.28
C2 GOL R . -29.68 -28.85 -8.19
O2 GOL R . -28.44 -28.22 -8.55
C3 GOL R . -29.91 -30.18 -8.91
O3 GOL R . -28.77 -30.97 -8.63
ZN ZN S . -40.20 -18.73 -15.03
C3 BPV T . -42.43 -14.65 -13.59
C2 BPV T . -41.44 -14.13 -14.62
O3 BPV T . -40.56 -14.91 -14.95
C1 BPV T . -41.60 -12.75 -15.19
O2 BPV T . -40.62 -11.96 -15.45
O1 BPV T . -42.78 -12.35 -15.39
CL CL U . -40.22 4.21 -16.64
MG MG V . -48.16 -34.00 -28.46
#